data_1FBR
# 
_entry.id   1FBR 
# 
_audit_conform.dict_name       mmcif_pdbx.dic 
_audit_conform.dict_version    5.398 
_audit_conform.dict_location   http://mmcif.pdb.org/dictionaries/ascii/mmcif_pdbx.dic 
# 
loop_
_database_2.database_id 
_database_2.database_code 
_database_2.pdbx_database_accession 
_database_2.pdbx_DOI 
PDB   1FBR         pdb_00001fbr 10.2210/pdb1fbr/pdb 
WWPDB D_1000173226 ?            ?                   
# 
loop_
_pdbx_audit_revision_history.ordinal 
_pdbx_audit_revision_history.data_content_type 
_pdbx_audit_revision_history.major_revision 
_pdbx_audit_revision_history.minor_revision 
_pdbx_audit_revision_history.revision_date 
1 'Structure model' 1 0 1995-10-15 
2 'Structure model' 1 1 2008-03-24 
3 'Structure model' 1 2 2011-07-13 
4 'Structure model' 1 3 2022-02-23 
5 'Structure model' 1 4 2024-11-13 
# 
_pdbx_audit_revision_details.ordinal             1 
_pdbx_audit_revision_details.revision_ordinal    1 
_pdbx_audit_revision_details.data_content_type   'Structure model' 
_pdbx_audit_revision_details.provider            repository 
_pdbx_audit_revision_details.type                'Initial release' 
_pdbx_audit_revision_details.description         ? 
_pdbx_audit_revision_details.details             ? 
# 
loop_
_pdbx_audit_revision_group.ordinal 
_pdbx_audit_revision_group.revision_ordinal 
_pdbx_audit_revision_group.data_content_type 
_pdbx_audit_revision_group.group 
1 2 'Structure model' 'Version format compliance' 
2 3 'Structure model' 'Version format compliance' 
3 4 'Structure model' 'Database references'       
4 4 'Structure model' 'Derived calculations'      
5 4 'Structure model' Other                       
6 5 'Structure model' 'Data collection'           
7 5 'Structure model' 'Structure summary'         
# 
loop_
_pdbx_audit_revision_category.ordinal 
_pdbx_audit_revision_category.revision_ordinal 
_pdbx_audit_revision_category.data_content_type 
_pdbx_audit_revision_category.category 
1 4 'Structure model' database_2                
2 4 'Structure model' pdbx_database_status      
3 4 'Structure model' pdbx_struct_assembly      
4 4 'Structure model' pdbx_struct_oper_list     
5 5 'Structure model' chem_comp_atom            
6 5 'Structure model' chem_comp_bond            
7 5 'Structure model' pdbx_entry_details        
8 5 'Structure model' pdbx_modification_feature 
# 
loop_
_pdbx_audit_revision_item.ordinal 
_pdbx_audit_revision_item.revision_ordinal 
_pdbx_audit_revision_item.data_content_type 
_pdbx_audit_revision_item.item 
1 4 'Structure model' '_database_2.pdbx_DOI'                
2 4 'Structure model' '_database_2.pdbx_database_accession' 
3 4 'Structure model' '_pdbx_database_status.process_site'  
# 
_pdbx_database_status.status_code                     REL 
_pdbx_database_status.entry_id                        1FBR 
_pdbx_database_status.recvd_initial_deposition_date   1995-08-08 
_pdbx_database_status.deposit_site                    ? 
_pdbx_database_status.process_site                    BNL 
_pdbx_database_status.SG_entry                        . 
_pdbx_database_status.pdb_format_compatible           Y 
_pdbx_database_status.status_code_mr                  ? 
_pdbx_database_status.status_code_sf                  ? 
_pdbx_database_status.status_code_cs                  ? 
_pdbx_database_status.status_code_nmr_data            ? 
_pdbx_database_status.methods_development_category    ? 
# 
loop_
_audit_author.name 
_audit_author.pdbx_ordinal 
'Phan, I.Q.H.'   1 
'Williams, M.J.' 2 
'Campbell, I.D.' 3 
# 
_citation.id                        primary 
_citation.title                     'Solution structure of a pair of fibronectin type 1 modules with fibrin binding activity.' 
_citation.journal_abbrev            J.Mol.Biol. 
_citation.journal_volume            235 
_citation.page_first                1302 
_citation.page_last                 1311 
_citation.year                      1994 
_citation.journal_id_ASTM           JMOBAK 
_citation.country                   UK 
_citation.journal_id_ISSN           0022-2836 
_citation.journal_id_CSD            0070 
_citation.book_publisher            ? 
_citation.pdbx_database_id_PubMed   8308892 
_citation.pdbx_database_id_DOI      10.1006/jmbi.1994.1083 
# 
loop_
_citation_author.citation_id 
_citation_author.name 
_citation_author.ordinal 
_citation_author.identifier_ORCID 
primary 'Williams, M.J.' 1 ? 
primary 'Phan, I.'       2 ? 
primary 'Harvey, T.S.'   3 ? 
primary 'Rostagno, A.'   4 ? 
primary 'Gold, L.I.'     5 ? 
primary 'Campbell, I.D.' 6 ? 
# 
_entity.id                         1 
_entity.type                       polymer 
_entity.src_method                 man 
_entity.pdbx_description           FIBRONECTIN 
_entity.formula_weight             10534.699 
_entity.pdbx_number_of_molecules   1 
_entity.pdbx_ec                    ? 
_entity.pdbx_mutation              ? 
_entity.pdbx_fragment              ? 
_entity.details                    ? 
# 
_entity_poly.entity_id                      1 
_entity_poly.type                           'polypeptide(L)' 
_entity_poly.nstd_linkage                   no 
_entity_poly.nstd_monomer                   no 
_entity_poly.pdbx_seq_one_letter_code       
;AEKCFDHAAGTSYVVGETWEKPYQGWMMVDCTCLGEGSGRITCTSRNRCNDQDTRTSYRIGDTWSKKDNRGNLLQCICTG
NGRGEWKCERHTS
;
_entity_poly.pdbx_seq_one_letter_code_can   
;AEKCFDHAAGTSYVVGETWEKPYQGWMMVDCTCLGEGSGRITCTSRNRCNDQDTRTSYRIGDTWSKKDNRGNLLQCICTG
NGRGEWKCERHTS
;
_entity_poly.pdbx_strand_id                 A 
_entity_poly.pdbx_target_identifier         ? 
# 
loop_
_entity_poly_seq.entity_id 
_entity_poly_seq.num 
_entity_poly_seq.mon_id 
_entity_poly_seq.hetero 
1 1  ALA n 
1 2  GLU n 
1 3  LYS n 
1 4  CYS n 
1 5  PHE n 
1 6  ASP n 
1 7  HIS n 
1 8  ALA n 
1 9  ALA n 
1 10 GLY n 
1 11 THR n 
1 12 SER n 
1 13 TYR n 
1 14 VAL n 
1 15 VAL n 
1 16 GLY n 
1 17 GLU n 
1 18 THR n 
1 19 TRP n 
1 20 GLU n 
1 21 LYS n 
1 22 PRO n 
1 23 TYR n 
1 24 GLN n 
1 25 GLY n 
1 26 TRP n 
1 27 MET n 
1 28 MET n 
1 29 VAL n 
1 30 ASP n 
1 31 CYS n 
1 32 THR n 
1 33 CYS n 
1 34 LEU n 
1 35 GLY n 
1 36 GLU n 
1 37 GLY n 
1 38 SER n 
1 39 GLY n 
1 40 ARG n 
1 41 ILE n 
1 42 THR n 
1 43 CYS n 
1 44 THR n 
1 45 SER n 
1 46 ARG n 
1 47 ASN n 
1 48 ARG n 
1 49 CYS n 
1 50 ASN n 
1 51 ASP n 
1 52 GLN n 
1 53 ASP n 
1 54 THR n 
1 55 ARG n 
1 56 THR n 
1 57 SER n 
1 58 TYR n 
1 59 ARG n 
1 60 ILE n 
1 61 GLY n 
1 62 ASP n 
1 63 THR n 
1 64 TRP n 
1 65 SER n 
1 66 LYS n 
1 67 LYS n 
1 68 ASP n 
1 69 ASN n 
1 70 ARG n 
1 71 GLY n 
1 72 ASN n 
1 73 LEU n 
1 74 LEU n 
1 75 GLN n 
1 76 CYS n 
1 77 ILE n 
1 78 CYS n 
1 79 THR n 
1 80 GLY n 
1 81 ASN n 
1 82 GLY n 
1 83 ARG n 
1 84 GLY n 
1 85 GLU n 
1 86 TRP n 
1 87 LYS n 
1 88 CYS n 
1 89 GLU n 
1 90 ARG n 
1 91 HIS n 
1 92 THR n 
1 93 SER n 
# 
_entity_src_gen.entity_id                          1 
_entity_src_gen.pdbx_src_id                        1 
_entity_src_gen.pdbx_alt_source_flag               sample 
_entity_src_gen.pdbx_seq_type                      ? 
_entity_src_gen.pdbx_beg_seq_num                   ? 
_entity_src_gen.pdbx_end_seq_num                   ? 
_entity_src_gen.gene_src_common_name               human 
_entity_src_gen.gene_src_genus                     Homo 
_entity_src_gen.pdbx_gene_src_gene                 'HUMAN FIBRONECTIN' 
_entity_src_gen.gene_src_species                   ? 
_entity_src_gen.gene_src_strain                    ? 
_entity_src_gen.gene_src_tissue                    PLASMA 
_entity_src_gen.gene_src_tissue_fraction           ? 
_entity_src_gen.gene_src_details                   ? 
_entity_src_gen.pdbx_gene_src_fragment             ? 
_entity_src_gen.pdbx_gene_src_scientific_name      'Homo sapiens' 
_entity_src_gen.pdbx_gene_src_ncbi_taxonomy_id     9606 
_entity_src_gen.pdbx_gene_src_variant              ? 
_entity_src_gen.pdbx_gene_src_cell_line            ? 
_entity_src_gen.pdbx_gene_src_atcc                 ? 
_entity_src_gen.pdbx_gene_src_organ                ? 
_entity_src_gen.pdbx_gene_src_organelle            ? 
_entity_src_gen.pdbx_gene_src_cell                 ? 
_entity_src_gen.pdbx_gene_src_cellular_location    ? 
_entity_src_gen.host_org_common_name               
;baker's yeast
;
_entity_src_gen.pdbx_host_org_scientific_name      'Saccharomyces cerevisiae' 
_entity_src_gen.pdbx_host_org_ncbi_taxonomy_id     4932 
_entity_src_gen.host_org_genus                     Saccharomyces 
_entity_src_gen.pdbx_host_org_gene                 'HUMAN FIBRONECTIN' 
_entity_src_gen.pdbx_host_org_organ                ? 
_entity_src_gen.host_org_species                   ? 
_entity_src_gen.pdbx_host_org_tissue               ? 
_entity_src_gen.pdbx_host_org_tissue_fraction      ? 
_entity_src_gen.pdbx_host_org_strain               ? 
_entity_src_gen.pdbx_host_org_variant              ? 
_entity_src_gen.pdbx_host_org_cell_line            ? 
_entity_src_gen.pdbx_host_org_atcc                 ? 
_entity_src_gen.pdbx_host_org_culture_collection   ? 
_entity_src_gen.pdbx_host_org_cell                 ? 
_entity_src_gen.pdbx_host_org_organelle            ? 
_entity_src_gen.pdbx_host_org_cellular_location    ? 
_entity_src_gen.pdbx_host_org_vector_type          ? 
_entity_src_gen.pdbx_host_org_vector               ? 
_entity_src_gen.host_org_details                   ? 
_entity_src_gen.expression_system_id               ? 
_entity_src_gen.plasmid_name                       PMA91 
_entity_src_gen.plasmid_details                    ? 
_entity_src_gen.pdbx_description                   EXTRACELLULAR 
# 
loop_
_chem_comp.id 
_chem_comp.type 
_chem_comp.mon_nstd_flag 
_chem_comp.name 
_chem_comp.pdbx_synonyms 
_chem_comp.formula 
_chem_comp.formula_weight 
ALA 'L-peptide linking' y ALANINE         ? 'C3 H7 N O2'     89.093  
ARG 'L-peptide linking' y ARGININE        ? 'C6 H15 N4 O2 1' 175.209 
ASN 'L-peptide linking' y ASPARAGINE      ? 'C4 H8 N2 O3'    132.118 
ASP 'L-peptide linking' y 'ASPARTIC ACID' ? 'C4 H7 N O4'     133.103 
CYS 'L-peptide linking' y CYSTEINE        ? 'C3 H7 N O2 S'   121.158 
GLN 'L-peptide linking' y GLUTAMINE       ? 'C5 H10 N2 O3'   146.144 
GLU 'L-peptide linking' y 'GLUTAMIC ACID' ? 'C5 H9 N O4'     147.129 
GLY 'peptide linking'   y GLYCINE         ? 'C2 H5 N O2'     75.067  
HIS 'L-peptide linking' y HISTIDINE       ? 'C6 H10 N3 O2 1' 156.162 
ILE 'L-peptide linking' y ISOLEUCINE      ? 'C6 H13 N O2'    131.173 
LEU 'L-peptide linking' y LEUCINE         ? 'C6 H13 N O2'    131.173 
LYS 'L-peptide linking' y LYSINE          ? 'C6 H15 N2 O2 1' 147.195 
MET 'L-peptide linking' y METHIONINE      ? 'C5 H11 N O2 S'  149.211 
PHE 'L-peptide linking' y PHENYLALANINE   ? 'C9 H11 N O2'    165.189 
PRO 'L-peptide linking' y PROLINE         ? 'C5 H9 N O2'     115.130 
SER 'L-peptide linking' y SERINE          ? 'C3 H7 N O3'     105.093 
THR 'L-peptide linking' y THREONINE       ? 'C4 H9 N O3'     119.119 
TRP 'L-peptide linking' y TRYPTOPHAN      ? 'C11 H12 N2 O2'  204.225 
TYR 'L-peptide linking' y TYROSINE        ? 'C9 H11 N O3'    181.189 
VAL 'L-peptide linking' y VALINE          ? 'C5 H11 N O2'    117.146 
# 
loop_
_pdbx_poly_seq_scheme.asym_id 
_pdbx_poly_seq_scheme.entity_id 
_pdbx_poly_seq_scheme.seq_id 
_pdbx_poly_seq_scheme.mon_id 
_pdbx_poly_seq_scheme.ndb_seq_num 
_pdbx_poly_seq_scheme.pdb_seq_num 
_pdbx_poly_seq_scheme.auth_seq_num 
_pdbx_poly_seq_scheme.pdb_mon_id 
_pdbx_poly_seq_scheme.auth_mon_id 
_pdbx_poly_seq_scheme.pdb_strand_id 
_pdbx_poly_seq_scheme.pdb_ins_code 
_pdbx_poly_seq_scheme.hetero 
A 1 1  ALA 1  1  1  ALA ALA A . n 
A 1 2  GLU 2  2  2  GLU GLU A . n 
A 1 3  LYS 3  3  3  LYS LYS A . n 
A 1 4  CYS 4  4  4  CYS CYS A . n 
A 1 5  PHE 5  5  5  PHE PHE A . n 
A 1 6  ASP 6  6  6  ASP ASP A . n 
A 1 7  HIS 7  7  7  HIS HIS A . n 
A 1 8  ALA 8  8  8  ALA ALA A . n 
A 1 9  ALA 9  9  9  ALA ALA A . n 
A 1 10 GLY 10 10 10 GLY GLY A . n 
A 1 11 THR 11 11 11 THR THR A . n 
A 1 12 SER 12 12 12 SER SER A . n 
A 1 13 TYR 13 13 13 TYR TYR A . n 
A 1 14 VAL 14 14 14 VAL VAL A . n 
A 1 15 VAL 15 15 15 VAL VAL A . n 
A 1 16 GLY 16 16 16 GLY GLY A . n 
A 1 17 GLU 17 17 17 GLU GLU A . n 
A 1 18 THR 18 18 18 THR THR A . n 
A 1 19 TRP 19 19 19 TRP TRP A . n 
A 1 20 GLU 20 20 20 GLU GLU A . n 
A 1 21 LYS 21 21 21 LYS LYS A . n 
A 1 22 PRO 22 22 22 PRO PRO A . n 
A 1 23 TYR 23 23 23 TYR TYR A . n 
A 1 24 GLN 24 24 24 GLN GLN A . n 
A 1 25 GLY 25 25 25 GLY GLY A . n 
A 1 26 TRP 26 26 26 TRP TRP A . n 
A 1 27 MET 27 27 27 MET MET A . n 
A 1 28 MET 28 28 28 MET MET A . n 
A 1 29 VAL 29 29 29 VAL VAL A . n 
A 1 30 ASP 30 30 30 ASP ASP A . n 
A 1 31 CYS 31 31 31 CYS CYS A . n 
A 1 32 THR 32 32 32 THR THR A . n 
A 1 33 CYS 33 33 33 CYS CYS A . n 
A 1 34 LEU 34 34 34 LEU LEU A . n 
A 1 35 GLY 35 35 35 GLY GLY A . n 
A 1 36 GLU 36 36 36 GLU GLU A . n 
A 1 37 GLY 37 37 37 GLY GLY A . n 
A 1 38 SER 38 38 38 SER SER A . n 
A 1 39 GLY 39 39 39 GLY GLY A . n 
A 1 40 ARG 40 40 40 ARG ARG A . n 
A 1 41 ILE 41 41 41 ILE ILE A . n 
A 1 42 THR 42 42 42 THR THR A . n 
A 1 43 CYS 43 43 43 CYS CYS A . n 
A 1 44 THR 44 44 44 THR THR A . n 
A 1 45 SER 45 45 45 SER SER A . n 
A 1 46 ARG 46 46 46 ARG ARG A . n 
A 1 47 ASN 47 47 47 ASN ASN A . n 
A 1 48 ARG 48 48 48 ARG ARG A . n 
A 1 49 CYS 49 49 49 CYS CYS A . n 
A 1 50 ASN 50 50 50 ASN ASN A . n 
A 1 51 ASP 51 51 51 ASP ASP A . n 
A 1 52 GLN 52 52 52 GLN GLN A . n 
A 1 53 ASP 53 53 53 ASP ASP A . n 
A 1 54 THR 54 54 54 THR THR A . n 
A 1 55 ARG 55 55 55 ARG ARG A . n 
A 1 56 THR 56 56 56 THR THR A . n 
A 1 57 SER 57 57 57 SER SER A . n 
A 1 58 TYR 58 58 58 TYR TYR A . n 
A 1 59 ARG 59 59 59 ARG ARG A . n 
A 1 60 ILE 60 60 60 ILE ILE A . n 
A 1 61 GLY 61 61 61 GLY GLY A . n 
A 1 62 ASP 62 62 62 ASP ASP A . n 
A 1 63 THR 63 63 63 THR THR A . n 
A 1 64 TRP 64 64 64 TRP TRP A . n 
A 1 65 SER 65 65 65 SER SER A . n 
A 1 66 LYS 66 66 66 LYS LYS A . n 
A 1 67 LYS 67 67 67 LYS LYS A . n 
A 1 68 ASP 68 68 68 ASP ASP A . n 
A 1 69 ASN 69 69 69 ASN ASN A . n 
A 1 70 ARG 70 70 70 ARG ARG A . n 
A 1 71 GLY 71 71 71 GLY GLY A . n 
A 1 72 ASN 72 72 72 ASN ASN A . n 
A 1 73 LEU 73 73 73 LEU LEU A . n 
A 1 74 LEU 74 74 74 LEU LEU A . n 
A 1 75 GLN 75 75 75 GLN GLN A . n 
A 1 76 CYS 76 76 76 CYS CYS A . n 
A 1 77 ILE 77 77 77 ILE ILE A . n 
A 1 78 CYS 78 78 78 CYS CYS A . n 
A 1 79 THR 79 79 79 THR THR A . n 
A 1 80 GLY 80 80 80 GLY GLY A . n 
A 1 81 ASN 81 81 81 ASN ASN A . n 
A 1 82 GLY 82 82 82 GLY GLY A . n 
A 1 83 ARG 83 83 83 ARG ARG A . n 
A 1 84 GLY 84 84 84 GLY GLY A . n 
A 1 85 GLU 85 85 85 GLU GLU A . n 
A 1 86 TRP 86 86 86 TRP TRP A . n 
A 1 87 LYS 87 87 87 LYS LYS A . n 
A 1 88 CYS 88 88 88 CYS CYS A . n 
A 1 89 GLU 89 89 89 GLU GLU A . n 
A 1 90 ARG 90 90 90 ARG ARG A . n 
A 1 91 HIS 91 91 91 HIS HIS A . n 
A 1 92 THR 92 92 92 THR THR A . n 
A 1 93 SER 93 93 93 SER SER A . n 
# 
loop_
_software.name 
_software.classification 
_software.version 
_software.citation_id 
_software.pdbx_ordinal 
X-PLOR 'model building' 3.1 ? 1 
X-PLOR refinement       3.1 ? 2 
X-PLOR phasing          3.1 ? 3 
# 
_cell.entry_id           1FBR 
_cell.length_a           1.000 
_cell.length_b           1.000 
_cell.length_c           1.000 
_cell.angle_alpha        90.00 
_cell.angle_beta         90.00 
_cell.angle_gamma        90.00 
_cell.Z_PDB              1 
_cell.pdbx_unique_axis   ? 
# 
_symmetry.entry_id                         1FBR 
_symmetry.space_group_name_H-M             'P 1' 
_symmetry.pdbx_full_space_group_name_H-M   ? 
_symmetry.cell_setting                     ? 
_symmetry.Int_Tables_number                1 
# 
_exptl.entry_id          1FBR 
_exptl.method            'SOLUTION NMR' 
_exptl.crystals_number   ? 
# 
_struct.entry_id                  1FBR 
_struct.title                     'FOURTH AND FIFTH FIBRONECTIN TYPE I MODULE PAIR' 
_struct.pdbx_model_details        ? 
_struct.pdbx_CASP_flag            ? 
_struct.pdbx_model_type_details   ? 
# 
_struct_keywords.entry_id        1FBR 
_struct_keywords.pdbx_keywords   'CELL ADHESION PROTEIN' 
_struct_keywords.text            'CELL ADHESION PROTEIN' 
# 
_struct_asym.id                            A 
_struct_asym.pdbx_blank_PDB_chainid_flag   Y 
_struct_asym.pdbx_modified                 N 
_struct_asym.entity_id                     1 
_struct_asym.details                       ? 
# 
_struct_ref.id                         1 
_struct_ref.db_name                    UNP 
_struct_ref.db_code                    FINC_HUMAN 
_struct_ref.entity_id                  1 
_struct_ref.pdbx_db_accession          P02751 
_struct_ref.pdbx_align_begin           1 
_struct_ref.pdbx_seq_one_letter_code   
;MLRGPGPGLLLLAVQCLGTAVPSTGASKSKRQAQQMVQPQSPVAVSQSKPGCYDNGKHYQINQQWERTYLGNALVCTCYG
GSRGFNCESKPEAEETCFDKYTGNTYRVGDTYERPKDSMIWDCTCIGAGRGRISCTIANRCHEGGQSYKIGDTWRRPHET
GGYMLECVCLGNGKGEWTCKPIAEKCFDHAAGTSYVVGETWEKPYQGWMMVDCTCLGEGSGRITCTSRNRCNDQDTRTSY
RIGDTWSKKDNRGNLLQCICTGNGRGEWKCERHTSVQTTSSGSGPFTDVRAAVYQPQPHPQPPPYGHCVTDSGVVYSVGM
QWLKTQGNKQMLCTCLGNGVSCQETAVTQTYGGNSNGEPCVLPFTYNGRTFYSCTTEGRQDGHLWCSTTSNYEQDQKYSF
CTDHTVLVQTQGGNSNGALCHFPFLYNNHNYTDCTSEGRRDNMKWCGTTQNYDADQKFGFCPMAAHEEICTTNEGVMYRI
GDQWDKQHDMGHMMRCTCVGNGRGEWTCIAYSQLRDQCIVDDITYNVNDTFHKRHEEGHMLNCTCFGQGRGRWKCDPVDQ
CQDSETGTFYQIGDSWEKYVHGVRYQCYCYGRGIGEWHCQPLQTYPSSSGPVEVFITETPSQPNSHPIQWNAPQPSHISK
YILRWRPKNSVGRWKEATIPGHLNSYTIKGLKPGVVYEGQLISIQQYGHQEVTRFDFTTTSTSTPVTSNTVTGETTPFSP
LVATSESVTEITASSFVVSWVSASDTVSGFRVEYELSEEGDEPQYLDLPSTATSVNIPDLLPGRKYIVNVYQISEDGEQS
LILSTSQTTAPDAPPDPTVDQVDDTSIVVRWSRPQAPITGYRIVYSPSVEGSSTELNLPETANSVTLSDLQPGVQYNITI
YAVEENQESTPVVIQQETTGTPRSDTVPSPRDLQFVEVTDVKVTIMWTPPESAVTGYRVDVIPVNLPGEHGQRLPISRNT
FAEVTGLSPGVTYYFKVFAVSHGRESKPLTAQQTTKLDAPTNLQFVNETDSTVLVRWTPPRAQITGYRLTVGLTRRGQPR
QYNVGPSVSKYPLRNLQPASEYTVSLVAIKGNQESPKATGVFTTLQPGSSIPPYNTEVTETTIVITWTPAPRIGFKLGVR
PSQGGEAPREVTSDSGSIVVSGLTPGVEYVYTIQVLRDGQERDAPIVNKVVTPLSPPTNLHLEANPDTGVLTVSWERSTT
PDITGYRITTTPTNGQQGNSLEEVVHADQSSCTFDNLSPGLEYNVSVYTVKDDKESVPISDTIIPAVPPPTDLRFTNIGP
DTMRVTWAPPPSIDLTNFLVRYSPVKNEEDVAELSISPSDNAVVLTNLLPGTEYVVSVSSVYEQHESTPLRGRQKTGLDS
PTGIDFSDITANSFTVHWIAPRATITGYRIRHHPEHFSGRPREDRVPHSRNSITLTNLTPGTEYVVSIVALNGREESPLL
IGQQSTVSDVPRDLEVVAATPTSLLISWDAPAVTVRYYRITYGETGGNSPVQEFTVPGSKSTATISGLKPGVDYTITVYA
VTGRGDSPASSKPISINYRTEIDKPSQMQVTDVQDNSISVKWLPSSSPVTGYRVTTTPKNGPGPTKTKTAGPDQTEMTIE
GLQPTVEYVVSVYAQNPSGESQPLVQTAVTNIDRPKGLAFTDVDVDSIKIAWESPQGQVSRYRVTYSSPEDGIHELFPAP
DGEEDTAELQGLRPGSEYTVSVVALHDDMESQPLIGTQSTAIPAPTDLKFTQVTPTSLSAQWTPPNVQLTGYRVRVTPKE
KTGPMKEINLAPDSSSVVVSGLMVATKYEVSVYALKDTLTSRPAQGVVTTLENVSPPRRARVTDATETTITISWRTKTET
ITGFQVDAVPANGQTPIQRTIKPDVRSYTITGLQPGTDYKIYLYTLNDNARSSPVVIDASTAIDAPSNLRFLATTPNSLL
VSWQPPRARITGYIIKYEKPGSPPREVVPRPRPGVTEATITGLEPGTEYTIYVIALKNNQKSEPLIGRKKTDELPQLVTL
PHPNLHGPEILDVPSTVQKTPFVTHPGYDTGNGIQLPGTSGQQPSVGQQMIFEEHGFRRTTPPTTATPIRHRPRPYPPNV
GEEIQIGHIPREDVDYHLYPHGPGLNPNASTGQEALSQTTISWAPFQDTSEYIISCHPVGTDEEPLQFRVPGTSTSATLT
GLTRGATYNIIVEALKDQQRHKVREEVVTVGNSVNEGLNQPTDDSCFDPYTVSHYAVGDEWERMSESGFKLLCQCLGFGS
GHFRCDSSRWCHDNGVNYKIGEKWDRQGENGQMMSCTCLGNGKGEFKCDPHEATCYDDGKTYHVGEQWQKEYLGAICSCT
CFGGQRGWRCDNCRRPGGEPSPEGTTGQSYNQYSQRYHQRTNTNVNCPIECFMPLDVQADREDSRE
;
_struct_ref.pdbx_db_isoform            ? 
# 
_struct_ref_seq.align_id                      1 
_struct_ref_seq.ref_id                        1 
_struct_ref_seq.pdbx_PDB_id_code              1FBR 
_struct_ref_seq.pdbx_strand_id                A 
_struct_ref_seq.seq_align_beg                 1 
_struct_ref_seq.pdbx_seq_align_beg_ins_code   ? 
_struct_ref_seq.seq_align_end                 93 
_struct_ref_seq.pdbx_seq_align_end_ins_code   ? 
_struct_ref_seq.pdbx_db_accession             P02751 
_struct_ref_seq.db_align_beg                  183 
_struct_ref_seq.pdbx_db_align_beg_ins_code    ? 
_struct_ref_seq.db_align_end                  275 
_struct_ref_seq.pdbx_db_align_end_ins_code    ? 
_struct_ref_seq.pdbx_auth_seq_align_beg       1 
_struct_ref_seq.pdbx_auth_seq_align_end       93 
# 
_pdbx_struct_assembly.id                   1 
_pdbx_struct_assembly.details              author_defined_assembly 
_pdbx_struct_assembly.method_details       ? 
_pdbx_struct_assembly.oligomeric_details   monomeric 
_pdbx_struct_assembly.oligomeric_count     1 
# 
_pdbx_struct_assembly_gen.assembly_id       1 
_pdbx_struct_assembly_gen.oper_expression   1 
_pdbx_struct_assembly_gen.asym_id_list      A 
# 
_pdbx_struct_oper_list.id                   1 
_pdbx_struct_oper_list.type                 'identity operation' 
_pdbx_struct_oper_list.name                 1_555 
_pdbx_struct_oper_list.symmetry_operation   x,y,z 
_pdbx_struct_oper_list.matrix[1][1]         1.0000000000 
_pdbx_struct_oper_list.matrix[1][2]         0.0000000000 
_pdbx_struct_oper_list.matrix[1][3]         0.0000000000 
_pdbx_struct_oper_list.vector[1]            0.0000000000 
_pdbx_struct_oper_list.matrix[2][1]         0.0000000000 
_pdbx_struct_oper_list.matrix[2][2]         1.0000000000 
_pdbx_struct_oper_list.matrix[2][3]         0.0000000000 
_pdbx_struct_oper_list.vector[2]            0.0000000000 
_pdbx_struct_oper_list.matrix[3][1]         0.0000000000 
_pdbx_struct_oper_list.matrix[3][2]         0.0000000000 
_pdbx_struct_oper_list.matrix[3][3]         1.0000000000 
_pdbx_struct_oper_list.vector[3]            0.0000000000 
# 
_struct_biol.id   1 
# 
loop_
_struct_conn.id 
_struct_conn.conn_type_id 
_struct_conn.pdbx_leaving_atom_flag 
_struct_conn.pdbx_PDB_id 
_struct_conn.ptnr1_label_asym_id 
_struct_conn.ptnr1_label_comp_id 
_struct_conn.ptnr1_label_seq_id 
_struct_conn.ptnr1_label_atom_id 
_struct_conn.pdbx_ptnr1_label_alt_id 
_struct_conn.pdbx_ptnr1_PDB_ins_code 
_struct_conn.pdbx_ptnr1_standard_comp_id 
_struct_conn.ptnr1_symmetry 
_struct_conn.ptnr2_label_asym_id 
_struct_conn.ptnr2_label_comp_id 
_struct_conn.ptnr2_label_seq_id 
_struct_conn.ptnr2_label_atom_id 
_struct_conn.pdbx_ptnr2_label_alt_id 
_struct_conn.pdbx_ptnr2_PDB_ins_code 
_struct_conn.ptnr1_auth_asym_id 
_struct_conn.ptnr1_auth_comp_id 
_struct_conn.ptnr1_auth_seq_id 
_struct_conn.ptnr2_auth_asym_id 
_struct_conn.ptnr2_auth_comp_id 
_struct_conn.ptnr2_auth_seq_id 
_struct_conn.ptnr2_symmetry 
_struct_conn.pdbx_ptnr3_label_atom_id 
_struct_conn.pdbx_ptnr3_label_seq_id 
_struct_conn.pdbx_ptnr3_label_comp_id 
_struct_conn.pdbx_ptnr3_label_asym_id 
_struct_conn.pdbx_ptnr3_label_alt_id 
_struct_conn.pdbx_ptnr3_PDB_ins_code 
_struct_conn.details 
_struct_conn.pdbx_dist_value 
_struct_conn.pdbx_value_order 
_struct_conn.pdbx_role 
disulf1 disulf ? ? A CYS 4  SG ? ? ? 1_555 A CYS 33 SG ? ? A CYS 4  A CYS 33 1_555 ? ? ? ? ? ? ? 2.019 ? ? 
disulf2 disulf ? ? A CYS 31 SG ? ? ? 1_555 A CYS 43 SG ? ? A CYS 31 A CYS 43 1_555 ? ? ? ? ? ? ? 2.020 ? ? 
disulf3 disulf ? ? A CYS 49 SG ? ? ? 1_555 A CYS 78 SG ? ? A CYS 49 A CYS 78 1_555 ? ? ? ? ? ? ? 2.020 ? ? 
disulf4 disulf ? ? A CYS 76 SG ? ? ? 1_555 A CYS 88 SG ? ? A CYS 76 A CYS 88 1_555 ? ? ? ? ? ? ? 2.020 ? ? 
# 
_struct_conn_type.id          disulf 
_struct_conn_type.criteria    ? 
_struct_conn_type.reference   ? 
# 
loop_
_pdbx_modification_feature.ordinal 
_pdbx_modification_feature.label_comp_id 
_pdbx_modification_feature.label_asym_id 
_pdbx_modification_feature.label_seq_id 
_pdbx_modification_feature.label_alt_id 
_pdbx_modification_feature.modified_residue_label_comp_id 
_pdbx_modification_feature.modified_residue_label_asym_id 
_pdbx_modification_feature.modified_residue_label_seq_id 
_pdbx_modification_feature.modified_residue_label_alt_id 
_pdbx_modification_feature.auth_comp_id 
_pdbx_modification_feature.auth_asym_id 
_pdbx_modification_feature.auth_seq_id 
_pdbx_modification_feature.PDB_ins_code 
_pdbx_modification_feature.symmetry 
_pdbx_modification_feature.modified_residue_auth_comp_id 
_pdbx_modification_feature.modified_residue_auth_asym_id 
_pdbx_modification_feature.modified_residue_auth_seq_id 
_pdbx_modification_feature.modified_residue_PDB_ins_code 
_pdbx_modification_feature.modified_residue_symmetry 
_pdbx_modification_feature.comp_id_linking_atom 
_pdbx_modification_feature.modified_residue_id_linking_atom 
_pdbx_modification_feature.modified_residue_id 
_pdbx_modification_feature.ref_pcm_id 
_pdbx_modification_feature.ref_comp_id 
_pdbx_modification_feature.type 
_pdbx_modification_feature.category 
1 CYS A 4  ? CYS A 33 ? CYS A 4  ? 1_555 CYS A 33 ? 1_555 SG SG . . . None 'Disulfide bridge' 
2 CYS A 31 ? CYS A 43 ? CYS A 31 ? 1_555 CYS A 43 ? 1_555 SG SG . . . None 'Disulfide bridge' 
3 CYS A 49 ? CYS A 78 ? CYS A 49 ? 1_555 CYS A 78 ? 1_555 SG SG . . . None 'Disulfide bridge' 
4 CYS A 76 ? CYS A 88 ? CYS A 76 ? 1_555 CYS A 88 ? 1_555 SG SG . . . None 'Disulfide bridge' 
# 
loop_
_struct_sheet.id 
_struct_sheet.type 
_struct_sheet.number_strands 
_struct_sheet.details 
A ? 2 ? 
B ? 3 ? 
C ? 2 ? 
D ? 3 ? 
# 
loop_
_struct_sheet_order.sheet_id 
_struct_sheet_order.range_id_1 
_struct_sheet_order.range_id_2 
_struct_sheet_order.offset 
_struct_sheet_order.sense 
A 1 2 ? anti-parallel 
B 1 2 ? anti-parallel 
B 2 3 ? anti-parallel 
C 1 2 ? anti-parallel 
D 1 2 ? anti-parallel 
D 2 3 ? anti-parallel 
# 
loop_
_struct_sheet_range.sheet_id 
_struct_sheet_range.id 
_struct_sheet_range.beg_label_comp_id 
_struct_sheet_range.beg_label_asym_id 
_struct_sheet_range.beg_label_seq_id 
_struct_sheet_range.pdbx_beg_PDB_ins_code 
_struct_sheet_range.end_label_comp_id 
_struct_sheet_range.end_label_asym_id 
_struct_sheet_range.end_label_seq_id 
_struct_sheet_range.pdbx_end_PDB_ins_code 
_struct_sheet_range.beg_auth_comp_id 
_struct_sheet_range.beg_auth_asym_id 
_struct_sheet_range.beg_auth_seq_id 
_struct_sheet_range.end_auth_comp_id 
_struct_sheet_range.end_auth_asym_id 
_struct_sheet_range.end_auth_seq_id 
A 1 LYS A 3  ? ASP A 6  ? LYS A 3  ASP A 6  
A 2 THR A 11 ? VAL A 14 ? THR A 11 VAL A 14 
B 1 THR A 18 ? PRO A 22 ? THR A 18 PRO A 22 
B 2 MET A 28 ? CYS A 33 ? MET A 28 CYS A 33 
B 3 ILE A 41 ? SER A 45 ? ILE A 41 SER A 45 
C 1 ARG A 48 ? ASP A 51 ? ARG A 48 ASP A 51 
C 2 THR A 56 ? ARG A 59 ? THR A 56 ARG A 59 
D 1 THR A 63 ? LYS A 67 ? THR A 63 LYS A 67 
D 2 LEU A 73 ? CYS A 78 ? LEU A 73 CYS A 78 
D 3 TRP A 86 ? ARG A 90 ? TRP A 86 ARG A 90 
# 
loop_
_pdbx_struct_sheet_hbond.sheet_id 
_pdbx_struct_sheet_hbond.range_id_1 
_pdbx_struct_sheet_hbond.range_id_2 
_pdbx_struct_sheet_hbond.range_1_label_atom_id 
_pdbx_struct_sheet_hbond.range_1_label_comp_id 
_pdbx_struct_sheet_hbond.range_1_label_asym_id 
_pdbx_struct_sheet_hbond.range_1_label_seq_id 
_pdbx_struct_sheet_hbond.range_1_PDB_ins_code 
_pdbx_struct_sheet_hbond.range_1_auth_atom_id 
_pdbx_struct_sheet_hbond.range_1_auth_comp_id 
_pdbx_struct_sheet_hbond.range_1_auth_asym_id 
_pdbx_struct_sheet_hbond.range_1_auth_seq_id 
_pdbx_struct_sheet_hbond.range_2_label_atom_id 
_pdbx_struct_sheet_hbond.range_2_label_comp_id 
_pdbx_struct_sheet_hbond.range_2_label_asym_id 
_pdbx_struct_sheet_hbond.range_2_label_seq_id 
_pdbx_struct_sheet_hbond.range_2_PDB_ins_code 
_pdbx_struct_sheet_hbond.range_2_auth_atom_id 
_pdbx_struct_sheet_hbond.range_2_auth_comp_id 
_pdbx_struct_sheet_hbond.range_2_auth_asym_id 
_pdbx_struct_sheet_hbond.range_2_auth_seq_id 
B 1 2 N TRP A 19 ? N TRP A 19 O CYS A 31 ? O CYS A 31 
B 2 3 N ASP A 30 ? N ASP A 30 O THR A 44 ? O THR A 44 
D 1 2 N TRP A 64 ? N TRP A 64 O CYS A 76 ? O CYS A 76 
D 2 3 N GLN A 75 ? N GLN A 75 O GLU A 89 ? O GLU A 89 
# 
_pdbx_entry_details.entry_id                   1FBR 
_pdbx_entry_details.compound_details           ? 
_pdbx_entry_details.source_details             ? 
_pdbx_entry_details.nonpolymer_details         ? 
_pdbx_entry_details.sequence_details           ? 
_pdbx_entry_details.has_ligand_of_interest     ? 
_pdbx_entry_details.has_protein_modification   Y 
# 
loop_
_pdbx_validate_torsion.id 
_pdbx_validate_torsion.PDB_model_num 
_pdbx_validate_torsion.auth_comp_id 
_pdbx_validate_torsion.auth_asym_id 
_pdbx_validate_torsion.auth_seq_id 
_pdbx_validate_torsion.PDB_ins_code 
_pdbx_validate_torsion.label_alt_id 
_pdbx_validate_torsion.phi 
_pdbx_validate_torsion.psi 
1  1 CYS A 4  ? ? -118.60 64.14   
2  1 HIS A 7  ? ? 54.90   -82.79  
3  1 TYR A 23 ? ? -69.60  -120.07 
4  1 GLN A 24 ? ? -43.85  -88.04  
5  1 MET A 27 ? ? -46.75  158.10  
6  1 ARG A 59 ? ? -124.89 -164.28 
7  1 LYS A 67 ? ? -63.39  -178.41 
8  1 ASP A 68 ? ? -110.05 -95.22  
9  1 ASN A 69 ? ? -143.12 10.22   
10 1 ASN A 72 ? ? -66.61  -155.80 
11 1 GLN A 75 ? ? -66.68  87.78   
12 1 ASN A 81 ? ? -141.45 53.71   
13 1 ARG A 83 ? ? -151.91 25.42   
14 1 TRP A 86 ? ? -56.53  101.59  
15 1 ARG A 90 ? ? -50.19  174.36  
# 
loop_
_pdbx_validate_planes.id 
_pdbx_validate_planes.PDB_model_num 
_pdbx_validate_planes.auth_comp_id 
_pdbx_validate_planes.auth_asym_id 
_pdbx_validate_planes.auth_seq_id 
_pdbx_validate_planes.PDB_ins_code 
_pdbx_validate_planes.label_alt_id 
_pdbx_validate_planes.rmsd 
_pdbx_validate_planes.type 
1 1 ARG A 40 ? ? 0.292 'SIDE CHAIN' 
2 1 ARG A 46 ? ? 0.264 'SIDE CHAIN' 
3 1 ARG A 48 ? ? 0.196 'SIDE CHAIN' 
4 1 ARG A 55 ? ? 0.242 'SIDE CHAIN' 
5 1 ARG A 59 ? ? 0.317 'SIDE CHAIN' 
6 1 ARG A 70 ? ? 0.261 'SIDE CHAIN' 
7 1 ARG A 83 ? ? 0.124 'SIDE CHAIN' 
8 1 ARG A 90 ? ? 0.315 'SIDE CHAIN' 
# 
_pdbx_nmr_ensemble.entry_id                             1FBR 
_pdbx_nmr_ensemble.conformers_calculated_total_number   ? 
_pdbx_nmr_ensemble.conformers_submitted_total_number    1 
_pdbx_nmr_ensemble.conformer_selection_criteria         ? 
# 
_pdbx_nmr_software.classification   refinement 
_pdbx_nmr_software.name             X-PLOR 
_pdbx_nmr_software.version          3.1 
_pdbx_nmr_software.authors          BRUNGER 
_pdbx_nmr_software.ordinal          1 
# 
loop_
_chem_comp_atom.comp_id 
_chem_comp_atom.atom_id 
_chem_comp_atom.type_symbol 
_chem_comp_atom.pdbx_aromatic_flag 
_chem_comp_atom.pdbx_stereo_config 
_chem_comp_atom.pdbx_ordinal 
ALA N    N N N 1   
ALA CA   C N S 2   
ALA C    C N N 3   
ALA O    O N N 4   
ALA CB   C N N 5   
ALA OXT  O N N 6   
ALA H    H N N 7   
ALA H2   H N N 8   
ALA HA   H N N 9   
ALA HB1  H N N 10  
ALA HB2  H N N 11  
ALA HB3  H N N 12  
ALA HXT  H N N 13  
ARG N    N N N 14  
ARG CA   C N S 15  
ARG C    C N N 16  
ARG O    O N N 17  
ARG CB   C N N 18  
ARG CG   C N N 19  
ARG CD   C N N 20  
ARG NE   N N N 21  
ARG CZ   C N N 22  
ARG NH1  N N N 23  
ARG NH2  N N N 24  
ARG OXT  O N N 25  
ARG H    H N N 26  
ARG H2   H N N 27  
ARG HA   H N N 28  
ARG HB2  H N N 29  
ARG HB3  H N N 30  
ARG HG2  H N N 31  
ARG HG3  H N N 32  
ARG HD2  H N N 33  
ARG HD3  H N N 34  
ARG HE   H N N 35  
ARG HH11 H N N 36  
ARG HH12 H N N 37  
ARG HH21 H N N 38  
ARG HH22 H N N 39  
ARG HXT  H N N 40  
ASN N    N N N 41  
ASN CA   C N S 42  
ASN C    C N N 43  
ASN O    O N N 44  
ASN CB   C N N 45  
ASN CG   C N N 46  
ASN OD1  O N N 47  
ASN ND2  N N N 48  
ASN OXT  O N N 49  
ASN H    H N N 50  
ASN H2   H N N 51  
ASN HA   H N N 52  
ASN HB2  H N N 53  
ASN HB3  H N N 54  
ASN HD21 H N N 55  
ASN HD22 H N N 56  
ASN HXT  H N N 57  
ASP N    N N N 58  
ASP CA   C N S 59  
ASP C    C N N 60  
ASP O    O N N 61  
ASP CB   C N N 62  
ASP CG   C N N 63  
ASP OD1  O N N 64  
ASP OD2  O N N 65  
ASP OXT  O N N 66  
ASP H    H N N 67  
ASP H2   H N N 68  
ASP HA   H N N 69  
ASP HB2  H N N 70  
ASP HB3  H N N 71  
ASP HD2  H N N 72  
ASP HXT  H N N 73  
CYS N    N N N 74  
CYS CA   C N R 75  
CYS C    C N N 76  
CYS O    O N N 77  
CYS CB   C N N 78  
CYS SG   S N N 79  
CYS OXT  O N N 80  
CYS H    H N N 81  
CYS H2   H N N 82  
CYS HA   H N N 83  
CYS HB2  H N N 84  
CYS HB3  H N N 85  
CYS HG   H N N 86  
CYS HXT  H N N 87  
GLN N    N N N 88  
GLN CA   C N S 89  
GLN C    C N N 90  
GLN O    O N N 91  
GLN CB   C N N 92  
GLN CG   C N N 93  
GLN CD   C N N 94  
GLN OE1  O N N 95  
GLN NE2  N N N 96  
GLN OXT  O N N 97  
GLN H    H N N 98  
GLN H2   H N N 99  
GLN HA   H N N 100 
GLN HB2  H N N 101 
GLN HB3  H N N 102 
GLN HG2  H N N 103 
GLN HG3  H N N 104 
GLN HE21 H N N 105 
GLN HE22 H N N 106 
GLN HXT  H N N 107 
GLU N    N N N 108 
GLU CA   C N S 109 
GLU C    C N N 110 
GLU O    O N N 111 
GLU CB   C N N 112 
GLU CG   C N N 113 
GLU CD   C N N 114 
GLU OE1  O N N 115 
GLU OE2  O N N 116 
GLU OXT  O N N 117 
GLU H    H N N 118 
GLU H2   H N N 119 
GLU HA   H N N 120 
GLU HB2  H N N 121 
GLU HB3  H N N 122 
GLU HG2  H N N 123 
GLU HG3  H N N 124 
GLU HE2  H N N 125 
GLU HXT  H N N 126 
GLY N    N N N 127 
GLY CA   C N N 128 
GLY C    C N N 129 
GLY O    O N N 130 
GLY OXT  O N N 131 
GLY H    H N N 132 
GLY H2   H N N 133 
GLY HA2  H N N 134 
GLY HA3  H N N 135 
GLY HXT  H N N 136 
HIS N    N N N 137 
HIS CA   C N S 138 
HIS C    C N N 139 
HIS O    O N N 140 
HIS CB   C N N 141 
HIS CG   C Y N 142 
HIS ND1  N Y N 143 
HIS CD2  C Y N 144 
HIS CE1  C Y N 145 
HIS NE2  N Y N 146 
HIS OXT  O N N 147 
HIS H    H N N 148 
HIS H2   H N N 149 
HIS HA   H N N 150 
HIS HB2  H N N 151 
HIS HB3  H N N 152 
HIS HD1  H N N 153 
HIS HD2  H N N 154 
HIS HE1  H N N 155 
HIS HE2  H N N 156 
HIS HXT  H N N 157 
ILE N    N N N 158 
ILE CA   C N S 159 
ILE C    C N N 160 
ILE O    O N N 161 
ILE CB   C N S 162 
ILE CG1  C N N 163 
ILE CG2  C N N 164 
ILE CD1  C N N 165 
ILE OXT  O N N 166 
ILE H    H N N 167 
ILE H2   H N N 168 
ILE HA   H N N 169 
ILE HB   H N N 170 
ILE HG12 H N N 171 
ILE HG13 H N N 172 
ILE HG21 H N N 173 
ILE HG22 H N N 174 
ILE HG23 H N N 175 
ILE HD11 H N N 176 
ILE HD12 H N N 177 
ILE HD13 H N N 178 
ILE HXT  H N N 179 
LEU N    N N N 180 
LEU CA   C N S 181 
LEU C    C N N 182 
LEU O    O N N 183 
LEU CB   C N N 184 
LEU CG   C N N 185 
LEU CD1  C N N 186 
LEU CD2  C N N 187 
LEU OXT  O N N 188 
LEU H    H N N 189 
LEU H2   H N N 190 
LEU HA   H N N 191 
LEU HB2  H N N 192 
LEU HB3  H N N 193 
LEU HG   H N N 194 
LEU HD11 H N N 195 
LEU HD12 H N N 196 
LEU HD13 H N N 197 
LEU HD21 H N N 198 
LEU HD22 H N N 199 
LEU HD23 H N N 200 
LEU HXT  H N N 201 
LYS N    N N N 202 
LYS CA   C N S 203 
LYS C    C N N 204 
LYS O    O N N 205 
LYS CB   C N N 206 
LYS CG   C N N 207 
LYS CD   C N N 208 
LYS CE   C N N 209 
LYS NZ   N N N 210 
LYS OXT  O N N 211 
LYS H    H N N 212 
LYS H2   H N N 213 
LYS HA   H N N 214 
LYS HB2  H N N 215 
LYS HB3  H N N 216 
LYS HG2  H N N 217 
LYS HG3  H N N 218 
LYS HD2  H N N 219 
LYS HD3  H N N 220 
LYS HE2  H N N 221 
LYS HE3  H N N 222 
LYS HZ1  H N N 223 
LYS HZ2  H N N 224 
LYS HZ3  H N N 225 
LYS HXT  H N N 226 
MET N    N N N 227 
MET CA   C N S 228 
MET C    C N N 229 
MET O    O N N 230 
MET CB   C N N 231 
MET CG   C N N 232 
MET SD   S N N 233 
MET CE   C N N 234 
MET OXT  O N N 235 
MET H    H N N 236 
MET H2   H N N 237 
MET HA   H N N 238 
MET HB2  H N N 239 
MET HB3  H N N 240 
MET HG2  H N N 241 
MET HG3  H N N 242 
MET HE1  H N N 243 
MET HE2  H N N 244 
MET HE3  H N N 245 
MET HXT  H N N 246 
PHE N    N N N 247 
PHE CA   C N S 248 
PHE C    C N N 249 
PHE O    O N N 250 
PHE CB   C N N 251 
PHE CG   C Y N 252 
PHE CD1  C Y N 253 
PHE CD2  C Y N 254 
PHE CE1  C Y N 255 
PHE CE2  C Y N 256 
PHE CZ   C Y N 257 
PHE OXT  O N N 258 
PHE H    H N N 259 
PHE H2   H N N 260 
PHE HA   H N N 261 
PHE HB2  H N N 262 
PHE HB3  H N N 263 
PHE HD1  H N N 264 
PHE HD2  H N N 265 
PHE HE1  H N N 266 
PHE HE2  H N N 267 
PHE HZ   H N N 268 
PHE HXT  H N N 269 
PRO N    N N N 270 
PRO CA   C N S 271 
PRO C    C N N 272 
PRO O    O N N 273 
PRO CB   C N N 274 
PRO CG   C N N 275 
PRO CD   C N N 276 
PRO OXT  O N N 277 
PRO H    H N N 278 
PRO HA   H N N 279 
PRO HB2  H N N 280 
PRO HB3  H N N 281 
PRO HG2  H N N 282 
PRO HG3  H N N 283 
PRO HD2  H N N 284 
PRO HD3  H N N 285 
PRO HXT  H N N 286 
SER N    N N N 287 
SER CA   C N S 288 
SER C    C N N 289 
SER O    O N N 290 
SER CB   C N N 291 
SER OG   O N N 292 
SER OXT  O N N 293 
SER H    H N N 294 
SER H2   H N N 295 
SER HA   H N N 296 
SER HB2  H N N 297 
SER HB3  H N N 298 
SER HG   H N N 299 
SER HXT  H N N 300 
THR N    N N N 301 
THR CA   C N S 302 
THR C    C N N 303 
THR O    O N N 304 
THR CB   C N R 305 
THR OG1  O N N 306 
THR CG2  C N N 307 
THR OXT  O N N 308 
THR H    H N N 309 
THR H2   H N N 310 
THR HA   H N N 311 
THR HB   H N N 312 
THR HG1  H N N 313 
THR HG21 H N N 314 
THR HG22 H N N 315 
THR HG23 H N N 316 
THR HXT  H N N 317 
TRP N    N N N 318 
TRP CA   C N S 319 
TRP C    C N N 320 
TRP O    O N N 321 
TRP CB   C N N 322 
TRP CG   C Y N 323 
TRP CD1  C Y N 324 
TRP CD2  C Y N 325 
TRP NE1  N Y N 326 
TRP CE2  C Y N 327 
TRP CE3  C Y N 328 
TRP CZ2  C Y N 329 
TRP CZ3  C Y N 330 
TRP CH2  C Y N 331 
TRP OXT  O N N 332 
TRP H    H N N 333 
TRP H2   H N N 334 
TRP HA   H N N 335 
TRP HB2  H N N 336 
TRP HB3  H N N 337 
TRP HD1  H N N 338 
TRP HE1  H N N 339 
TRP HE3  H N N 340 
TRP HZ2  H N N 341 
TRP HZ3  H N N 342 
TRP HH2  H N N 343 
TRP HXT  H N N 344 
TYR N    N N N 345 
TYR CA   C N S 346 
TYR C    C N N 347 
TYR O    O N N 348 
TYR CB   C N N 349 
TYR CG   C Y N 350 
TYR CD1  C Y N 351 
TYR CD2  C Y N 352 
TYR CE1  C Y N 353 
TYR CE2  C Y N 354 
TYR CZ   C Y N 355 
TYR OH   O N N 356 
TYR OXT  O N N 357 
TYR H    H N N 358 
TYR H2   H N N 359 
TYR HA   H N N 360 
TYR HB2  H N N 361 
TYR HB3  H N N 362 
TYR HD1  H N N 363 
TYR HD2  H N N 364 
TYR HE1  H N N 365 
TYR HE2  H N N 366 
TYR HH   H N N 367 
TYR HXT  H N N 368 
VAL N    N N N 369 
VAL CA   C N S 370 
VAL C    C N N 371 
VAL O    O N N 372 
VAL CB   C N N 373 
VAL CG1  C N N 374 
VAL CG2  C N N 375 
VAL OXT  O N N 376 
VAL H    H N N 377 
VAL H2   H N N 378 
VAL HA   H N N 379 
VAL HB   H N N 380 
VAL HG11 H N N 381 
VAL HG12 H N N 382 
VAL HG13 H N N 383 
VAL HG21 H N N 384 
VAL HG22 H N N 385 
VAL HG23 H N N 386 
VAL HXT  H N N 387 
# 
loop_
_chem_comp_bond.comp_id 
_chem_comp_bond.atom_id_1 
_chem_comp_bond.atom_id_2 
_chem_comp_bond.value_order 
_chem_comp_bond.pdbx_aromatic_flag 
_chem_comp_bond.pdbx_stereo_config 
_chem_comp_bond.pdbx_ordinal 
ALA N   CA   sing N N 1   
ALA N   H    sing N N 2   
ALA N   H2   sing N N 3   
ALA CA  C    sing N N 4   
ALA CA  CB   sing N N 5   
ALA CA  HA   sing N N 6   
ALA C   O    doub N N 7   
ALA C   OXT  sing N N 8   
ALA CB  HB1  sing N N 9   
ALA CB  HB2  sing N N 10  
ALA CB  HB3  sing N N 11  
ALA OXT HXT  sing N N 12  
ARG N   CA   sing N N 13  
ARG N   H    sing N N 14  
ARG N   H2   sing N N 15  
ARG CA  C    sing N N 16  
ARG CA  CB   sing N N 17  
ARG CA  HA   sing N N 18  
ARG C   O    doub N N 19  
ARG C   OXT  sing N N 20  
ARG CB  CG   sing N N 21  
ARG CB  HB2  sing N N 22  
ARG CB  HB3  sing N N 23  
ARG CG  CD   sing N N 24  
ARG CG  HG2  sing N N 25  
ARG CG  HG3  sing N N 26  
ARG CD  NE   sing N N 27  
ARG CD  HD2  sing N N 28  
ARG CD  HD3  sing N N 29  
ARG NE  CZ   sing N N 30  
ARG NE  HE   sing N N 31  
ARG CZ  NH1  sing N N 32  
ARG CZ  NH2  doub N N 33  
ARG NH1 HH11 sing N N 34  
ARG NH1 HH12 sing N N 35  
ARG NH2 HH21 sing N N 36  
ARG NH2 HH22 sing N N 37  
ARG OXT HXT  sing N N 38  
ASN N   CA   sing N N 39  
ASN N   H    sing N N 40  
ASN N   H2   sing N N 41  
ASN CA  C    sing N N 42  
ASN CA  CB   sing N N 43  
ASN CA  HA   sing N N 44  
ASN C   O    doub N N 45  
ASN C   OXT  sing N N 46  
ASN CB  CG   sing N N 47  
ASN CB  HB2  sing N N 48  
ASN CB  HB3  sing N N 49  
ASN CG  OD1  doub N N 50  
ASN CG  ND2  sing N N 51  
ASN ND2 HD21 sing N N 52  
ASN ND2 HD22 sing N N 53  
ASN OXT HXT  sing N N 54  
ASP N   CA   sing N N 55  
ASP N   H    sing N N 56  
ASP N   H2   sing N N 57  
ASP CA  C    sing N N 58  
ASP CA  CB   sing N N 59  
ASP CA  HA   sing N N 60  
ASP C   O    doub N N 61  
ASP C   OXT  sing N N 62  
ASP CB  CG   sing N N 63  
ASP CB  HB2  sing N N 64  
ASP CB  HB3  sing N N 65  
ASP CG  OD1  doub N N 66  
ASP CG  OD2  sing N N 67  
ASP OD2 HD2  sing N N 68  
ASP OXT HXT  sing N N 69  
CYS N   CA   sing N N 70  
CYS N   H    sing N N 71  
CYS N   H2   sing N N 72  
CYS CA  C    sing N N 73  
CYS CA  CB   sing N N 74  
CYS CA  HA   sing N N 75  
CYS C   O    doub N N 76  
CYS C   OXT  sing N N 77  
CYS CB  SG   sing N N 78  
CYS CB  HB2  sing N N 79  
CYS CB  HB3  sing N N 80  
CYS SG  HG   sing N N 81  
CYS OXT HXT  sing N N 82  
GLN N   CA   sing N N 83  
GLN N   H    sing N N 84  
GLN N   H2   sing N N 85  
GLN CA  C    sing N N 86  
GLN CA  CB   sing N N 87  
GLN CA  HA   sing N N 88  
GLN C   O    doub N N 89  
GLN C   OXT  sing N N 90  
GLN CB  CG   sing N N 91  
GLN CB  HB2  sing N N 92  
GLN CB  HB3  sing N N 93  
GLN CG  CD   sing N N 94  
GLN CG  HG2  sing N N 95  
GLN CG  HG3  sing N N 96  
GLN CD  OE1  doub N N 97  
GLN CD  NE2  sing N N 98  
GLN NE2 HE21 sing N N 99  
GLN NE2 HE22 sing N N 100 
GLN OXT HXT  sing N N 101 
GLU N   CA   sing N N 102 
GLU N   H    sing N N 103 
GLU N   H2   sing N N 104 
GLU CA  C    sing N N 105 
GLU CA  CB   sing N N 106 
GLU CA  HA   sing N N 107 
GLU C   O    doub N N 108 
GLU C   OXT  sing N N 109 
GLU CB  CG   sing N N 110 
GLU CB  HB2  sing N N 111 
GLU CB  HB3  sing N N 112 
GLU CG  CD   sing N N 113 
GLU CG  HG2  sing N N 114 
GLU CG  HG3  sing N N 115 
GLU CD  OE1  doub N N 116 
GLU CD  OE2  sing N N 117 
GLU OE2 HE2  sing N N 118 
GLU OXT HXT  sing N N 119 
GLY N   CA   sing N N 120 
GLY N   H    sing N N 121 
GLY N   H2   sing N N 122 
GLY CA  C    sing N N 123 
GLY CA  HA2  sing N N 124 
GLY CA  HA3  sing N N 125 
GLY C   O    doub N N 126 
GLY C   OXT  sing N N 127 
GLY OXT HXT  sing N N 128 
HIS N   CA   sing N N 129 
HIS N   H    sing N N 130 
HIS N   H2   sing N N 131 
HIS CA  C    sing N N 132 
HIS CA  CB   sing N N 133 
HIS CA  HA   sing N N 134 
HIS C   O    doub N N 135 
HIS C   OXT  sing N N 136 
HIS CB  CG   sing N N 137 
HIS CB  HB2  sing N N 138 
HIS CB  HB3  sing N N 139 
HIS CG  ND1  sing Y N 140 
HIS CG  CD2  doub Y N 141 
HIS ND1 CE1  doub Y N 142 
HIS ND1 HD1  sing N N 143 
HIS CD2 NE2  sing Y N 144 
HIS CD2 HD2  sing N N 145 
HIS CE1 NE2  sing Y N 146 
HIS CE1 HE1  sing N N 147 
HIS NE2 HE2  sing N N 148 
HIS OXT HXT  sing N N 149 
ILE N   CA   sing N N 150 
ILE N   H    sing N N 151 
ILE N   H2   sing N N 152 
ILE CA  C    sing N N 153 
ILE CA  CB   sing N N 154 
ILE CA  HA   sing N N 155 
ILE C   O    doub N N 156 
ILE C   OXT  sing N N 157 
ILE CB  CG1  sing N N 158 
ILE CB  CG2  sing N N 159 
ILE CB  HB   sing N N 160 
ILE CG1 CD1  sing N N 161 
ILE CG1 HG12 sing N N 162 
ILE CG1 HG13 sing N N 163 
ILE CG2 HG21 sing N N 164 
ILE CG2 HG22 sing N N 165 
ILE CG2 HG23 sing N N 166 
ILE CD1 HD11 sing N N 167 
ILE CD1 HD12 sing N N 168 
ILE CD1 HD13 sing N N 169 
ILE OXT HXT  sing N N 170 
LEU N   CA   sing N N 171 
LEU N   H    sing N N 172 
LEU N   H2   sing N N 173 
LEU CA  C    sing N N 174 
LEU CA  CB   sing N N 175 
LEU CA  HA   sing N N 176 
LEU C   O    doub N N 177 
LEU C   OXT  sing N N 178 
LEU CB  CG   sing N N 179 
LEU CB  HB2  sing N N 180 
LEU CB  HB3  sing N N 181 
LEU CG  CD1  sing N N 182 
LEU CG  CD2  sing N N 183 
LEU CG  HG   sing N N 184 
LEU CD1 HD11 sing N N 185 
LEU CD1 HD12 sing N N 186 
LEU CD1 HD13 sing N N 187 
LEU CD2 HD21 sing N N 188 
LEU CD2 HD22 sing N N 189 
LEU CD2 HD23 sing N N 190 
LEU OXT HXT  sing N N 191 
LYS N   CA   sing N N 192 
LYS N   H    sing N N 193 
LYS N   H2   sing N N 194 
LYS CA  C    sing N N 195 
LYS CA  CB   sing N N 196 
LYS CA  HA   sing N N 197 
LYS C   O    doub N N 198 
LYS C   OXT  sing N N 199 
LYS CB  CG   sing N N 200 
LYS CB  HB2  sing N N 201 
LYS CB  HB3  sing N N 202 
LYS CG  CD   sing N N 203 
LYS CG  HG2  sing N N 204 
LYS CG  HG3  sing N N 205 
LYS CD  CE   sing N N 206 
LYS CD  HD2  sing N N 207 
LYS CD  HD3  sing N N 208 
LYS CE  NZ   sing N N 209 
LYS CE  HE2  sing N N 210 
LYS CE  HE3  sing N N 211 
LYS NZ  HZ1  sing N N 212 
LYS NZ  HZ2  sing N N 213 
LYS NZ  HZ3  sing N N 214 
LYS OXT HXT  sing N N 215 
MET N   CA   sing N N 216 
MET N   H    sing N N 217 
MET N   H2   sing N N 218 
MET CA  C    sing N N 219 
MET CA  CB   sing N N 220 
MET CA  HA   sing N N 221 
MET C   O    doub N N 222 
MET C   OXT  sing N N 223 
MET CB  CG   sing N N 224 
MET CB  HB2  sing N N 225 
MET CB  HB3  sing N N 226 
MET CG  SD   sing N N 227 
MET CG  HG2  sing N N 228 
MET CG  HG3  sing N N 229 
MET SD  CE   sing N N 230 
MET CE  HE1  sing N N 231 
MET CE  HE2  sing N N 232 
MET CE  HE3  sing N N 233 
MET OXT HXT  sing N N 234 
PHE N   CA   sing N N 235 
PHE N   H    sing N N 236 
PHE N   H2   sing N N 237 
PHE CA  C    sing N N 238 
PHE CA  CB   sing N N 239 
PHE CA  HA   sing N N 240 
PHE C   O    doub N N 241 
PHE C   OXT  sing N N 242 
PHE CB  CG   sing N N 243 
PHE CB  HB2  sing N N 244 
PHE CB  HB3  sing N N 245 
PHE CG  CD1  doub Y N 246 
PHE CG  CD2  sing Y N 247 
PHE CD1 CE1  sing Y N 248 
PHE CD1 HD1  sing N N 249 
PHE CD2 CE2  doub Y N 250 
PHE CD2 HD2  sing N N 251 
PHE CE1 CZ   doub Y N 252 
PHE CE1 HE1  sing N N 253 
PHE CE2 CZ   sing Y N 254 
PHE CE2 HE2  sing N N 255 
PHE CZ  HZ   sing N N 256 
PHE OXT HXT  sing N N 257 
PRO N   CA   sing N N 258 
PRO N   CD   sing N N 259 
PRO N   H    sing N N 260 
PRO CA  C    sing N N 261 
PRO CA  CB   sing N N 262 
PRO CA  HA   sing N N 263 
PRO C   O    doub N N 264 
PRO C   OXT  sing N N 265 
PRO CB  CG   sing N N 266 
PRO CB  HB2  sing N N 267 
PRO CB  HB3  sing N N 268 
PRO CG  CD   sing N N 269 
PRO CG  HG2  sing N N 270 
PRO CG  HG3  sing N N 271 
PRO CD  HD2  sing N N 272 
PRO CD  HD3  sing N N 273 
PRO OXT HXT  sing N N 274 
SER N   CA   sing N N 275 
SER N   H    sing N N 276 
SER N   H2   sing N N 277 
SER CA  C    sing N N 278 
SER CA  CB   sing N N 279 
SER CA  HA   sing N N 280 
SER C   O    doub N N 281 
SER C   OXT  sing N N 282 
SER CB  OG   sing N N 283 
SER CB  HB2  sing N N 284 
SER CB  HB3  sing N N 285 
SER OG  HG   sing N N 286 
SER OXT HXT  sing N N 287 
THR N   CA   sing N N 288 
THR N   H    sing N N 289 
THR N   H2   sing N N 290 
THR CA  C    sing N N 291 
THR CA  CB   sing N N 292 
THR CA  HA   sing N N 293 
THR C   O    doub N N 294 
THR C   OXT  sing N N 295 
THR CB  OG1  sing N N 296 
THR CB  CG2  sing N N 297 
THR CB  HB   sing N N 298 
THR OG1 HG1  sing N N 299 
THR CG2 HG21 sing N N 300 
THR CG2 HG22 sing N N 301 
THR CG2 HG23 sing N N 302 
THR OXT HXT  sing N N 303 
TRP N   CA   sing N N 304 
TRP N   H    sing N N 305 
TRP N   H2   sing N N 306 
TRP CA  C    sing N N 307 
TRP CA  CB   sing N N 308 
TRP CA  HA   sing N N 309 
TRP C   O    doub N N 310 
TRP C   OXT  sing N N 311 
TRP CB  CG   sing N N 312 
TRP CB  HB2  sing N N 313 
TRP CB  HB3  sing N N 314 
TRP CG  CD1  doub Y N 315 
TRP CG  CD2  sing Y N 316 
TRP CD1 NE1  sing Y N 317 
TRP CD1 HD1  sing N N 318 
TRP CD2 CE2  doub Y N 319 
TRP CD2 CE3  sing Y N 320 
TRP NE1 CE2  sing Y N 321 
TRP NE1 HE1  sing N N 322 
TRP CE2 CZ2  sing Y N 323 
TRP CE3 CZ3  doub Y N 324 
TRP CE3 HE3  sing N N 325 
TRP CZ2 CH2  doub Y N 326 
TRP CZ2 HZ2  sing N N 327 
TRP CZ3 CH2  sing Y N 328 
TRP CZ3 HZ3  sing N N 329 
TRP CH2 HH2  sing N N 330 
TRP OXT HXT  sing N N 331 
TYR N   CA   sing N N 332 
TYR N   H    sing N N 333 
TYR N   H2   sing N N 334 
TYR CA  C    sing N N 335 
TYR CA  CB   sing N N 336 
TYR CA  HA   sing N N 337 
TYR C   O    doub N N 338 
TYR C   OXT  sing N N 339 
TYR CB  CG   sing N N 340 
TYR CB  HB2  sing N N 341 
TYR CB  HB3  sing N N 342 
TYR CG  CD1  doub Y N 343 
TYR CG  CD2  sing Y N 344 
TYR CD1 CE1  sing Y N 345 
TYR CD1 HD1  sing N N 346 
TYR CD2 CE2  doub Y N 347 
TYR CD2 HD2  sing N N 348 
TYR CE1 CZ   doub Y N 349 
TYR CE1 HE1  sing N N 350 
TYR CE2 CZ   sing Y N 351 
TYR CE2 HE2  sing N N 352 
TYR CZ  OH   sing N N 353 
TYR OH  HH   sing N N 354 
TYR OXT HXT  sing N N 355 
VAL N   CA   sing N N 356 
VAL N   H    sing N N 357 
VAL N   H2   sing N N 358 
VAL CA  C    sing N N 359 
VAL CA  CB   sing N N 360 
VAL CA  HA   sing N N 361 
VAL C   O    doub N N 362 
VAL C   OXT  sing N N 363 
VAL CB  CG1  sing N N 364 
VAL CB  CG2  sing N N 365 
VAL CB  HB   sing N N 366 
VAL CG1 HG11 sing N N 367 
VAL CG1 HG12 sing N N 368 
VAL CG1 HG13 sing N N 369 
VAL CG2 HG21 sing N N 370 
VAL CG2 HG22 sing N N 371 
VAL CG2 HG23 sing N N 372 
VAL OXT HXT  sing N N 373 
# 
_atom_sites.entry_id                    1FBR 
_atom_sites.fract_transf_matrix[1][1]   1.000000 
_atom_sites.fract_transf_matrix[1][2]   0.000000 
_atom_sites.fract_transf_matrix[1][3]   0.000000 
_atom_sites.fract_transf_matrix[2][1]   0.000000 
_atom_sites.fract_transf_matrix[2][2]   1.000000 
_atom_sites.fract_transf_matrix[2][3]   0.000000 
_atom_sites.fract_transf_matrix[3][1]   0.000000 
_atom_sites.fract_transf_matrix[3][2]   0.000000 
_atom_sites.fract_transf_matrix[3][3]   1.000000 
_atom_sites.fract_transf_vector[1]      0.00000 
_atom_sites.fract_transf_vector[2]      0.00000 
_atom_sites.fract_transf_vector[3]      0.00000 
# 
loop_
_atom_type.symbol 
C 
H 
N 
O 
S 
# 
loop_
_atom_site.group_PDB 
_atom_site.id 
_atom_site.type_symbol 
_atom_site.label_atom_id 
_atom_site.label_alt_id 
_atom_site.label_comp_id 
_atom_site.label_asym_id 
_atom_site.label_entity_id 
_atom_site.label_seq_id 
_atom_site.pdbx_PDB_ins_code 
_atom_site.Cartn_x 
_atom_site.Cartn_y 
_atom_site.Cartn_z 
_atom_site.occupancy 
_atom_site.B_iso_or_equiv 
_atom_site.pdbx_formal_charge 
_atom_site.auth_seq_id 
_atom_site.auth_comp_id 
_atom_site.auth_asym_id 
_atom_site.auth_atom_id 
_atom_site.pdbx_PDB_model_num 
ATOM 1    N N    . ALA A 1 1  ? -4.571  -20.048 -18.866 1.00 3.82 ? 1  ALA A N    1 
ATOM 2    C CA   . ALA A 1 1  ? -4.818  -19.287 -17.608 1.00 3.55 ? 1  ALA A CA   1 
ATOM 3    C C    . ALA A 1 1  ? -3.533  -19.240 -16.776 1.00 3.32 ? 1  ALA A C    1 
ATOM 4    O O    . ALA A 1 1  ? -3.338  -20.032 -15.875 1.00 3.41 ? 1  ALA A O    1 
ATOM 5    C CB   . ALA A 1 1  ? -5.921  -19.981 -16.804 1.00 3.73 ? 1  ALA A CB   1 
ATOM 6    H H1   . ALA A 1 1  ? -3.749  -19.642 -19.360 1.00 3.95 ? 1  ALA A H1   1 
ATOM 7    H H2   . ALA A 1 1  ? -4.381  -21.044 -18.638 1.00 4.04 ? 1  ALA A H2   1 
ATOM 8    H H3   . ALA A 1 1  ? -5.409  -19.988 -19.478 1.00 4.01 ? 1  ALA A H3   1 
ATOM 9    H HA   . ALA A 1 1  ? -5.128  -18.282 -17.850 1.00 3.58 ? 1  ALA A HA   1 
ATOM 10   H HB1  . ALA A 1 1  ? -6.415  -20.711 -17.426 1.00 3.95 ? 1  ALA A HB1  1 
ATOM 11   H HB2  . ALA A 1 1  ? -5.486  -20.474 -15.946 1.00 3.92 ? 1  ALA A HB2  1 
ATOM 12   H HB3  . ALA A 1 1  ? -6.640  -19.247 -16.471 1.00 3.87 ? 1  ALA A HB3  1 
ATOM 13   N N    . GLU A 1 2  ? -2.654  -18.319 -17.068 1.00 3.12 ? 2  GLU A N    1 
ATOM 14   C CA   . GLU A 1 2  ? -1.386  -18.228 -16.288 1.00 2.99 ? 2  GLU A CA   1 
ATOM 15   C C    . GLU A 1 2  ? -1.696  -17.719 -14.877 1.00 2.65 ? 2  GLU A C    1 
ATOM 16   O O    . GLU A 1 2  ? -2.142  -16.605 -14.693 1.00 2.42 ? 2  GLU A O    1 
ATOM 17   C CB   . GLU A 1 2  ? -0.424  -17.261 -16.985 1.00 2.99 ? 2  GLU A CB   1 
ATOM 18   C CG   . GLU A 1 2  ? 0.965   -17.899 -17.069 1.00 3.21 ? 2  GLU A CG   1 
ATOM 19   C CD   . GLU A 1 2  ? 1.870   -17.045 -17.961 1.00 3.32 ? 2  GLU A CD   1 
ATOM 20   O OE1  . GLU A 1 2  ? 2.431   -16.087 -17.456 1.00 3.56 ? 2  GLU A OE1  1 
ATOM 21   O OE2  . GLU A 1 2  ? 1.987   -17.367 -19.132 1.00 3.73 ? 2  GLU A OE2  1 
ATOM 22   H H    . GLU A 1 2  ? -2.828  -17.689 -17.798 1.00 3.14 ? 2  GLU A H    1 
ATOM 23   H HA   . GLU A 1 2  ? -0.932  -19.205 -16.226 1.00 3.23 ? 2  GLU A HA   1 
ATOM 24   H HB2  . GLU A 1 2  ? -0.785  -17.049 -17.981 1.00 3.15 ? 2  GLU A HB2  1 
ATOM 25   H HB3  . GLU A 1 2  ? -0.363  -16.344 -16.420 1.00 3.16 ? 2  GLU A HB3  1 
ATOM 26   H HG2  . GLU A 1 2  ? 1.392   -17.963 -16.078 1.00 3.72 ? 2  GLU A HG2  1 
ATOM 27   H HG3  . GLU A 1 2  ? 0.882   -18.890 -17.489 1.00 3.42 ? 2  GLU A HG3  1 
ATOM 28   N N    . LYS A 1 3  ? -1.470  -18.532 -13.880 1.00 2.69 ? 3  LYS A N    1 
ATOM 29   C CA   . LYS A 1 3  ? -1.759  -18.098 -12.483 1.00 2.39 ? 3  LYS A CA   1 
ATOM 30   C C    . LYS A 1 3  ? -0.556  -17.337 -11.917 1.00 2.15 ? 3  LYS A C    1 
ATOM 31   O O    . LYS A 1 3  ? 0.564   -17.510 -12.357 1.00 2.35 ? 3  LYS A O    1 
ATOM 32   C CB   . LYS A 1 3  ? -2.042  -19.330 -11.619 1.00 2.48 ? 3  LYS A CB   1 
ATOM 33   C CG   . LYS A 1 3  ? -3.343  -19.990 -12.088 1.00 2.78 ? 3  LYS A CG   1 
ATOM 34   C CD   . LYS A 1 3  ? -3.367  -21.456 -11.647 1.00 2.91 ? 3  LYS A CD   1 
ATOM 35   C CE   . LYS A 1 3  ? -4.547  -21.683 -10.699 1.00 3.26 ? 3  LYS A CE   1 
ATOM 36   N NZ   . LYS A 1 3  ? -4.697  -23.140 -10.429 1.00 3.36 ? 3  LYS A NZ   1 
ATOM 37   H H    . LYS A 1 3  ? -1.115  -19.429 -14.051 1.00 2.95 ? 3  LYS A H    1 
ATOM 38   H HA   . LYS A 1 3  ? -2.625  -17.453 -12.479 1.00 2.34 ? 3  LYS A HA   1 
ATOM 39   H HB2  . LYS A 1 3  ? -1.226  -20.031 -11.714 1.00 2.60 ? 3  LYS A HB2  1 
ATOM 40   H HB3  . LYS A 1 3  ? -2.144  -19.031 -10.587 1.00 2.42 ? 3  LYS A HB3  1 
ATOM 41   H HG2  . LYS A 1 3  ? -4.185  -19.469 -11.654 1.00 2.95 ? 3  LYS A HG2  1 
ATOM 42   H HG3  . LYS A 1 3  ? -3.404  -19.938 -13.164 1.00 2.99 ? 3  LYS A HG3  1 
ATOM 43   H HD2  . LYS A 1 3  ? -3.475  -22.091 -12.515 1.00 3.29 ? 3  LYS A HD2  1 
ATOM 44   H HD3  . LYS A 1 3  ? -2.447  -21.695 -11.137 1.00 2.97 ? 3  LYS A HD3  1 
ATOM 45   H HE2  . LYS A 1 3  ? -4.368  -21.162 -9.771  1.00 3.56 ? 3  LYS A HE2  1 
ATOM 46   H HE3  . LYS A 1 3  ? -5.451  -21.307 -11.155 1.00 3.75 ? 3  LYS A HE3  1 
ATOM 47   H HZ1  . LYS A 1 3  ? -4.300  -23.683 -11.221 1.00 3.75 ? 3  LYS A HZ1  1 
ATOM 48   H HZ2  . LYS A 1 3  ? -4.193  -23.384 -9.552  1.00 3.61 ? 3  LYS A HZ2  1 
ATOM 49   H HZ3  . LYS A 1 3  ? -5.705  -23.373 -10.325 1.00 3.32 ? 3  LYS A HZ3  1 
ATOM 50   N N    . CYS A 1 4  ? -0.780  -16.489 -10.946 1.00 1.84 ? 4  CYS A N    1 
ATOM 51   C CA   . CYS A 1 4  ? 0.346   -15.711 -10.353 1.00 1.63 ? 4  CYS A CA   1 
ATOM 52   C C    . CYS A 1 4  ? 0.485   -16.054 -8.868  1.00 1.50 ? 4  CYS A C    1 
ATOM 53   O O    . CYS A 1 4  ? 0.300   -15.216 -8.009  1.00 1.31 ? 4  CYS A O    1 
ATOM 54   C CB   . CYS A 1 4  ? 0.059   -14.215 -10.501 1.00 1.50 ? 4  CYS A CB   1 
ATOM 55   S SG   . CYS A 1 4  ? 0.486   -13.682 -12.176 1.00 1.76 ? 4  CYS A SG   1 
ATOM 56   H H    . CYS A 1 4  ? -1.692  -16.363 -10.609 1.00 1.84 ? 4  CYS A H    1 
ATOM 57   H HA   . CYS A 1 4  ? 1.262   -15.954 -10.868 1.00 1.79 ? 4  CYS A HA   1 
ATOM 58   H HB2  . CYS A 1 4  ? -0.989  -14.032 -10.322 1.00 1.51 ? 4  CYS A HB2  1 
ATOM 59   H HB3  . CYS A 1 4  ? 0.647   -13.660 -9.785  1.00 1.40 ? 4  CYS A HB3  1 
ATOM 60   N N    . PHE A 1 5  ? 0.810   -17.278 -8.558  1.00 1.76 ? 5  PHE A N    1 
ATOM 61   C CA   . PHE A 1 5  ? 0.959   -17.671 -7.128  1.00 1.89 ? 5  PHE A CA   1 
ATOM 62   C C    . PHE A 1 5  ? 1.830   -16.649 -6.394  1.00 1.68 ? 5  PHE A C    1 
ATOM 63   O O    . PHE A 1 5  ? 2.941   -16.366 -6.795  1.00 1.83 ? 5  PHE A O    1 
ATOM 64   C CB   . PHE A 1 5  ? 1.620   -19.047 -7.046  1.00 2.44 ? 5  PHE A CB   1 
ATOM 65   C CG   . PHE A 1 5  ? 0.678   -20.017 -6.377  1.00 2.12 ? 5  PHE A CG   1 
ATOM 66   C CD1  . PHE A 1 5  ? 0.540   -20.006 -4.983  1.00 2.57 ? 5  PHE A CD1  1 
ATOM 67   C CD2  . PHE A 1 5  ? -0.062  -20.924 -7.146  1.00 2.33 ? 5  PHE A CD2  1 
ATOM 68   C CE1  . PHE A 1 5  ? -0.335  -20.902 -4.359  1.00 2.86 ? 5  PHE A CE1  1 
ATOM 69   C CE2  . PHE A 1 5  ? -0.937  -21.821 -6.520  1.00 2.70 ? 5  PHE A CE2  1 
ATOM 70   C CZ   . PHE A 1 5  ? -1.074  -21.809 -5.127  1.00 2.82 ? 5  PHE A CZ   1 
ATOM 71   H H    . PHE A 1 5  ? 0.955   -17.941 -9.264  1.00 1.95 ? 5  PHE A H    1 
ATOM 72   H HA   . PHE A 1 5  ? -0.014  -17.714 -6.663  1.00 1.93 ? 5  PHE A HA   1 
ATOM 73   H HB2  . PHE A 1 5  ? 1.853   -19.395 -8.042  1.00 3.10 ? 5  PHE A HB2  1 
ATOM 74   H HB3  . PHE A 1 5  ? 2.530   -18.974 -6.469  1.00 2.91 ? 5  PHE A HB3  1 
ATOM 75   H HD1  . PHE A 1 5  ? 1.111   -19.307 -4.391  1.00 3.16 ? 5  PHE A HD1  1 
ATOM 76   H HD2  . PHE A 1 5  ? 0.043   -20.933 -8.221  1.00 2.78 ? 5  PHE A HD2  1 
ATOM 77   H HE1  . PHE A 1 5  ? -0.440  -20.894 -3.285  1.00 3.55 ? 5  PHE A HE1  1 
ATOM 78   H HE2  . PHE A 1 5  ? -1.508  -22.521 -7.114  1.00 3.35 ? 5  PHE A HE2  1 
ATOM 79   H HZ   . PHE A 1 5  ? -1.749  -22.500 -4.646  1.00 3.37 ? 5  PHE A HZ   1 
ATOM 80   N N    . ASP A 1 6  ? 1.337   -16.097 -5.315  1.00 1.56 ? 6  ASP A N    1 
ATOM 81   C CA   . ASP A 1 6  ? 2.147   -15.103 -4.554  1.00 1.48 ? 6  ASP A CA   1 
ATOM 82   C C    . ASP A 1 6  ? 3.043   -15.839 -3.547  1.00 1.71 ? 6  ASP A C    1 
ATOM 83   O O    . ASP A 1 6  ? 3.783   -15.232 -2.804  1.00 2.39 ? 6  ASP A O    1 
ATOM 84   C CB   . ASP A 1 6  ? 1.217   -14.135 -3.817  1.00 1.37 ? 6  ASP A CB   1 
ATOM 85   C CG   . ASP A 1 6  ? 2.013   -12.912 -3.356  1.00 1.73 ? 6  ASP A CG   1 
ATOM 86   O OD1  . ASP A 1 6  ? 3.225   -13.020 -3.264  1.00 2.21 ? 6  ASP A OD1  1 
ATOM 87   O OD2  . ASP A 1 6  ? 1.398   -11.889 -3.104  1.00 2.21 ? 6  ASP A OD2  1 
ATOM 88   H H    . ASP A 1 6  ? 0.441   -16.343 -5.004  1.00 1.69 ? 6  ASP A H    1 
ATOM 89   H HA   . ASP A 1 6  ? 2.768   -14.548 -5.242  1.00 1.49 ? 6  ASP A HA   1 
ATOM 90   H HB2  . ASP A 1 6  ? 0.426   -13.820 -4.482  1.00 1.39 ? 6  ASP A HB2  1 
ATOM 91   H HB3  . ASP A 1 6  ? 0.788   -14.626 -2.961  1.00 1.40 ? 6  ASP A HB3  1 
ATOM 92   N N    . HIS A 1 7  ? 2.985   -17.148 -3.540  1.00 1.67 ? 7  HIS A N    1 
ATOM 93   C CA   . HIS A 1 7  ? 3.833   -17.961 -2.612  1.00 1.83 ? 7  HIS A CA   1 
ATOM 94   C C    . HIS A 1 7  ? 3.634   -17.536 -1.147  1.00 1.86 ? 7  HIS A C    1 
ATOM 95   O O    . HIS A 1 7  ? 2.882   -18.154 -0.419  1.00 1.90 ? 7  HIS A O    1 
ATOM 96   C CB   . HIS A 1 7  ? 5.307   -17.825 -3.010  1.00 2.03 ? 7  HIS A CB   1 
ATOM 97   C CG   . HIS A 1 7  ? 6.021   -19.111 -2.698  1.00 2.17 ? 7  HIS A CG   1 
ATOM 98   N ND1  . HIS A 1 7  ? 7.292   -19.388 -3.178  1.00 2.55 ? 7  HIS A ND1  1 
ATOM 99   C CD2  . HIS A 1 7  ? 5.654   -20.207 -1.955  1.00 2.83 ? 7  HIS A CD2  1 
ATOM 100  C CE1  . HIS A 1 7  ? 7.641   -20.605 -2.721  1.00 3.21 ? 7  HIS A CE1  1 
ATOM 101  N NE2  . HIS A 1 7  ? 6.678   -21.149 -1.971  1.00 3.53 ? 7  HIS A NE2  1 
ATOM 102  H H    . HIS A 1 7  ? 2.385   -17.605 -4.164  1.00 1.96 ? 7  HIS A H    1 
ATOM 103  H HA   . HIS A 1 7  ? 3.546   -18.998 -2.709  1.00 1.94 ? 7  HIS A HA   1 
ATOM 104  H HB2  . HIS A 1 7  ? 5.376   -17.623 -4.069  1.00 2.46 ? 7  HIS A HB2  1 
ATOM 105  H HB3  . HIS A 1 7  ? 5.764   -17.019 -2.461  1.00 2.42 ? 7  HIS A HB3  1 
ATOM 106  H HD1  . HIS A 1 7  ? 7.836   -18.804 -3.747  1.00 2.73 ? 7  HIS A HD1  1 
ATOM 107  H HD2  . HIS A 1 7  ? 4.712   -20.320 -1.439  1.00 3.13 ? 7  HIS A HD2  1 
ATOM 108  H HE1  . HIS A 1 7  ? 8.585   -21.085 -2.936  1.00 3.75 ? 7  HIS A HE1  1 
ATOM 109  N N    . ALA A 1 8  ? 4.302   -16.504 -0.695  1.00 2.02 ? 8  ALA A N    1 
ATOM 110  C CA   . ALA A 1 8  ? 4.138   -16.079 0.725   1.00 2.18 ? 8  ALA A CA   1 
ATOM 111  C C    . ALA A 1 8  ? 2.652   -16.025 1.066   1.00 2.19 ? 8  ALA A C    1 
ATOM 112  O O    . ALA A 1 8  ? 2.260   -16.130 2.210   1.00 2.36 ? 8  ALA A O    1 
ATOM 113  C CB   . ALA A 1 8  ? 4.759   -14.695 0.919   1.00 2.35 ? 8  ALA A CB   1 
ATOM 114  H H    . ALA A 1 8  ? 4.908   -16.015 -1.279  1.00 2.16 ? 8  ALA A H    1 
ATOM 115  H HA   . ALA A 1 8  ? 4.630   -16.789 1.372   1.00 2.28 ? 8  ALA A HA   1 
ATOM 116  H HB1  . ALA A 1 8  ? 4.824   -14.192 -0.034  1.00 2.34 ? 8  ALA A HB1  1 
ATOM 117  H HB2  . ALA A 1 8  ? 4.145   -14.116 1.592   1.00 2.77 ? 8  ALA A HB2  1 
ATOM 118  H HB3  . ALA A 1 8  ? 5.749   -14.801 1.338   1.00 2.65 ? 8  ALA A HB3  1 
ATOM 119  N N    . ALA A 1 9  ? 1.822   -15.861 0.076   1.00 2.11 ? 9  ALA A N    1 
ATOM 120  C CA   . ALA A 1 9  ? 0.357   -15.801 0.330   1.00 2.25 ? 9  ALA A CA   1 
ATOM 121  C C    . ALA A 1 9  ? -0.246  -17.199 0.188   1.00 2.29 ? 9  ALA A C    1 
ATOM 122  O O    . ALA A 1 9  ? -1.179  -17.558 0.881   1.00 2.61 ? 9  ALA A O    1 
ATOM 123  C CB   . ALA A 1 9  ? -0.290  -14.859 -0.685  1.00 2.24 ? 9  ALA A CB   1 
ATOM 124  H H    . ALA A 1 9  ? 2.165   -15.778 -0.839  1.00 2.03 ? 9  ALA A H    1 
ATOM 125  H HA   . ALA A 1 9  ? 0.179   -15.431 1.330   1.00 2.43 ? 9  ALA A HA   1 
ATOM 126  H HB1  . ALA A 1 9  ? 0.344   -13.997 -0.829  1.00 2.49 ? 9  ALA A HB1  1 
ATOM 127  H HB2  . ALA A 1 9  ? -0.417  -15.375 -1.625  1.00 2.36 ? 9  ALA A HB2  1 
ATOM 128  H HB3  . ALA A 1 9  ? -1.254  -14.538 -0.317  1.00 2.46 ? 9  ALA A HB3  1 
ATOM 129  N N    . GLY A 1 10 ? 0.276   -17.994 -0.705  1.00 2.15 ? 10 GLY A N    1 
ATOM 130  C CA   . GLY A 1 10 ? -0.265  -19.361 -0.892  1.00 2.29 ? 10 GLY A CA   1 
ATOM 131  C C    . GLY A 1 10 ? -1.562  -19.284 -1.694  1.00 2.35 ? 10 GLY A C    1 
ATOM 132  O O    . GLY A 1 10 ? -2.344  -20.213 -1.728  1.00 2.61 ? 10 GLY A O    1 
ATOM 133  H H    . GLY A 1 10 ? 1.021   -17.693 -1.250  1.00 2.07 ? 10 GLY A H    1 
ATOM 134  H HA2  . GLY A 1 10 ? 0.457   -19.965 -1.425  1.00 2.25 ? 10 GLY A HA2  1 
ATOM 135  H HA3  . GLY A 1 10 ? -0.460  -19.796 0.067   1.00 2.47 ? 10 GLY A HA3  1 
ATOM 136  N N    . THR A 1 11 ? -1.791  -18.177 -2.344  1.00 2.14 ? 11 THR A N    1 
ATOM 137  C CA   . THR A 1 11 ? -3.031  -18.024 -3.151  1.00 2.22 ? 11 THR A CA   1 
ATOM 138  C C    . THR A 1 11 ? -2.651  -17.725 -4.602  1.00 2.08 ? 11 THR A C    1 
ATOM 139  O O    . THR A 1 11 ? -1.684  -17.041 -4.872  1.00 2.02 ? 11 THR A O    1 
ATOM 140  C CB   . THR A 1 11 ? -3.864  -16.869 -2.591  1.00 2.19 ? 11 THR A CB   1 
ATOM 141  O OG1  . THR A 1 11 ? -3.143  -16.232 -1.546  1.00 2.35 ? 11 THR A OG1  1 
ATOM 142  C CG2  . THR A 1 11 ? -5.188  -17.408 -2.047  1.00 2.50 ? 11 THR A CG2  1 
ATOM 143  H H    . THR A 1 11 ? -1.142  -17.443 -2.301  1.00 1.97 ? 11 THR A H    1 
ATOM 144  H HA   . THR A 1 11 ? -3.605  -18.937 -3.109  1.00 2.47 ? 11 THR A HA   1 
ATOM 145  H HB   . THR A 1 11 ? -4.066  -16.155 -3.376  1.00 2.13 ? 11 THR A HB   1 
ATOM 146  H HG1  . THR A 1 11 ? -3.285  -16.733 -0.739  1.00 2.58 ? 11 THR A HG1  1 
ATOM 147  H HG21 . THR A 1 11 ? -5.525  -18.226 -2.666  1.00 2.59 ? 11 THR A HG21 1 
ATOM 148  H HG22 . THR A 1 11 ? -5.046  -17.757 -1.035  1.00 2.90 ? 11 THR A HG22 1 
ATOM 149  H HG23 . THR A 1 11 ? -5.927  -16.621 -2.056  1.00 2.88 ? 11 THR A HG23 1 
ATOM 150  N N    . SER A 1 12 ? -3.401  -18.235 -5.539  1.00 2.23 ? 12 SER A N    1 
ATOM 151  C CA   . SER A 1 12 ? -3.076  -17.983 -6.970  1.00 2.14 ? 12 SER A CA   1 
ATOM 152  C C    . SER A 1 12 ? -3.948  -16.843 -7.501  1.00 2.00 ? 12 SER A C    1 
ATOM 153  O O    . SER A 1 12 ? -4.900  -16.431 -6.869  1.00 2.09 ? 12 SER A O    1 
ATOM 154  C CB   . SER A 1 12 ? -3.345  -19.248 -7.783  1.00 2.45 ? 12 SER A CB   1 
ATOM 155  O OG   . SER A 1 12 ? -4.438  -19.953 -7.206  1.00 2.82 ? 12 SER A OG   1 
ATOM 156  H H    . SER A 1 12 ? -4.175  -18.787 -5.302  1.00 2.50 ? 12 SER A H    1 
ATOM 157  H HA   . SER A 1 12 ? -2.035  -17.711 -7.061  1.00 2.00 ? 12 SER A HA   1 
ATOM 158  H HB2  . SER A 1 12 ? -3.590  -18.983 -8.797  1.00 2.41 ? 12 SER A HB2  1 
ATOM 159  H HB3  . SER A 1 12 ? -2.460  -19.871 -7.779  1.00 2.54 ? 12 SER A HB3  1 
ATOM 160  H HG   . SER A 1 12 ? -5.188  -19.356 -7.170  1.00 2.96 ? 12 SER A HG   1 
ATOM 161  N N    . TYR A 1 13 ? -3.629  -16.334 -8.658  1.00 1.86 ? 13 TYR A N    1 
ATOM 162  C CA   . TYR A 1 13 ? -4.438  -15.221 -9.231  1.00 1.77 ? 13 TYR A CA   1 
ATOM 163  C C    . TYR A 1 13 ? -4.393  -15.295 -10.756 1.00 1.89 ? 13 TYR A C    1 
ATOM 164  O O    . TYR A 1 13 ? -3.501  -14.766 -11.389 1.00 1.84 ? 13 TYR A O    1 
ATOM 165  C CB   . TYR A 1 13 ? -3.869  -13.883 -8.758  1.00 1.48 ? 13 TYR A CB   1 
ATOM 166  C CG   . TYR A 1 13 ? -3.672  -13.933 -7.263  1.00 1.35 ? 13 TYR A CG   1 
ATOM 167  C CD1  . TYR A 1 13 ? -4.708  -13.540 -6.407  1.00 1.81 ? 13 TYR A CD1  1 
ATOM 168  C CD2  . TYR A 1 13 ? -2.457  -14.379 -6.731  1.00 1.73 ? 13 TYR A CD2  1 
ATOM 169  C CE1  . TYR A 1 13 ? -4.528  -13.592 -5.020  1.00 1.79 ? 13 TYR A CE1  1 
ATOM 170  C CE2  . TYR A 1 13 ? -2.277  -14.432 -5.344  1.00 1.80 ? 13 TYR A CE2  1 
ATOM 171  C CZ   . TYR A 1 13 ? -3.313  -14.039 -4.489  1.00 1.42 ? 13 TYR A CZ   1 
ATOM 172  O OH   . TYR A 1 13 ? -3.136  -14.092 -3.121  1.00 1.59 ? 13 TYR A OH   1 
ATOM 173  H H    . TYR A 1 13 ? -2.857  -16.682 -9.151  1.00 1.87 ? 13 TYR A H    1 
ATOM 174  H HA   . TYR A 1 13 ? -5.462  -15.313 -8.901  1.00 1.88 ? 13 TYR A HA   1 
ATOM 175  H HB2  . TYR A 1 13 ? -2.921  -13.703 -9.243  1.00 1.45 ? 13 TYR A HB2  1 
ATOM 176  H HB3  . TYR A 1 13 ? -4.559  -13.089 -9.005  1.00 1.52 ? 13 TYR A HB3  1 
ATOM 177  H HD1  . TYR A 1 13 ? -5.647  -13.196 -6.818  1.00 2.54 ? 13 TYR A HD1  1 
ATOM 178  H HD2  . TYR A 1 13 ? -1.657  -14.683 -7.391  1.00 2.39 ? 13 TYR A HD2  1 
ATOM 179  H HE1  . TYR A 1 13 ? -5.328  -13.289 -4.361  1.00 2.47 ? 13 TYR A HE1  1 
ATOM 180  H HE2  . TYR A 1 13 ? -1.339  -14.777 -4.933  1.00 2.53 ? 13 TYR A HE2  1 
ATOM 181  H HH   . TYR A 1 13 ? -2.643  -13.313 -2.855  1.00 2.01 ? 13 TYR A HH   1 
ATOM 182  N N    . VAL A 1 14 ? -5.354  -15.950 -11.346 1.00 2.12 ? 14 VAL A N    1 
ATOM 183  C CA   . VAL A 1 14 ? -5.385  -16.071 -12.828 1.00 2.31 ? 14 VAL A CA   1 
ATOM 184  C C    . VAL A 1 14 ? -5.009  -14.729 -13.462 1.00 2.18 ? 14 VAL A C    1 
ATOM 185  O O    . VAL A 1 14 ? -5.333  -13.678 -12.947 1.00 2.07 ? 14 VAL A O    1 
ATOM 186  C CB   . VAL A 1 14 ? -6.794  -16.470 -13.265 1.00 2.57 ? 14 VAL A CB   1 
ATOM 187  C CG1  . VAL A 1 14 ? -6.814  -16.705 -14.775 1.00 2.78 ? 14 VAL A CG1  1 
ATOM 188  C CG2  . VAL A 1 14 ? -7.202  -17.756 -12.544 1.00 2.83 ? 14 VAL A CG2  1 
ATOM 189  H H    . VAL A 1 14 ? -6.060  -16.367 -10.808 1.00 2.22 ? 14 VAL A H    1 
ATOM 190  H HA   . VAL A 1 14 ? -4.681  -16.828 -13.143 1.00 2.40 ? 14 VAL A HA   1 
ATOM 191  H HB   . VAL A 1 14 ? -7.486  -15.680 -13.015 1.00 2.47 ? 14 VAL A HB   1 
ATOM 192  H HG11 . VAL A 1 14 ? -6.485  -15.810 -15.282 1.00 2.93 ? 14 VAL A HG11 1 
ATOM 193  H HG12 . VAL A 1 14 ? -6.154  -17.523 -15.021 1.00 3.02 ? 14 VAL A HG12 1 
ATOM 194  H HG13 . VAL A 1 14 ? -7.820  -16.947 -15.087 1.00 3.08 ? 14 VAL A HG13 1 
ATOM 195  H HG21 . VAL A 1 14 ? -6.316  -18.299 -12.246 1.00 3.30 ? 14 VAL A HG21 1 
ATOM 196  H HG22 . VAL A 1 14 ? -7.783  -17.509 -11.668 1.00 2.97 ? 14 VAL A HG22 1 
ATOM 197  H HG23 . VAL A 1 14 ? -7.794  -18.371 -13.207 1.00 2.86 ? 14 VAL A HG23 1 
ATOM 198  N N    . VAL A 1 15 ? -4.324  -14.761 -14.575 1.00 2.34 ? 15 VAL A N    1 
ATOM 199  C CA   . VAL A 1 15 ? -3.919  -13.493 -15.246 1.00 2.31 ? 15 VAL A CA   1 
ATOM 200  C C    . VAL A 1 15 ? -5.071  -12.486 -15.194 1.00 2.29 ? 15 VAL A C    1 
ATOM 201  O O    . VAL A 1 15 ? -6.229  -12.848 -15.268 1.00 2.51 ? 15 VAL A O    1 
ATOM 202  C CB   . VAL A 1 15 ? -3.562  -13.783 -16.706 1.00 2.60 ? 15 VAL A CB   1 
ATOM 203  C CG1  . VAL A 1 15 ? -4.838  -14.085 -17.493 1.00 2.93 ? 15 VAL A CG1  1 
ATOM 204  C CG2  . VAL A 1 15 ? -2.869  -12.561 -17.315 1.00 2.62 ? 15 VAL A CG2  1 
ATOM 205  H H    . VAL A 1 15 ? -4.071  -15.620 -14.968 1.00 2.55 ? 15 VAL A H    1 
ATOM 206  H HA   . VAL A 1 15 ? -3.058  -13.082 -14.742 1.00 2.13 ? 15 VAL A HA   1 
ATOM 207  H HB   . VAL A 1 15 ? -2.901  -14.637 -16.752 1.00 2.67 ? 15 VAL A HB   1 
ATOM 208  H HG11 . VAL A 1 15 ? -5.505  -13.238 -17.437 1.00 3.33 ? 15 VAL A HG11 1 
ATOM 209  H HG12 . VAL A 1 15 ? -4.587  -14.278 -18.525 1.00 3.18 ? 15 VAL A HG12 1 
ATOM 210  H HG13 . VAL A 1 15 ? -5.324  -14.953 -17.072 1.00 3.05 ? 15 VAL A HG13 1 
ATOM 211  H HG21 . VAL A 1 15 ? -3.454  -11.677 -17.112 1.00 2.79 ? 15 VAL A HG21 1 
ATOM 212  H HG22 . VAL A 1 15 ? -1.887  -12.451 -16.878 1.00 2.71 ? 15 VAL A HG22 1 
ATOM 213  H HG23 . VAL A 1 15 ? -2.774  -12.696 -18.382 1.00 2.92 ? 15 VAL A HG23 1 
ATOM 214  N N    . GLY A 1 16 ? -4.763  -11.224 -15.067 1.00 2.10 ? 16 GLY A N    1 
ATOM 215  C CA   . GLY A 1 16 ? -5.839  -10.194 -15.012 1.00 2.10 ? 16 GLY A CA   1 
ATOM 216  C C    . GLY A 1 16 ? -6.571  -10.285 -13.671 1.00 1.92 ? 16 GLY A C    1 
ATOM 217  O O    . GLY A 1 16 ? -7.770  -10.104 -13.595 1.00 2.06 ? 16 GLY A O    1 
ATOM 218  H H    . GLY A 1 16 ? -3.822  -10.954 -15.010 1.00 2.01 ? 16 GLY A H    1 
ATOM 219  H HA2  . GLY A 1 16 ? -5.401  -9.211  -15.118 1.00 2.08 ? 16 GLY A HA2  1 
ATOM 220  H HA3  . GLY A 1 16 ? -6.542  -10.364 -15.813 1.00 2.30 ? 16 GLY A HA3  1 
ATOM 221  N N    . GLU A 1 17 ? -5.861  -10.565 -12.612 1.00 1.66 ? 17 GLU A N    1 
ATOM 222  C CA   . GLU A 1 17 ? -6.521  -10.667 -11.282 1.00 1.53 ? 17 GLU A CA   1 
ATOM 223  C C    . GLU A 1 17 ? -5.955  -9.595  -10.347 1.00 1.27 ? 17 GLU A C    1 
ATOM 224  O O    . GLU A 1 17 ? -4.982  -8.937  -10.657 1.00 1.26 ? 17 GLU A O    1 
ATOM 225  C CB   . GLU A 1 17 ? -6.253  -12.051 -10.690 1.00 1.56 ? 17 GLU A CB   1 
ATOM 226  C CG   . GLU A 1 17 ? -7.408  -12.991 -11.045 1.00 1.89 ? 17 GLU A CG   1 
ATOM 227  C CD   . GLU A 1 17 ? -8.473  -12.932 -9.949  1.00 2.17 ? 17 GLU A CD   1 
ATOM 228  O OE1  . GLU A 1 17 ? -9.204  -11.956 -9.914  1.00 2.68 ? 17 GLU A OE1  1 
ATOM 229  O OE2  . GLU A 1 17 ? -8.542  -13.865 -9.166  1.00 2.47 ? 17 GLU A OE2  1 
ATOM 230  H H    . GLU A 1 17 ? -4.897  -10.710 -12.690 1.00 1.60 ? 17 GLU A H    1 
ATOM 231  H HA   . GLU A 1 17 ? -7.585  -10.522 -11.394 1.00 1.68 ? 17 GLU A HA   1 
ATOM 232  H HB2  . GLU A 1 17 ? -5.331  -12.442 -11.095 1.00 1.53 ? 17 GLU A HB2  1 
ATOM 233  H HB3  . GLU A 1 17 ? -6.171  -11.973 -9.619  1.00 1.46 ? 17 GLU A HB3  1 
ATOM 234  H HG2  . GLU A 1 17 ? -7.840  -12.688 -11.987 1.00 2.09 ? 17 GLU A HG2  1 
ATOM 235  H HG3  . GLU A 1 17 ? -7.036  -14.002 -11.129 1.00 2.08 ? 17 GLU A HG3  1 
ATOM 236  N N    . THR A 1 18 ? -6.558  -9.415  -9.204  1.00 1.21 ? 18 THR A N    1 
ATOM 237  C CA   . THR A 1 18 ? -6.056  -8.388  -8.250  1.00 1.03 ? 18 THR A CA   1 
ATOM 238  C C    . THR A 1 18 ? -6.431  -8.797  -6.824  1.00 1.04 ? 18 THR A C    1 
ATOM 239  O O    . THR A 1 18 ? -7.558  -9.161  -6.549  1.00 1.24 ? 18 THR A O    1 
ATOM 240  C CB   . THR A 1 18 ? -6.688  -7.033  -8.582  1.00 1.14 ? 18 THR A CB   1 
ATOM 241  O OG1  . THR A 1 18 ? -6.661  -6.837  -9.991  1.00 1.33 ? 18 THR A OG1  1 
ATOM 242  C CG2  . THR A 1 18 ? -5.899  -5.916  -7.897  1.00 1.33 ? 18 THR A CG2  1 
ATOM 243  H H    . THR A 1 18 ? -7.341  -9.957  -8.974  1.00 1.36 ? 18 THR A H    1 
ATOM 244  H HA   . THR A 1 18 ? -4.980  -8.314  -8.331  1.00 0.91 ? 18 THR A HA   1 
ATOM 245  H HB   . THR A 1 18 ? -7.708  -7.014  -8.235  1.00 1.36 ? 18 THR A HB   1 
ATOM 246  H HG1  . THR A 1 18 ? -7.200  -6.070  -10.194 1.00 1.81 ? 18 THR A HG1  1 
ATOM 247  H HG21 . THR A 1 18 ? -4.845  -6.146  -7.934  1.00 1.64 ? 18 THR A HG21 1 
ATOM 248  H HG22 . THR A 1 18 ? -6.081  -4.982  -8.408  1.00 1.68 ? 18 THR A HG22 1 
ATOM 249  H HG23 . THR A 1 18 ? -6.215  -5.832  -6.869  1.00 1.86 ? 18 THR A HG23 1 
ATOM 250  N N    . TRP A 1 19 ? -5.495  -8.752  -5.916  1.00 0.94 ? 19 TRP A N    1 
ATOM 251  C CA   . TRP A 1 19 ? -5.802  -9.149  -4.514  1.00 1.08 ? 19 TRP A CA   1 
ATOM 252  C C    . TRP A 1 19 ? -4.985  -8.296  -3.542  1.00 1.05 ? 19 TRP A C    1 
ATOM 253  O O    . TRP A 1 19 ? -4.234  -7.427  -3.939  1.00 0.99 ? 19 TRP A O    1 
ATOM 254  C CB   . TRP A 1 19 ? -5.449  -10.624 -4.318  1.00 1.11 ? 19 TRP A CB   1 
ATOM 255  C CG   . TRP A 1 19 ? -4.014  -10.847 -4.674  1.00 0.86 ? 19 TRP A CG   1 
ATOM 256  C CD1  . TRP A 1 19 ? -3.016  -11.051 -3.783  1.00 0.83 ? 19 TRP A CD1  1 
ATOM 257  C CD2  . TRP A 1 19 ? -3.401  -10.894 -5.995  1.00 0.71 ? 19 TRP A CD2  1 
ATOM 258  N NE1  . TRP A 1 19 ? -1.830  -11.221 -4.474  1.00 0.63 ? 19 TRP A NE1  1 
ATOM 259  C CE2  . TRP A 1 19 ? -2.015  -11.132 -5.839  1.00 0.57 ? 19 TRP A CE2  1 
ATOM 260  C CE3  . TRP A 1 19 ? -3.905  -10.753 -7.300  1.00 0.82 ? 19 TRP A CE3  1 
ATOM 261  C CZ2  . TRP A 1 19 ? -1.160  -11.229 -6.937  1.00 0.61 ? 19 TRP A CZ2  1 
ATOM 262  C CZ3  . TRP A 1 19 ? -3.046  -10.850 -8.409  1.00 0.86 ? 19 TRP A CZ3  1 
ATOM 263  C CH2  . TRP A 1 19 ? -1.677  -11.088 -8.227  1.00 0.79 ? 19 TRP A CH2  1 
ATOM 264  H H    . TRP A 1 19 ? -4.591  -8.462  -6.157  1.00 0.87 ? 19 TRP A H    1 
ATOM 265  H HA   . TRP A 1 19 ? -6.855  -9.002  -4.321  1.00 1.28 ? 19 TRP A HA   1 
ATOM 266  H HB2  . TRP A 1 19 ? -5.611  -10.899 -3.285  1.00 1.26 ? 19 TRP A HB2  1 
ATOM 267  H HB3  . TRP A 1 19 ? -6.076  -11.232 -4.953  1.00 1.22 ? 19 TRP A HB3  1 
ATOM 268  H HD1  . TRP A 1 19 ? -3.128  -11.079 -2.710  1.00 1.01 ? 19 TRP A HD1  1 
ATOM 269  H HE1  . TRP A 1 19 ? -0.956  -11.385 -4.064  1.00 0.63 ? 19 TRP A HE1  1 
ATOM 270  H HE3  . TRP A 1 19 ? -4.958  -10.570 -7.452  1.00 0.95 ? 19 TRP A HE3  1 
ATOM 271  H HZ2  . TRP A 1 19 ? -0.108  -11.412 -6.789  1.00 0.62 ? 19 TRP A HZ2  1 
ATOM 272  H HZ3  . TRP A 1 19 ? -3.442  -10.743 -9.407  1.00 1.04 ? 19 TRP A HZ3  1 
ATOM 273  H HH2  . TRP A 1 19 ? -1.025  -11.160 -9.084  1.00 0.95 ? 19 TRP A HH2  1 
ATOM 274  N N    . GLU A 1 20 ? -5.125  -8.541  -2.266  1.00 1.20 ? 20 GLU A N    1 
ATOM 275  C CA   . GLU A 1 20 ? -4.358  -7.750  -1.263  1.00 1.30 ? 20 GLU A CA   1 
ATOM 276  C C    . GLU A 1 20 ? -3.181  -8.586  -0.751  1.00 1.26 ? 20 GLU A C    1 
ATOM 277  O O    . GLU A 1 20 ? -3.310  -9.768  -0.500  1.00 1.45 ? 20 GLU A O    1 
ATOM 278  C CB   . GLU A 1 20 ? -5.276  -7.387  -0.094  1.00 1.62 ? 20 GLU A CB   1 
ATOM 279  C CG   . GLU A 1 20 ? -6.400  -6.475  -0.589  1.00 1.58 ? 20 GLU A CG   1 
ATOM 280  C CD   . GLU A 1 20 ? -7.356  -6.167  0.566   1.00 2.16 ? 20 GLU A CD   1 
ATOM 281  O OE1  . GLU A 1 20 ? -6.955  -6.342  1.704   1.00 2.58 ? 20 GLU A OE1  1 
ATOM 282  O OE2  . GLU A 1 20 ? -8.473  -5.760  0.291   1.00 2.82 ? 20 GLU A OE2  1 
ATOM 283  H H    . GLU A 1 20 ? -5.736  -9.248  -1.969  1.00 1.31 ? 20 GLU A H    1 
ATOM 284  H HA   . GLU A 1 20 ? -3.987  -6.847  -1.723  1.00 1.25 ? 20 GLU A HA   1 
ATOM 285  H HB2  . GLU A 1 20 ? -5.702  -8.290  0.322   1.00 1.81 ? 20 GLU A HB2  1 
ATOM 286  H HB3  . GLU A 1 20 ? -4.707  -6.875  0.667   1.00 1.86 ? 20 GLU A HB3  1 
ATOM 287  H HG2  . GLU A 1 20 ? -5.976  -5.554  -0.963  1.00 1.84 ? 20 GLU A HG2  1 
ATOM 288  H HG3  . GLU A 1 20 ? -6.941  -6.969  -1.381  1.00 1.59 ? 20 GLU A HG3  1 
ATOM 289  N N    . LYS A 1 21 ? -2.034  -7.982  -0.594  1.00 1.32 ? 21 LYS A N    1 
ATOM 290  C CA   . LYS A 1 21 ? -0.852  -8.745  -0.100  1.00 1.38 ? 21 LYS A CA   1 
ATOM 291  C C    . LYS A 1 21 ? -0.010  -7.845  0.815   1.00 1.50 ? 21 LYS A C    1 
ATOM 292  O O    . LYS A 1 21 ? 0.550   -6.868  0.361   1.00 1.52 ? 21 LYS A O    1 
ATOM 293  C CB   . LYS A 1 21 ? -0.002  -9.192  -1.293  1.00 1.34 ? 21 LYS A CB   1 
ATOM 294  C CG   . LYS A 1 21 ? 1.247   -9.923  -0.792  1.00 1.49 ? 21 LYS A CG   1 
ATOM 295  C CD   . LYS A 1 21 ? 0.875   -11.351 -0.384  1.00 2.05 ? 21 LYS A CD   1 
ATOM 296  C CE   . LYS A 1 21 ? 2.149   -12.166 -0.158  1.00 2.73 ? 21 LYS A CE   1 
ATOM 297  N NZ   . LYS A 1 21 ? 3.058   -11.423 0.761   1.00 3.33 ? 21 LYS A NZ   1 
ATOM 298  H H    . LYS A 1 21 ? -1.951  -7.027  -0.801  1.00 1.53 ? 21 LYS A H    1 
ATOM 299  H HA   . LYS A 1 21 ? -1.189  -9.612  0.442   1.00 1.48 ? 21 LYS A HA   1 
ATOM 300  H HB2  . LYS A 1 21 ? -0.583  -9.856  -1.916  1.00 1.45 ? 21 LYS A HB2  1 
ATOM 301  H HB3  . LYS A 1 21 ? 0.295   -8.327  -1.870  1.00 1.51 ? 21 LYS A HB3  1 
ATOM 302  H HG2  . LYS A 1 21 ? 1.986   -9.954  -1.581  1.00 1.83 ? 21 LYS A HG2  1 
ATOM 303  H HG3  . LYS A 1 21 ? 1.654   -9.402  0.061   1.00 2.00 ? 21 LYS A HG3  1 
ATOM 304  H HD2  . LYS A 1 21 ? 0.297   -11.326 0.527   1.00 2.46 ? 21 LYS A HD2  1 
ATOM 305  H HD3  . LYS A 1 21 ? 0.292   -11.811 -1.169  1.00 2.44 ? 21 LYS A HD3  1 
ATOM 306  H HE2  . LYS A 1 21 ? 1.893   -13.119 0.282   1.00 3.26 ? 21 LYS A HE2  1 
ATOM 307  H HE3  . LYS A 1 21 ? 2.646   -12.327 -1.102  1.00 2.92 ? 21 LYS A HE3  1 
ATOM 308  H HZ1  . LYS A 1 21 ? 2.497   -10.941 1.489   1.00 3.35 ? 21 LYS A HZ1  1 
ATOM 309  H HZ2  . LYS A 1 21 ? 3.715   -12.090 1.216   1.00 3.70 ? 21 LYS A HZ2  1 
ATOM 310  H HZ3  . LYS A 1 21 ? 3.600   -10.721 0.217   1.00 3.90 ? 21 LYS A HZ3  1 
ATOM 311  N N    . PRO A 1 22 ? 0.058   -8.197  2.076   1.00 1.64 ? 22 PRO A N    1 
ATOM 312  C CA   . PRO A 1 22 ? 0.834   -7.422  3.063   1.00 1.82 ? 22 PRO A CA   1 
ATOM 313  C C    . PRO A 1 22 ? 2.320   -7.428  2.687   1.00 1.83 ? 22 PRO A C    1 
ATOM 314  O O    . PRO A 1 22 ? 2.919   -8.471  2.513   1.00 1.87 ? 22 PRO A O    1 
ATOM 315  C CB   . PRO A 1 22 ? 0.613   -8.151  4.396   1.00 1.97 ? 22 PRO A CB   1 
ATOM 316  C CG   . PRO A 1 22 ? -0.276  -9.390  4.114   1.00 1.87 ? 22 PRO A CG   1 
ATOM 317  C CD   . PRO A 1 22 ? -0.630  -9.382  2.619   1.00 1.66 ? 22 PRO A CD   1 
ATOM 318  H HA   . PRO A 1 22 ? 0.462   -6.412  3.129   1.00 1.88 ? 22 PRO A HA   1 
ATOM 319  H HB2  . PRO A 1 22 ? 1.564   -8.463  4.806   1.00 2.04 ? 22 PRO A HB2  1 
ATOM 320  H HB3  . PRO A 1 22 ? 0.109   -7.498  5.092   1.00 2.13 ? 22 PRO A HB3  1 
ATOM 321  H HG2  . PRO A 1 22 ? 0.268   -10.292 4.358   1.00 1.87 ? 22 PRO A HG2  1 
ATOM 322  H HG3  . PRO A 1 22 ? -1.179  -9.335  4.701   1.00 1.99 ? 22 PRO A HG3  1 
ATOM 323  H HD2  . PRO A 1 22 ? -0.266  -10.282 2.143   1.00 1.56 ? 22 PRO A HD2  1 
ATOM 324  H HD3  . PRO A 1 22 ? -1.696  -9.287  2.485   1.00 1.71 ? 22 PRO A HD3  1 
ATOM 325  N N    . TYR A 1 23 ? 2.918   -6.276  2.558   1.00 1.98 ? 23 TYR A N    1 
ATOM 326  C CA   . TYR A 1 23 ? 4.363   -6.227  2.191   1.00 2.03 ? 23 TYR A CA   1 
ATOM 327  C C    . TYR A 1 23 ? 5.208   -6.742  3.371   1.00 2.21 ? 23 TYR A C    1 
ATOM 328  O O    . TYR A 1 23 ? 5.059   -7.872  3.792   1.00 2.28 ? 23 TYR A O    1 
ATOM 329  C CB   . TYR A 1 23 ? 4.747   -4.783  1.837   1.00 2.13 ? 23 TYR A CB   1 
ATOM 330  C CG   . TYR A 1 23 ? 6.063   -4.758  1.083   1.00 2.22 ? 23 TYR A CG   1 
ATOM 331  C CD1  . TYR A 1 23 ? 6.759   -5.949  0.822   1.00 2.53 ? 23 TYR A CD1  1 
ATOM 332  C CD2  . TYR A 1 23 ? 6.586   -3.535  0.643   1.00 2.59 ? 23 TYR A CD2  1 
ATOM 333  C CE1  . TYR A 1 23 ? 7.971   -5.913  0.120   1.00 2.63 ? 23 TYR A CE1  1 
ATOM 334  C CE2  . TYR A 1 23 ? 7.798   -3.501  -0.059  1.00 2.69 ? 23 TYR A CE2  1 
ATOM 335  C CZ   . TYR A 1 23 ? 8.491   -4.690  -0.320  1.00 2.44 ? 23 TYR A CZ   1 
ATOM 336  O OH   . TYR A 1 23 ? 9.684   -4.654  -1.013  1.00 2.58 ? 23 TYR A OH   1 
ATOM 337  H H    . TYR A 1 23 ? 2.419   -5.444  2.698   1.00 2.15 ? 23 TYR A H    1 
ATOM 338  H HA   . TYR A 1 23 ? 4.528   -6.862  1.332   1.00 1.93 ? 23 TYR A HA   1 
ATOM 339  H HB2  . TYR A 1 23 ? 3.974   -4.353  1.216   1.00 2.09 ? 23 TYR A HB2  1 
ATOM 340  H HB3  . TYR A 1 23 ? 4.838   -4.201  2.741   1.00 2.23 ? 23 TYR A HB3  1 
ATOM 341  H HD1  . TYR A 1 23 ? 6.361   -6.893  1.160   1.00 3.03 ? 23 TYR A HD1  1 
ATOM 342  H HD2  . TYR A 1 23 ? 6.054   -2.616  0.844   1.00 3.12 ? 23 TYR A HD2  1 
ATOM 343  H HE1  . TYR A 1 23 ? 8.505   -6.830  -0.082  1.00 3.17 ? 23 TYR A HE1  1 
ATOM 344  H HE2  . TYR A 1 23 ? 8.199   -2.557  -0.398  1.00 3.27 ? 23 TYR A HE2  1 
ATOM 345  H HH   . TYR A 1 23 ? 10.255  -5.338  -0.657  1.00 2.71 ? 23 TYR A HH   1 
ATOM 346  N N    . GLN A 1 24 ? 6.095   -5.939  3.908   1.00 2.48 ? 24 GLN A N    1 
ATOM 347  C CA   . GLN A 1 24 ? 6.933   -6.409  5.047   1.00 2.68 ? 24 GLN A CA   1 
ATOM 348  C C    . GLN A 1 24 ? 6.063   -7.167  6.053   1.00 2.72 ? 24 GLN A C    1 
ATOM 349  O O    . GLN A 1 24 ? 5.928   -8.372  5.985   1.00 2.99 ? 24 GLN A O    1 
ATOM 350  C CB   . GLN A 1 24 ? 7.571   -5.201  5.739   1.00 2.79 ? 24 GLN A CB   1 
ATOM 351  C CG   . GLN A 1 24 ? 8.704   -4.648  4.872   1.00 2.96 ? 24 GLN A CG   1 
ATOM 352  C CD   . GLN A 1 24 ? 9.751   -3.982  5.768   1.00 3.34 ? 24 GLN A CD   1 
ATOM 353  O OE1  . GLN A 1 24 ? 9.607   -2.835  6.140   1.00 3.67 ? 24 GLN A OE1  1 
ATOM 354  N NE2  . GLN A 1 24 ? 10.807  -4.659  6.134   1.00 3.84 ? 24 GLN A NE2  1 
ATOM 355  H H    . GLN A 1 24 ? 6.217   -5.036  3.563   1.00 2.67 ? 24 GLN A H    1 
ATOM 356  H HA   . GLN A 1 24 ? 7.706   -7.060  4.677   1.00 2.78 ? 24 GLN A HA   1 
ATOM 357  H HB2  . GLN A 1 24 ? 6.823   -4.437  5.887   1.00 2.70 ? 24 GLN A HB2  1 
ATOM 358  H HB3  . GLN A 1 24 ? 7.969   -5.505  6.696   1.00 2.92 ? 24 GLN A HB3  1 
ATOM 359  H HG2  . GLN A 1 24 ? 9.161   -5.455  4.317   1.00 3.11 ? 24 GLN A HG2  1 
ATOM 360  H HG3  . GLN A 1 24 ? 8.305   -3.917  4.184   1.00 3.08 ? 24 GLN A HG3  1 
ATOM 361  H HE21 . GLN A 1 24 ? 10.924  -5.584  5.835   1.00 4.01 ? 24 GLN A HE21 1 
ATOM 362  H HE22 . GLN A 1 24 ? 11.481  -4.240  6.709   1.00 4.30 ? 24 GLN A HE22 1 
ATOM 363  N N    . GLY A 1 25 ? 5.478   -6.475  6.991   1.00 2.73 ? 25 GLY A N    1 
ATOM 364  C CA   . GLY A 1 25 ? 4.625   -7.167  8.001   1.00 2.82 ? 25 GLY A CA   1 
ATOM 365  C C    . GLY A 1 25 ? 3.272   -6.468  8.112   1.00 2.74 ? 25 GLY A C    1 
ATOM 366  O O    . GLY A 1 25 ? 2.233   -7.097  8.148   1.00 2.98 ? 25 GLY A O    1 
ATOM 367  H H    . GLY A 1 25 ? 5.602   -5.504  7.034   1.00 2.86 ? 25 GLY A H    1 
ATOM 368  H HA2  . GLY A 1 25 ? 4.475   -8.188  7.700   1.00 2.93 ? 25 GLY A HA2  1 
ATOM 369  H HA3  . GLY A 1 25 ? 5.117   -7.143  8.961   1.00 2.92 ? 25 GLY A HA3  1 
ATOM 370  N N    . TRP A 1 26 ? 3.280   -5.170  8.173   1.00 2.56 ? 26 TRP A N    1 
ATOM 371  C CA   . TRP A 1 26 ? 2.011   -4.412  8.291   1.00 2.56 ? 26 TRP A CA   1 
ATOM 372  C C    . TRP A 1 26 ? 1.652   -3.812  6.934   1.00 2.47 ? 26 TRP A C    1 
ATOM 373  O O    . TRP A 1 26 ? 0.500   -3.741  6.554   1.00 2.64 ? 26 TRP A O    1 
ATOM 374  C CB   . TRP A 1 26 ? 2.210   -3.287  9.302   1.00 2.64 ? 26 TRP A CB   1 
ATOM 375  C CG   . TRP A 1 26 ? 3.396   -2.471  8.902   1.00 2.51 ? 26 TRP A CG   1 
ATOM 376  C CD1  . TRP A 1 26 ? 4.680   -2.750  9.227   1.00 2.55 ? 26 TRP A CD1  1 
ATOM 377  C CD2  . TRP A 1 26 ? 3.431   -1.253  8.104   1.00 2.36 ? 26 TRP A CD2  1 
ATOM 378  N NE1  . TRP A 1 26 ? 5.500   -1.779  8.680   1.00 2.47 ? 26 TRP A NE1  1 
ATOM 379  C CE2  . TRP A 1 26 ? 4.777   -0.835  7.978   1.00 2.35 ? 26 TRP A CE2  1 
ATOM 380  C CE3  . TRP A 1 26 ? 2.435   -0.479  7.483   1.00 2.26 ? 26 TRP A CE3  1 
ATOM 381  C CZ2  . TRP A 1 26 ? 5.121   0.313   7.262   1.00 2.27 ? 26 TRP A CZ2  1 
ATOM 382  C CZ3  . TRP A 1 26 ? 2.776   0.676   6.762   1.00 2.14 ? 26 TRP A CZ3  1 
ATOM 383  C CH2  . TRP A 1 26 ? 4.118   1.071   6.651   1.00 2.15 ? 26 TRP A CH2  1 
ATOM 384  H H    . TRP A 1 26 ? 4.127   -4.691  8.147   1.00 2.55 ? 26 TRP A H    1 
ATOM 385  H HA   . TRP A 1 26 ? 1.220   -5.066  8.623   1.00 2.71 ? 26 TRP A HA   1 
ATOM 386  H HB2  . TRP A 1 26 ? 1.336   -2.665  9.318   1.00 2.74 ? 26 TRP A HB2  1 
ATOM 387  H HB3  . TRP A 1 26 ? 2.375   -3.707  10.283  1.00 2.88 ? 26 TRP A HB3  1 
ATOM 388  H HD1  . TRP A 1 26 ? 5.009   -3.596  9.815   1.00 2.66 ? 26 TRP A HD1  1 
ATOM 389  H HE1  . TRP A 1 26 ? 6.475   -1.746  8.771   1.00 2.53 ? 26 TRP A HE1  1 
ATOM 390  H HE3  . TRP A 1 26 ? 1.399   -0.774  7.563   1.00 2.31 ? 26 TRP A HE3  1 
ATOM 391  H HZ2  . TRP A 1 26 ? 6.155   0.612   7.178   1.00 2.32 ? 26 TRP A HZ2  1 
ATOM 392  H HZ3  . TRP A 1 26 ? 2.003   1.263   6.290   1.00 2.08 ? 26 TRP A HZ3  1 
ATOM 393  H HH2  . TRP A 1 26 ? 4.375   1.962   6.095   1.00 2.10 ? 26 TRP A HH2  1 
ATOM 394  N N    . MET A 1 27 ? 2.637   -3.374  6.202   1.00 2.34 ? 27 MET A N    1 
ATOM 395  C CA   . MET A 1 27 ? 2.367   -2.772  4.869   1.00 2.29 ? 27 MET A CA   1 
ATOM 396  C C    . MET A 1 27 ? 1.398   -3.657  4.088   1.00 2.17 ? 27 MET A C    1 
ATOM 397  O O    . MET A 1 27 ? 1.268   -4.837  4.347   1.00 2.34 ? 27 MET A O    1 
ATOM 398  C CB   . MET A 1 27 ? 3.676   -2.657  4.087   1.00 2.38 ? 27 MET A CB   1 
ATOM 399  C CG   . MET A 1 27 ? 4.255   -1.252  4.257   1.00 2.44 ? 27 MET A CG   1 
ATOM 400  S SD   . MET A 1 27 ? 5.619   -1.025  3.087   1.00 2.86 ? 27 MET A SD   1 
ATOM 401  C CE   . MET A 1 27 ? 5.917   0.727   3.425   1.00 3.03 ? 27 MET A CE   1 
ATOM 402  H H    . MET A 1 27 ? 3.556   -3.440  6.533   1.00 2.38 ? 27 MET A H    1 
ATOM 403  H HA   . MET A 1 27 ? 1.935   -1.790  4.996   1.00 2.33 ? 27 MET A HA   1 
ATOM 404  H HB2  . MET A 1 27 ? 4.381   -3.385  4.459   1.00 2.46 ? 27 MET A HB2  1 
ATOM 405  H HB3  . MET A 1 27 ? 3.486   -2.841  3.041   1.00 2.58 ? 27 MET A HB3  1 
ATOM 406  H HG2  . MET A 1 27 ? 3.486   -0.518  4.061   1.00 2.64 ? 27 MET A HG2  1 
ATOM 407  H HG3  . MET A 1 27 ? 4.622   -1.132  5.266   1.00 2.56 ? 27 MET A HG3  1 
ATOM 408  H HE1  . MET A 1 27 ? 5.069   1.141   3.951   1.00 3.31 ? 27 MET A HE1  1 
ATOM 409  H HE2  . MET A 1 27 ? 6.800   0.831   4.033   1.00 3.29 ? 27 MET A HE2  1 
ATOM 410  H HE3  . MET A 1 27 ? 6.062   1.253   2.492   1.00 3.34 ? 27 MET A HE3  1 
ATOM 411  N N    . MET A 1 28 ? 0.727   -3.095  3.125   1.00 2.03 ? 28 MET A N    1 
ATOM 412  C CA   . MET A 1 28 ? -0.227  -3.892  2.305   1.00 1.92 ? 28 MET A CA   1 
ATOM 413  C C    . MET A 1 28 ? -0.459  -3.166  0.988   1.00 1.89 ? 28 MET A C    1 
ATOM 414  O O    . MET A 1 28 ? -0.668  -1.969  0.950   1.00 2.10 ? 28 MET A O    1 
ATOM 415  C CB   . MET A 1 28 ? -1.563  -4.058  3.034   1.00 1.94 ? 28 MET A CB   1 
ATOM 416  C CG   . MET A 1 28 ? -1.751  -2.911  4.019   1.00 2.02 ? 28 MET A CG   1 
ATOM 417  S SD   . MET A 1 28 ? -3.294  -3.143  4.939   1.00 2.23 ? 28 MET A SD   1 
ATOM 418  C CE   . MET A 1 28 ? -2.983  -4.836  5.499   1.00 2.79 ? 28 MET A CE   1 
ATOM 419  H H    . MET A 1 28 ? 0.858   -2.144  2.931   1.00 2.10 ? 28 MET A H    1 
ATOM 420  H HA   . MET A 1 28 ? 0.199   -4.865  2.106   1.00 1.88 ? 28 MET A HA   1 
ATOM 421  H HB2  . MET A 1 28 ? -2.367  -4.050  2.313   1.00 2.09 ? 28 MET A HB2  1 
ATOM 422  H HB3  . MET A 1 28 ? -1.567  -4.995  3.568   1.00 2.04 ? 28 MET A HB3  1 
ATOM 423  H HG2  . MET A 1 28 ? -0.919  -2.897  4.701   1.00 2.09 ? 28 MET A HG2  1 
ATOM 424  H HG3  . MET A 1 28 ? -1.788  -1.976  3.480   1.00 2.22 ? 28 MET A HG3  1 
ATOM 425  H HE1  . MET A 1 28 ? -1.932  -5.065  5.388   1.00 3.03 ? 28 MET A HE1  1 
ATOM 426  H HE2  . MET A 1 28 ? -3.270  -4.928  6.538   1.00 3.25 ? 28 MET A HE2  1 
ATOM 427  H HE3  . MET A 1 28 ? -3.564  -5.524  4.907   1.00 3.20 ? 28 MET A HE3  1 
ATOM 428  N N    . VAL A 1 29 ? -0.417  -3.879  -0.091  1.00 1.73 ? 29 VAL A N    1 
ATOM 429  C CA   . VAL A 1 29 ? -0.628  -3.238  -1.416  1.00 1.70 ? 29 VAL A CA   1 
ATOM 430  C C    . VAL A 1 29 ? -1.470  -4.159  -2.299  1.00 1.46 ? 29 VAL A C    1 
ATOM 431  O O    . VAL A 1 29 ? -1.648  -5.325  -2.007  1.00 1.42 ? 29 VAL A O    1 
ATOM 432  C CB   . VAL A 1 29 ? 0.730   -2.989  -2.076  1.00 1.77 ? 29 VAL A CB   1 
ATOM 433  C CG1  . VAL A 1 29 ? 1.540   -2.017  -1.218  1.00 2.02 ? 29 VAL A CG1  1 
ATOM 434  C CG2  . VAL A 1 29 ? 1.488   -4.314  -2.195  1.00 1.71 ? 29 VAL A CG2  1 
ATOM 435  H H    . VAL A 1 29 ? -0.242  -4.839  -0.028  1.00 1.70 ? 29 VAL A H    1 
ATOM 436  H HA   . VAL A 1 29 ? -1.141  -2.297  -1.284  1.00 1.82 ? 29 VAL A HA   1 
ATOM 437  H HB   . VAL A 1 29 ? 0.581   -2.566  -3.059  1.00 1.80 ? 29 VAL A HB   1 
ATOM 438  H HG11 . VAL A 1 29 ? 0.870   -1.333  -0.719  1.00 2.64 ? 29 VAL A HG11 1 
ATOM 439  H HG12 . VAL A 1 29 ? 2.103   -2.569  -0.481  1.00 2.16 ? 29 VAL A HG12 1 
ATOM 440  H HG13 . VAL A 1 29 ? 2.219   -1.460  -1.848  1.00 2.11 ? 29 VAL A HG13 1 
ATOM 441  H HG21 . VAL A 1 29 ? 1.393   -4.867  -1.273  1.00 2.09 ? 29 VAL A HG21 1 
ATOM 442  H HG22 . VAL A 1 29 ? 1.076   -4.894  -3.007  1.00 2.00 ? 29 VAL A HG22 1 
ATOM 443  H HG23 . VAL A 1 29 ? 2.532   -4.114  -2.389  1.00 1.74 ? 29 VAL A HG23 1 
ATOM 444  N N    . ASP A 1 30 ? -1.990  -3.645  -3.380  1.00 1.38 ? 30 ASP A N    1 
ATOM 445  C CA   . ASP A 1 30 ? -2.820  -4.490  -4.280  1.00 1.19 ? 30 ASP A CA   1 
ATOM 446  C C    . ASP A 1 30 ? -1.912  -5.220  -5.269  1.00 1.02 ? 30 ASP A C    1 
ATOM 447  O O    . ASP A 1 30 ? -1.363  -4.626  -6.177  1.00 1.14 ? 30 ASP A O    1 
ATOM 448  C CB   . ASP A 1 30 ? -3.805  -3.608  -5.048  1.00 1.28 ? 30 ASP A CB   1 
ATOM 449  C CG   . ASP A 1 30 ? -5.222  -3.853  -4.528  1.00 1.68 ? 30 ASP A CG   1 
ATOM 450  O OD1  . ASP A 1 30 ? -5.570  -3.266  -3.517  1.00 2.38 ? 30 ASP A OD1  1 
ATOM 451  O OD2  . ASP A 1 30 ? -5.935  -4.625  -5.148  1.00 2.15 ? 30 ASP A OD2  1 
ATOM 452  H H    . ASP A 1 30 ? -1.834  -2.702  -3.598  1.00 1.48 ? 30 ASP A H    1 
ATOM 453  H HA   . ASP A 1 30 ? -3.366  -5.214  -3.693  1.00 1.16 ? 30 ASP A HA   1 
ATOM 454  H HB2  . ASP A 1 30 ? -3.543  -2.570  -4.908  1.00 1.62 ? 30 ASP A HB2  1 
ATOM 455  H HB3  . ASP A 1 30 ? -3.762  -3.852  -6.099  1.00 1.52 ? 30 ASP A HB3  1 
ATOM 456  N N    . CYS A 1 31 ? -1.750  -6.503  -5.105  1.00 0.85 ? 31 CYS A N    1 
ATOM 457  C CA   . CYS A 1 31 ? -0.883  -7.267  -6.037  1.00 0.77 ? 31 CYS A CA   1 
ATOM 458  C C    . CYS A 1 31 ? -1.725  -7.735  -7.224  1.00 0.69 ? 31 CYS A C    1 
ATOM 459  O O    . CYS A 1 31 ? -2.647  -8.511  -7.073  1.00 0.66 ? 31 CYS A O    1 
ATOM 460  C CB   . CYS A 1 31 ? -0.305  -8.482  -5.310  1.00 0.69 ? 31 CYS A CB   1 
ATOM 461  S SG   . CYS A 1 31 ? 1.130   -7.979  -4.326  1.00 1.03 ? 31 CYS A SG   1 
ATOM 462  H H    . CYS A 1 31 ? -2.203  -6.966  -4.371  1.00 0.86 ? 31 CYS A H    1 
ATOM 463  H HA   . CYS A 1 31 ? -0.080  -6.632  -6.387  1.00 0.96 ? 31 CYS A HA   1 
ATOM 464  H HB2  . CYS A 1 31 ? -1.058  -8.901  -4.659  1.00 0.65 ? 31 CYS A HB2  1 
ATOM 465  H HB3  . CYS A 1 31 ? -0.006  -9.222  -6.033  1.00 0.65 ? 31 CYS A HB3  1 
ATOM 466  N N    . THR A 1 32 ? -1.427  -7.267  -8.403  1.00 0.90 ? 32 THR A N    1 
ATOM 467  C CA   . THR A 1 32 ? -2.223  -7.686  -9.586  1.00 1.00 ? 32 THR A CA   1 
ATOM 468  C C    . THR A 1 32 ? -1.406  -8.658  -10.436 1.00 1.14 ? 32 THR A C    1 
ATOM 469  O O    . THR A 1 32 ? -0.203  -8.545  -10.543 1.00 1.26 ? 32 THR A O    1 
ATOM 470  C CB   . THR A 1 32 ? -2.587  -6.452  -10.419 1.00 1.23 ? 32 THR A CB   1 
ATOM 471  O OG1  . THR A 1 32 ? -3.372  -5.567  -9.631  1.00 1.18 ? 32 THR A OG1  1 
ATOM 472  C CG2  . THR A 1 32 ? -3.381  -6.879  -11.654 1.00 1.41 ? 32 THR A CG2  1 
ATOM 473  H H    . THR A 1 32 ? -0.683  -6.638  -8.510  1.00 1.09 ? 32 THR A H    1 
ATOM 474  H HA   . THR A 1 32 ? -3.126  -8.176  -9.252  1.00 0.91 ? 32 THR A HA   1 
ATOM 475  H HB   . THR A 1 32 ? -1.684  -5.950  -10.732 1.00 1.39 ? 32 THR A HB   1 
ATOM 476  H HG1  . THR A 1 32 ? -2.866  -4.763  -9.496  1.00 1.36 ? 32 THR A HG1  1 
ATOM 477  H HG21 . THR A 1 32 ? -2.966  -7.793  -12.050 1.00 1.69 ? 32 THR A HG21 1 
ATOM 478  H HG22 . THR A 1 32 ? -4.414  -7.040  -11.380 1.00 1.55 ? 32 THR A HG22 1 
ATOM 479  H HG23 . THR A 1 32 ? -3.323  -6.104  -12.403 1.00 2.07 ? 32 THR A HG23 1 
ATOM 480  N N    . CYS A 1 33 ? -2.054  -9.613  -11.040 1.00 1.26 ? 33 CYS A N    1 
ATOM 481  C CA   . CYS A 1 33 ? -1.320  -10.598 -11.882 1.00 1.46 ? 33 CYS A CA   1 
ATOM 482  C C    . CYS A 1 33 ? -1.372  -10.160 -13.345 1.00 1.76 ? 33 CYS A C    1 
ATOM 483  O O    . CYS A 1 33 ? -2.386  -9.708  -13.838 1.00 1.83 ? 33 CYS A O    1 
ATOM 484  C CB   . CYS A 1 33 ? -1.969  -11.976 -11.736 1.00 1.49 ? 33 CYS A CB   1 
ATOM 485  S SG   . CYS A 1 33 ? -1.279  -13.107 -12.969 1.00 1.82 ? 33 CYS A SG   1 
ATOM 486  H H    . CYS A 1 33 ? -3.027  -9.686  -10.939 1.00 1.28 ? 33 CYS A H    1 
ATOM 487  H HA   . CYS A 1 33 ? -0.289  -10.652 -11.565 1.00 1.45 ? 33 CYS A HA   1 
ATOM 488  H HB2  . CYS A 1 33 ? -1.773  -12.361 -10.745 1.00 1.34 ? 33 CYS A HB2  1 
ATOM 489  H HB3  . CYS A 1 33 ? -3.034  -11.890 -11.881 1.00 1.52 ? 33 CYS A HB3  1 
ATOM 490  N N    . LEU A 1 34 ? -0.283  -10.307 -14.041 1.00 2.00 ? 34 LEU A N    1 
ATOM 491  C CA   . LEU A 1 34 ? -0.254  -9.919  -15.478 1.00 2.31 ? 34 LEU A CA   1 
ATOM 492  C C    . LEU A 1 34 ? 0.283   -11.091 -16.304 1.00 2.50 ? 34 LEU A C    1 
ATOM 493  O O    . LEU A 1 34 ? 0.340   -11.032 -17.516 1.00 2.75 ? 34 LEU A O    1 
ATOM 494  C CB   . LEU A 1 34 ? 0.630   -8.679  -15.690 1.00 2.45 ? 34 LEU A CB   1 
ATOM 495  C CG   . LEU A 1 34 ? 1.793   -8.652  -14.690 1.00 2.33 ? 34 LEU A CG   1 
ATOM 496  C CD1  . LEU A 1 34 ? 3.117   -8.684  -15.454 1.00 2.70 ? 34 LEU A CD1  1 
ATOM 497  C CD2  . LEU A 1 34 ? 1.717   -7.368  -13.862 1.00 2.55 ? 34 LEU A CD2  1 
ATOM 498  H H    . LEU A 1 34 ? 0.514   -10.688 -13.618 1.00 2.02 ? 34 LEU A H    1 
ATOM 499  H HA   . LEU A 1 34 ? -1.262  -9.697  -15.801 1.00 2.36 ? 34 LEU A HA   1 
ATOM 500  H HB2  . LEU A 1 34 ? 1.026   -8.696  -16.694 1.00 2.75 ? 34 LEU A HB2  1 
ATOM 501  H HB3  . LEU A 1 34 ? 0.030   -7.790  -15.560 1.00 2.52 ? 34 LEU A HB3  1 
ATOM 502  H HG   . LEU A 1 34 ? 1.741   -9.505  -14.035 1.00 2.18 ? 34 LEU A HG   1 
ATOM 503  H HD11 . LEU A 1 34 ? 3.160   -7.846  -16.135 1.00 2.59 ? 34 LEU A HD11 1 
ATOM 504  H HD12 . LEU A 1 34 ? 3.938   -8.622  -14.756 1.00 3.09 ? 34 LEU A HD12 1 
ATOM 505  H HD13 . LEU A 1 34 ? 3.190   -9.605  -16.013 1.00 3.26 ? 34 LEU A HD13 1 
ATOM 506  H HD21 . LEU A 1 34 ? 0.689   -7.171  -13.597 1.00 2.70 ? 34 LEU A HD21 1 
ATOM 507  H HD22 . LEU A 1 34 ? 2.304   -7.484  -12.963 1.00 2.69 ? 34 LEU A HD22 1 
ATOM 508  H HD23 . LEU A 1 34 ? 2.104   -6.543  -14.441 1.00 3.06 ? 34 LEU A HD23 1 
ATOM 509  N N    . GLY A 1 35 ? 0.661   -12.161 -15.655 1.00 2.42 ? 35 GLY A N    1 
ATOM 510  C CA   . GLY A 1 35 ? 1.180   -13.348 -16.395 1.00 2.63 ? 35 GLY A CA   1 
ATOM 511  C C    . GLY A 1 35 ? 2.196   -12.915 -17.457 1.00 2.96 ? 35 GLY A C    1 
ATOM 512  O O    . GLY A 1 35 ? 1.836   -12.490 -18.537 1.00 3.16 ? 35 GLY A O    1 
ATOM 513  H H    . GLY A 1 35 ? 0.594   -12.190 -14.677 1.00 2.24 ? 35 GLY A H    1 
ATOM 514  H HA2  . GLY A 1 35 ? 1.653   -14.024 -15.698 1.00 2.55 ? 35 GLY A HA2  1 
ATOM 515  H HA3  . GLY A 1 35 ? 0.357   -13.853 -16.878 1.00 2.69 ? 35 GLY A HA3  1 
ATOM 516  N N    . GLU A 1 36 ? 3.464   -13.032 -17.167 1.00 3.22 ? 36 GLU A N    1 
ATOM 517  C CA   . GLU A 1 36 ? 4.489   -12.641 -18.162 1.00 3.58 ? 36 GLU A CA   1 
ATOM 518  C C    . GLU A 1 36 ? 5.182   -13.895 -18.696 1.00 3.80 ? 36 GLU A C    1 
ATOM 519  O O    . GLU A 1 36 ? 5.507   -13.989 -19.862 1.00 4.46 ? 36 GLU A O    1 
ATOM 520  C CB   . GLU A 1 36 ? 5.522   -11.715 -17.516 1.00 3.62 ? 36 GLU A CB   1 
ATOM 521  C CG   . GLU A 1 36 ? 5.508   -10.368 -18.240 1.00 3.83 ? 36 GLU A CG   1 
ATOM 522  C CD   . GLU A 1 36 ? 6.572   -9.446  -17.642 1.00 4.35 ? 36 GLU A CD   1 
ATOM 523  O OE1  . GLU A 1 36 ? 6.250   -8.733  -16.705 1.00 4.43 ? 36 GLU A OE1  1 
ATOM 524  O OE2  . GLU A 1 36 ? 7.689   -9.466  -18.132 1.00 4.99 ? 36 GLU A OE2  1 
ATOM 525  H H    . GLU A 1 36 ? 3.738   -13.379 -16.305 1.00 3.29 ? 36 GLU A H    1 
ATOM 526  H HA   . GLU A 1 36 ? 4.006   -12.131 -18.967 1.00 3.78 ? 36 GLU A HA   1 
ATOM 527  H HB2  . GLU A 1 36 ? 5.276   -11.570 -16.473 1.00 3.63 ? 36 GLU A HB2  1 
ATOM 528  H HB3  . GLU A 1 36 ? 6.504   -12.156 -17.598 1.00 3.95 ? 36 GLU A HB3  1 
ATOM 529  H HG2  . GLU A 1 36 ? 5.716   -10.523 -19.290 1.00 4.17 ? 36 GLU A HG2  1 
ATOM 530  H HG3  . GLU A 1 36 ? 4.537   -9.914  -18.129 1.00 3.83 ? 36 GLU A HG3  1 
ATOM 531  N N    . GLY A 1 37 ? 5.407   -14.861 -17.850 1.00 3.47 ? 37 GLY A N    1 
ATOM 532  C CA   . GLY A 1 37 ? 6.072   -16.105 -18.300 1.00 3.73 ? 37 GLY A CA   1 
ATOM 533  C C    . GLY A 1 37 ? 6.070   -17.133 -17.169 1.00 3.69 ? 37 GLY A C    1 
ATOM 534  O O    . GLY A 1 37 ? 5.822   -18.303 -17.380 1.00 4.03 ? 37 GLY A O    1 
ATOM 535  H H    . GLY A 1 37 ? 5.138   -14.767 -16.923 1.00 3.25 ? 37 GLY A H    1 
ATOM 536  H HA2  . GLY A 1 37 ? 5.537   -16.501 -19.144 1.00 3.94 ? 37 GLY A HA2  1 
ATOM 537  H HA3  . GLY A 1 37 ? 7.086   -15.886 -18.582 1.00 3.84 ? 37 GLY A HA3  1 
ATOM 538  N N    . SER A 1 38 ? 6.346   -16.707 -15.970 1.00 3.38 ? 38 SER A N    1 
ATOM 539  C CA   . SER A 1 38 ? 6.359   -17.661 -14.826 1.00 3.43 ? 38 SER A CA   1 
ATOM 540  C C    . SER A 1 38 ? 5.404   -17.168 -13.736 1.00 3.09 ? 38 SER A C    1 
ATOM 541  O O    . SER A 1 38 ? 5.249   -17.793 -12.706 1.00 3.32 ? 38 SER A O    1 
ATOM 542  C CB   . SER A 1 38 ? 7.776   -17.762 -14.261 1.00 3.71 ? 38 SER A CB   1 
ATOM 543  O OG   . SER A 1 38 ? 8.190   -16.485 -13.793 1.00 3.57 ? 38 SER A OG   1 
ATOM 544  H H    . SER A 1 38 ? 6.542   -15.759 -15.822 1.00 3.18 ? 38 SER A H    1 
ATOM 545  H HA   . SER A 1 38 ? 6.039   -18.634 -15.168 1.00 3.58 ? 38 SER A HA   1 
ATOM 546  H HB2  . SER A 1 38 ? 7.791   -18.461 -13.441 1.00 3.82 ? 38 SER A HB2  1 
ATOM 547  H HB3  . SER A 1 38 ? 8.447   -18.107 -15.037 1.00 4.06 ? 38 SER A HB3  1 
ATOM 548  H HG   . SER A 1 38 ? 8.730   -16.080 -14.475 1.00 3.66 ? 38 SER A HG   1 
ATOM 549  N N    . GLY A 1 39 ? 4.757   -16.055 -13.956 1.00 2.69 ? 39 GLY A N    1 
ATOM 550  C CA   . GLY A 1 39 ? 3.809   -15.533 -12.932 1.00 2.34 ? 39 GLY A CA   1 
ATOM 551  C C    . GLY A 1 39 ? 4.328   -14.211 -12.366 1.00 2.18 ? 39 GLY A C    1 
ATOM 552  O O    . GLY A 1 39 ? 4.901   -14.165 -11.295 1.00 2.06 ? 39 GLY A O    1 
ATOM 553  H H    . GLY A 1 39 ? 4.890   -15.567 -14.794 1.00 2.73 ? 39 GLY A H    1 
ATOM 554  H HA2  . GLY A 1 39 ? 2.842   -15.373 -13.389 1.00 2.32 ? 39 GLY A HA2  1 
ATOM 555  H HA3  . GLY A 1 39 ? 3.712   -16.249 -12.133 1.00 2.30 ? 39 GLY A HA3  1 
ATOM 556  N N    . ARG A 1 40 ? 4.123   -13.134 -13.071 1.00 2.24 ? 40 ARG A N    1 
ATOM 557  C CA   . ARG A 1 40 ? 4.591   -11.811 -12.572 1.00 2.16 ? 40 ARG A CA   1 
ATOM 558  C C    . ARG A 1 40 ? 3.435   -11.120 -11.848 1.00 1.90 ? 40 ARG A C    1 
ATOM 559  O O    . ARG A 1 40 ? 2.283   -11.298 -12.190 1.00 2.05 ? 40 ARG A O    1 
ATOM 560  C CB   . ARG A 1 40 ? 5.049   -10.949 -13.752 1.00 2.45 ? 40 ARG A CB   1 
ATOM 561  C CG   . ARG A 1 40 ? 5.864   -9.761  -13.235 1.00 2.81 ? 40 ARG A CG   1 
ATOM 562  C CD   . ARG A 1 40 ? 7.339   -10.156 -13.138 1.00 3.01 ? 40 ARG A CD   1 
ATOM 563  N NE   . ARG A 1 40 ? 8.193   -8.947  -13.317 1.00 3.33 ? 40 ARG A NE   1 
ATOM 564  C CZ   . ARG A 1 40 ? 9.452   -8.981  -12.975 1.00 3.56 ? 40 ARG A CZ   1 
ATOM 565  N NH1  . ARG A 1 40 ? 9.785   -9.094  -11.718 1.00 3.90 ? 40 ARG A NH1  1 
ATOM 566  N NH2  . ARG A 1 40 ? 10.379  -8.904  -13.888 1.00 3.97 ? 40 ARG A NH2  1 
ATOM 567  H H    . ARG A 1 40 ? 3.652   -13.196 -13.927 1.00 2.39 ? 40 ARG A H    1 
ATOM 568  H HA   . ARG A 1 40 ? 5.413   -11.953 -11.886 1.00 2.13 ? 40 ARG A HA   1 
ATOM 569  H HB2  . ARG A 1 40 ? 5.661   -11.544 -14.415 1.00 2.61 ? 40 ARG A HB2  1 
ATOM 570  H HB3  . ARG A 1 40 ? 4.186   -10.584 -14.288 1.00 2.48 ? 40 ARG A HB3  1 
ATOM 571  H HG2  . ARG A 1 40 ? 5.757   -8.929  -13.917 1.00 3.39 ? 40 ARG A HG2  1 
ATOM 572  H HG3  . ARG A 1 40 ? 5.505   -9.475  -12.258 1.00 2.94 ? 40 ARG A HG3  1 
ATOM 573  H HD2  . ARG A 1 40 ? 7.532   -10.592 -12.169 1.00 3.18 ? 40 ARG A HD2  1 
ATOM 574  H HD3  . ARG A 1 40 ? 7.571   -10.876 -13.910 1.00 3.38 ? 40 ARG A HD3  1 
ATOM 575  H HE   . ARG A 1 40 ? 7.807   -8.126  -13.689 1.00 3.72 ? 40 ARG A HE   1 
ATOM 576  H HH11 . ARG A 1 40 ? 9.075   -9.153  -11.017 1.00 4.04 ? 40 ARG A HH11 1 
ATOM 577  H HH12 . ARG A 1 40 ? 10.750  -9.123  -11.458 1.00 4.30 ? 40 ARG A HH12 1 
ATOM 578  H HH21 . ARG A 1 40 ? 10.126  -8.817  -14.852 1.00 4.15 ? 40 ARG A HH21 1 
ATOM 579  H HH22 . ARG A 1 40 ? 11.344  -8.933  -13.626 1.00 4.38 ? 40 ARG A HH22 1 
ATOM 580  N N    . ILE A 1 41 ? 3.726   -10.340 -10.843 1.00 1.63 ? 41 ILE A N    1 
ATOM 581  C CA   . ILE A 1 41 ? 2.632   -9.655  -10.099 1.00 1.39 ? 41 ILE A CA   1 
ATOM 582  C C    . ILE A 1 41 ? 3.000   -8.188  -9.861  1.00 1.51 ? 41 ILE A C    1 
ATOM 583  O O    . ILE A 1 41 ? 3.915   -7.879  -9.123  1.00 1.59 ? 41 ILE A O    1 
ATOM 584  C CB   . ILE A 1 41 ? 2.428   -10.354 -8.755  1.00 1.13 ? 41 ILE A CB   1 
ATOM 585  C CG1  . ILE A 1 41 ? 1.862   -11.756 -8.991  1.00 1.09 ? 41 ILE A CG1  1 
ATOM 586  C CG2  . ILE A 1 41 ? 1.450   -9.549  -7.899  1.00 0.96 ? 41 ILE A CG2  1 
ATOM 587  C CD1  . ILE A 1 41 ? 2.989   -12.785 -8.898  1.00 1.27 ? 41 ILE A CD1  1 
ATOM 588  H H    . ILE A 1 41 ? 4.659   -10.212 -10.573 1.00 1.68 ? 41 ILE A H    1 
ATOM 589  H HA   . ILE A 1 41 ? 1.719   -9.708  -10.673 1.00 1.39 ? 41 ILE A HA   1 
ATOM 590  H HB   . ILE A 1 41 ? 3.376   -10.429 -8.241  1.00 1.22 ? 41 ILE A HB   1 
ATOM 591  H HG12 . ILE A 1 41 ? 1.112   -11.972 -8.243  1.00 0.93 ? 41 ILE A HG12 1 
ATOM 592  H HG13 . ILE A 1 41 ? 1.414   -11.803 -9.972  1.00 1.23 ? 41 ILE A HG13 1 
ATOM 593  H HG21 . ILE A 1 41 ? 1.720   -8.503  -7.930  1.00 1.24 ? 41 ILE A HG21 1 
ATOM 594  H HG22 . ILE A 1 41 ? 0.449   -9.674  -8.283  1.00 1.31 ? 41 ILE A HG22 1 
ATOM 595  H HG23 . ILE A 1 41 ? 1.492   -9.902  -6.880  1.00 1.49 ? 41 ILE A HG23 1 
ATOM 596  H HD11 . ILE A 1 41 ? 3.900   -12.359 -9.293  1.00 1.32 ? 41 ILE A HD11 1 
ATOM 597  H HD12 . ILE A 1 41 ? 3.140   -13.063 -7.866  1.00 1.79 ? 41 ILE A HD12 1 
ATOM 598  H HD13 . ILE A 1 41 ? 2.724   -13.662 -9.471  1.00 1.71 ? 41 ILE A HD13 1 
ATOM 599  N N    . THR A 1 42 ? 2.292   -7.281  -10.479 1.00 1.57 ? 42 THR A N    1 
ATOM 600  C CA   . THR A 1 42 ? 2.598   -5.835  -10.284 1.00 1.74 ? 42 THR A CA   1 
ATOM 601  C C    . THR A 1 42 ? 1.912   -5.335  -9.010  1.00 1.53 ? 42 THR A C    1 
ATOM 602  O O    . THR A 1 42 ? 0.766   -4.929  -9.025  1.00 1.48 ? 42 THR A O    1 
ATOM 603  C CB   . THR A 1 42 ? 2.087   -5.039  -11.489 1.00 1.96 ? 42 THR A CB   1 
ATOM 604  O OG1  . THR A 1 42 ? 2.468   -3.677  -11.348 1.00 2.19 ? 42 THR A OG1  1 
ATOM 605  C CG2  . THR A 1 42 ? 0.562   -5.140  -11.564 1.00 1.78 ? 42 THR A CG2  1 
ATOM 606  H H    . THR A 1 42 ? 1.557   -7.552  -11.071 1.00 1.54 ? 42 THR A H    1 
ATOM 607  H HA   . THR A 1 42 ? 3.666   -5.703  -10.194 1.00 1.90 ? 42 THR A HA   1 
ATOM 608  H HB   . THR A 1 42 ? 2.515   -5.441  -12.394 1.00 2.15 ? 42 THR A HB   1 
ATOM 609  H HG1  . THR A 1 42 ? 3.267   -3.539  -11.863 1.00 2.33 ? 42 THR A HG1  1 
ATOM 610  H HG21 . THR A 1 42 ? 0.236   -6.038  -11.059 1.00 2.26 ? 42 THR A HG21 1 
ATOM 611  H HG22 . THR A 1 42 ? 0.121   -4.278  -11.087 1.00 1.87 ? 42 THR A HG22 1 
ATOM 612  H HG23 . THR A 1 42 ? 0.255   -5.176  -12.599 1.00 1.82 ? 42 THR A HG23 1 
ATOM 613  N N    . CYS A 1 43 ? 2.604   -5.360  -7.903  1.00 1.56 ? 43 CYS A N    1 
ATOM 614  C CA   . CYS A 1 43 ? 1.988   -4.887  -6.633  1.00 1.44 ? 43 CYS A CA   1 
ATOM 615  C C    . CYS A 1 43 ? 2.199   -3.382  -6.490  1.00 1.66 ? 43 CYS A C    1 
ATOM 616  O O    . CYS A 1 43 ? 3.297   -2.881  -6.626  1.00 1.98 ? 43 CYS A O    1 
ATOM 617  C CB   . CYS A 1 43 ? 2.635   -5.609  -5.451  1.00 1.43 ? 43 CYS A CB   1 
ATOM 618  S SG   . CYS A 1 43 ? 2.497   -7.398  -5.694  1.00 1.55 ? 43 CYS A SG   1 
ATOM 619  H H    . CYS A 1 43 ? 3.526   -5.691  -7.909  1.00 1.76 ? 43 CYS A H    1 
ATOM 620  H HA   . CYS A 1 43 ? 0.930   -5.100  -6.648  1.00 1.25 ? 43 CYS A HA   1 
ATOM 621  H HB2  . CYS A 1 43 ? 3.676   -5.332  -5.385  1.00 1.63 ? 43 CYS A HB2  1 
ATOM 622  H HB3  . CYS A 1 43 ? 2.129   -5.330  -4.537  1.00 1.52 ? 43 CYS A HB3  1 
ATOM 623  N N    . THR A 1 44 ? 1.151   -2.658  -6.218  1.00 1.55 ? 44 THR A N    1 
ATOM 624  C CA   . THR A 1 44 ? 1.283   -1.181  -6.065  1.00 1.78 ? 44 THR A CA   1 
ATOM 625  C C    . THR A 1 44 ? 0.243   -0.679  -5.065  1.00 1.72 ? 44 THR A C    1 
ATOM 626  O O    . THR A 1 44 ? -0.844  -1.214  -4.964  1.00 1.52 ? 44 THR A O    1 
ATOM 627  C CB   . THR A 1 44 ? 1.050   -0.506  -7.419  1.00 1.73 ? 44 THR A CB   1 
ATOM 628  O OG1  . THR A 1 44 ? 1.464   -1.380  -8.460  1.00 2.01 ? 44 THR A OG1  1 
ATOM 629  C CG2  . THR A 1 44 ? 1.854   0.794   -7.490  1.00 2.41 ? 44 THR A CG2  1 
ATOM 630  H H    . THR A 1 44 ? 0.275   -3.088  -6.113  1.00 1.39 ? 44 THR A H    1 
ATOM 631  H HA   . THR A 1 44 ? 2.274   -0.941  -5.708  1.00 2.18 ? 44 THR A HA   1 
ATOM 632  H HB   . THR A 1 44 ? 0.000   -0.280  -7.534  1.00 1.88 ? 44 THR A HB   1 
ATOM 633  H HG1  . THR A 1 44 ? 0.677   -1.726  -8.889  1.00 2.36 ? 44 THR A HG1  1 
ATOM 634  H HG21 . THR A 1 44 ? 2.888   0.590   -7.257  1.00 3.08 ? 44 THR A HG21 1 
ATOM 635  H HG22 . THR A 1 44 ? 1.784   1.206   -8.487  1.00 2.75 ? 44 THR A HG22 1 
ATOM 636  H HG23 . THR A 1 44 ? 1.456   1.503   -6.780  1.00 2.62 ? 44 THR A HG23 1 
ATOM 637  N N    . SER A 1 45 ? 0.562   0.347   -4.326  1.00 2.10 ? 45 SER A N    1 
ATOM 638  C CA   . SER A 1 45 ? -0.415  0.879   -3.337  1.00 2.26 ? 45 SER A CA   1 
ATOM 639  C C    . SER A 1 45 ? -0.886  2.267   -3.787  1.00 2.43 ? 45 SER A C    1 
ATOM 640  O O    . SER A 1 45 ? -0.292  3.276   -3.461  1.00 2.77 ? 45 SER A O    1 
ATOM 641  C CB   . SER A 1 45 ? 0.248   0.969   -1.960  1.00 2.67 ? 45 SER A CB   1 
ATOM 642  O OG   . SER A 1 45 ? 0.932   2.209   -1.837  1.00 3.32 ? 45 SER A OG   1 
ATOM 643  H H    . SER A 1 45 ? 1.442   0.767   -4.422  1.00 2.38 ? 45 SER A H    1 
ATOM 644  H HA   . SER A 1 45 ? -1.266  0.215   -3.283  1.00 2.11 ? 45 SER A HA   1 
ATOM 645  H HB2  . SER A 1 45 ? -0.503  0.901   -1.191  1.00 2.82 ? 45 SER A HB2  1 
ATOM 646  H HB3  . SER A 1 45 ? 0.948   0.150   -1.848  1.00 2.61 ? 45 SER A HB3  1 
ATOM 647  H HG   . SER A 1 45 ? 1.647   2.093   -1.207  1.00 3.45 ? 45 SER A HG   1 
ATOM 648  N N    . ARG A 1 46 ? -1.950  2.325   -4.540  1.00 2.46 ? 46 ARG A N    1 
ATOM 649  C CA   . ARG A 1 46 ? -2.455  3.645   -5.013  1.00 2.71 ? 46 ARG A CA   1 
ATOM 650  C C    . ARG A 1 46 ? -3.683  4.040   -4.179  1.00 2.66 ? 46 ARG A C    1 
ATOM 651  O O    . ARG A 1 46 ? -4.037  5.199   -4.088  1.00 2.78 ? 46 ARG A O    1 
ATOM 652  C CB   . ARG A 1 46 ? -2.801  3.542   -6.518  1.00 3.13 ? 46 ARG A CB   1 
ATOM 653  C CG   . ARG A 1 46 ? -4.292  3.812   -6.776  1.00 3.46 ? 46 ARG A CG   1 
ATOM 654  C CD   . ARG A 1 46 ? -4.547  3.893   -8.283  1.00 3.42 ? 46 ARG A CD   1 
ATOM 655  N NE   . ARG A 1 46 ? -5.744  3.077   -8.633  1.00 4.05 ? 46 ARG A NE   1 
ATOM 656  C CZ   . ARG A 1 46 ? -6.334  3.245   -9.784  1.00 4.47 ? 46 ARG A CZ   1 
ATOM 657  N NH1  . ARG A 1 46 ? -6.784  4.422   -10.122 1.00 4.43 ? 46 ARG A NH1  1 
ATOM 658  N NH2  . ARG A 1 46 ? -6.476  2.234   -10.597 1.00 5.29 ? 46 ARG A NH2  1 
ATOM 659  H H    . ARG A 1 46 ? -2.415  1.503   -4.797  1.00 2.51 ? 46 ARG A H    1 
ATOM 660  H HA   . ARG A 1 46 ? -1.682  4.388   -4.876  1.00 2.73 ? 46 ARG A HA   1 
ATOM 661  H HB2  . ARG A 1 46 ? -2.213  4.264   -7.065  1.00 3.33 ? 46 ARG A HB2  1 
ATOM 662  H HB3  . ARG A 1 46 ? -2.556  2.551   -6.868  1.00 3.50 ? 46 ARG A HB3  1 
ATOM 663  H HG2  . ARG A 1 46 ? -4.881  3.011   -6.352  1.00 3.92 ? 46 ARG A HG2  1 
ATOM 664  H HG3  . ARG A 1 46 ? -4.573  4.747   -6.316  1.00 3.73 ? 46 ARG A HG3  1 
ATOM 665  H HD2  . ARG A 1 46 ? -4.717  4.923   -8.563  1.00 3.42 ? 46 ARG A HD2  1 
ATOM 666  H HD3  . ARG A 1 46 ? -3.687  3.514   -8.815  1.00 3.39 ? 46 ARG A HD3  1 
ATOM 667  H HE   . ARG A 1 46 ? -6.088  2.414   -7.998  1.00 4.40 ? 46 ARG A HE   1 
ATOM 668  H HH11 . ARG A 1 46 ? -6.678  5.195   -9.498  1.00 4.14 ? 46 ARG A HH11 1 
ATOM 669  H HH12 . ARG A 1 46 ? -7.238  4.549   -11.005 1.00 4.96 ? 46 ARG A HH12 1 
ATOM 670  H HH21 . ARG A 1 46 ? -6.133  1.332   -10.338 1.00 5.64 ? 46 ARG A HH21 1 
ATOM 671  H HH22 . ARG A 1 46 ? -6.929  2.363   -11.480 1.00 5.74 ? 46 ARG A HH22 1 
ATOM 672  N N    . ASN A 1 47 ? -4.332  3.082   -3.575  1.00 2.62 ? 47 ASN A N    1 
ATOM 673  C CA   . ASN A 1 47 ? -5.534  3.400   -2.755  1.00 2.60 ? 47 ASN A CA   1 
ATOM 674  C C    . ASN A 1 47 ? -5.318  2.915   -1.315  1.00 2.46 ? 47 ASN A C    1 
ATOM 675  O O    . ASN A 1 47 ? -6.239  2.874   -0.521  1.00 2.49 ? 47 ASN A O    1 
ATOM 676  C CB   . ASN A 1 47 ? -6.756  2.703   -3.359  1.00 2.77 ? 47 ASN A CB   1 
ATOM 677  C CG   . ASN A 1 47 ? -7.624  3.730   -4.090  1.00 3.03 ? 47 ASN A CG   1 
ATOM 678  O OD1  . ASN A 1 47 ? -7.747  4.858   -3.654  1.00 3.33 ? 47 ASN A OD1  1 
ATOM 679  N ND2  . ASN A 1 47 ? -8.238  3.386   -5.190  1.00 3.32 ? 47 ASN A ND2  1 
ATOM 680  H H    . ASN A 1 47 ? -4.031  2.154   -3.664  1.00 2.70 ? 47 ASN A H    1 
ATOM 681  H HA   . ASN A 1 47 ? -5.695  4.468   -2.754  1.00 2.62 ? 47 ASN A HA   1 
ATOM 682  H HB2  . ASN A 1 47 ? -6.427  1.947   -4.059  1.00 2.85 ? 47 ASN A HB2  1 
ATOM 683  H HB3  . ASN A 1 47 ? -7.332  2.240   -2.573  1.00 2.82 ? 47 ASN A HB3  1 
ATOM 684  H HD21 . ASN A 1 47 ? -8.139  2.476   -5.541  1.00 3.54 ? 47 ASN A HD21 1 
ATOM 685  H HD22 . ASN A 1 47 ? -8.797  4.036   -5.664  1.00 3.55 ? 47 ASN A HD22 1 
ATOM 686  N N    . ARG A 1 48 ? -4.109  2.557   -0.969  1.00 2.52 ? 48 ARG A N    1 
ATOM 687  C CA   . ARG A 1 48 ? -3.833  2.085   0.423   1.00 2.40 ? 48 ARG A CA   1 
ATOM 688  C C    . ARG A 1 48 ? -2.638  2.858   0.991   1.00 2.20 ? 48 ARG A C    1 
ATOM 689  O O    . ARG A 1 48 ? -1.564  2.316   1.156   1.00 2.30 ? 48 ARG A O    1 
ATOM 690  C CB   . ARG A 1 48 ? -3.485  0.591   0.412   1.00 2.62 ? 48 ARG A CB   1 
ATOM 691  C CG   . ARG A 1 48 ? -4.737  -0.261  0.657   1.00 2.90 ? 48 ARG A CG   1 
ATOM 692  C CD   . ARG A 1 48 ? -5.312  0.029   2.043   1.00 2.76 ? 48 ARG A CD   1 
ATOM 693  N NE   . ARG A 1 48 ? -5.756  -1.251  2.715   1.00 3.23 ? 48 ARG A NE   1 
ATOM 694  C CZ   . ARG A 1 48 ? -6.685  -2.045  2.214   1.00 3.58 ? 48 ARG A CZ   1 
ATOM 695  N NH1  . ARG A 1 48 ? -6.754  -2.320  0.936   1.00 3.76 ? 48 ARG A NH1  1 
ATOM 696  N NH2  . ARG A 1 48 ? -7.561  -2.586  3.016   1.00 4.27 ? 48 ARG A NH2  1 
ATOM 697  H H    . ARG A 1 48 ? -3.380  2.605   -1.622  1.00 2.75 ? 48 ARG A H    1 
ATOM 698  H HA   . ARG A 1 48 ? -4.702  2.252   1.043   1.00 2.33 ? 48 ARG A HA   1 
ATOM 699  H HB2  . ARG A 1 48 ? -3.060  0.332   -0.546  1.00 2.61 ? 48 ARG A HB2  1 
ATOM 700  H HB3  . ARG A 1 48 ? -2.762  0.390   1.188   1.00 2.87 ? 48 ARG A HB3  1 
ATOM 701  H HG2  . ARG A 1 48 ? -5.478  -0.035  -0.095  1.00 3.27 ? 48 ARG A HG2  1 
ATOM 702  H HG3  . ARG A 1 48 ? -4.466  -1.304  0.595   1.00 3.25 ? 48 ARG A HG3  1 
ATOM 703  H HD2  . ARG A 1 48 ? -4.548  0.461   2.658   1.00 2.58 ? 48 ARG A HD2  1 
ATOM 704  H HD3  . ARG A 1 48 ? -6.130  0.742   1.946   1.00 2.86 ? 48 ARG A HD3  1 
ATOM 705  H HE   . ARG A 1 48 ? -5.341  -1.499  3.568   1.00 3.58 ? 48 ARG A HE   1 
ATOM 706  H HH11 . ARG A 1 48 ? -6.103  -1.937  0.297   1.00 3.68 ? 48 ARG A HH11 1 
ATOM 707  H HH12 . ARG A 1 48 ? -7.472  -2.928  0.602   1.00 4.29 ? 48 ARG A HH12 1 
ATOM 708  H HH21 . ARG A 1 48 ? -7.527  -2.399  3.997   1.00 4.51 ? 48 ARG A HH21 1 
ATOM 709  H HH22 . ARG A 1 48 ? -8.266  -3.192  2.646   1.00 4.80 ? 48 ARG A HH22 1 
ATOM 710  N N    . CYS A 1 49 ? -2.808  4.117   1.290   1.00 1.97 ? 49 CYS A N    1 
ATOM 711  C CA   . CYS A 1 49 ? -1.670  4.905   1.847   1.00 1.80 ? 49 CYS A CA   1 
ATOM 712  C C    . CYS A 1 49 ? -0.980  4.090   2.946   1.00 1.85 ? 49 CYS A C    1 
ATOM 713  O O    . CYS A 1 49 ? -1.626  3.479   3.774   1.00 2.00 ? 49 CYS A O    1 
ATOM 714  C CB   . CYS A 1 49 ? -2.197  6.214   2.438   1.00 1.50 ? 49 CYS A CB   1 
ATOM 715  S SG   . CYS A 1 49 ? -2.968  7.199   1.130   1.00 1.54 ? 49 CYS A SG   1 
ATOM 716  H H    . CYS A 1 49 ? -3.679  4.543   1.152   1.00 1.95 ? 49 CYS A H    1 
ATOM 717  H HA   . CYS A 1 49 ? -0.962  5.122   1.061   1.00 1.92 ? 49 CYS A HA   1 
ATOM 718  H HB2  . CYS A 1 49 ? -2.928  5.996   3.203   1.00 1.44 ? 49 CYS A HB2  1 
ATOM 719  H HB3  . CYS A 1 49 ? -1.379  6.770   2.872   1.00 1.42 ? 49 CYS A HB3  1 
ATOM 720  N N    . ASN A 1 50 ? 0.326   4.074   2.963   1.00 1.87 ? 50 ASN A N    1 
ATOM 721  C CA   . ASN A 1 50 ? 1.047   3.297   4.014   1.00 1.95 ? 50 ASN A CA   1 
ATOM 722  C C    . ASN A 1 50 ? 2.162   4.158   4.609   1.00 1.67 ? 50 ASN A C    1 
ATOM 723  O O    . ASN A 1 50 ? 3.006   4.673   3.903   1.00 2.14 ? 50 ASN A O    1 
ATOM 724  C CB   . ASN A 1 50 ? 1.651   2.030   3.399   1.00 2.41 ? 50 ASN A CB   1 
ATOM 725  C CG   . ASN A 1 50 ? 2.021   2.288   1.938   1.00 2.80 ? 50 ASN A CG   1 
ATOM 726  O OD1  . ASN A 1 50 ? 1.181   2.204   1.062   1.00 3.01 ? 50 ASN A OD1  1 
ATOM 727  N ND2  . ASN A 1 50 ? 3.252   2.598   1.631   1.00 3.36 ? 50 ASN A ND2  1 
ATOM 728  H H    . ASN A 1 50 ? 0.833   4.573   2.289   1.00 1.92 ? 50 ASN A H    1 
ATOM 729  H HA   . ASN A 1 50 ? 0.352   3.022   4.794   1.00 2.00 ? 50 ASN A HA   1 
ATOM 730  H HB2  . ASN A 1 50 ? 2.538   1.753   3.951   1.00 2.36 ? 50 ASN A HB2  1 
ATOM 731  H HB3  . ASN A 1 50 ? 0.930   1.228   3.451   1.00 2.67 ? 50 ASN A HB3  1 
ATOM 732  H HD21 . ASN A 1 50 ? 3.930   2.665   2.335   1.00 3.67 ? 50 ASN A HD21 1 
ATOM 733  H HD22 . ASN A 1 50 ? 3.497   2.763   0.697   1.00 3.72 ? 50 ASN A HD22 1 
ATOM 734  N N    . ASP A 1 51 ? 2.172   4.317   5.903   1.00 1.63 ? 51 ASP A N    1 
ATOM 735  C CA   . ASP A 1 51 ? 3.231   5.144   6.546   1.00 1.32 ? 51 ASP A CA   1 
ATOM 736  C C    . ASP A 1 51 ? 4.256   4.227   7.216   1.00 1.44 ? 51 ASP A C    1 
ATOM 737  O O    . ASP A 1 51 ? 3.908   3.327   7.952   1.00 1.58 ? 51 ASP A O    1 
ATOM 738  C CB   . ASP A 1 51 ? 2.597   6.058   7.596   1.00 1.04 ? 51 ASP A CB   1 
ATOM 739  C CG   . ASP A 1 51 ? 3.684   6.898   8.269   1.00 1.83 ? 51 ASP A CG   1 
ATOM 740  O OD1  . ASP A 1 51 ? 4.603   7.308   7.578   1.00 2.30 ? 51 ASP A OD1  1 
ATOM 741  O OD2  . ASP A 1 51 ? 3.578   7.120   9.464   1.00 2.58 ? 51 ASP A OD2  1 
ATOM 742  H H    . ASP A 1 51 ? 1.481   3.893   6.454   1.00 2.22 ? 51 ASP A H    1 
ATOM 743  H HA   . ASP A 1 51 ? 3.722   5.746   5.795   1.00 1.37 ? 51 ASP A HA   1 
ATOM 744  H HB2  . ASP A 1 51 ? 1.879   6.709   7.119   1.00 1.19 ? 51 ASP A HB2  1 
ATOM 745  H HB3  . ASP A 1 51 ? 2.098   5.456   8.341   1.00 1.29 ? 51 ASP A HB3  1 
ATOM 746  N N    . GLN A 1 52 ? 5.519   4.447   6.969   1.00 1.64 ? 52 GLN A N    1 
ATOM 747  C CA   . GLN A 1 52 ? 6.560   3.583   7.594   1.00 1.76 ? 52 GLN A CA   1 
ATOM 748  C C    . GLN A 1 52 ? 6.987   4.180   8.937   1.00 1.62 ? 52 GLN A C    1 
ATOM 749  O O    . GLN A 1 52 ? 7.913   3.713   9.569   1.00 1.71 ? 52 GLN A O    1 
ATOM 750  C CB   . GLN A 1 52 ? 7.772   3.492   6.665   1.00 2.05 ? 52 GLN A CB   1 
ATOM 751  C CG   . GLN A 1 52 ? 7.318   3.027   5.280   1.00 2.20 ? 52 GLN A CG   1 
ATOM 752  C CD   . GLN A 1 52 ? 8.541   2.746   4.405   1.00 2.66 ? 52 GLN A CD   1 
ATOM 753  O OE1  . GLN A 1 52 ? 8.725   1.642   3.932   1.00 3.26 ? 52 GLN A OE1  1 
ATOM 754  N NE2  . GLN A 1 52 ? 9.394   3.705   4.169   1.00 2.92 ? 52 GLN A NE2  1 
ATOM 755  H H    . GLN A 1 52 ? 5.782   5.177   6.371   1.00 1.85 ? 52 GLN A H    1 
ATOM 756  H HA   . GLN A 1 52 ? 6.157   2.594   7.755   1.00 1.81 ? 52 GLN A HA   1 
ATOM 757  H HB2  . GLN A 1 52 ? 8.238   4.464   6.584   1.00 2.45 ? 52 GLN A HB2  1 
ATOM 758  H HB3  . GLN A 1 52 ? 8.482   2.784   7.065   1.00 2.40 ? 52 GLN A HB3  1 
ATOM 759  H HG2  . GLN A 1 52 ? 6.730   2.125   5.379   1.00 2.31 ? 52 GLN A HG2  1 
ATOM 760  H HG3  . GLN A 1 52 ? 6.717   3.798   4.819   1.00 2.61 ? 52 GLN A HG3  1 
ATOM 761  H HE21 . GLN A 1 52 ? 9.248   4.597   4.551   1.00 3.02 ? 52 GLN A HE21 1 
ATOM 762  H HE22 . GLN A 1 52 ? 10.181  3.535   3.609   1.00 3.33 ? 52 GLN A HE22 1 
ATOM 763  N N    . ASP A 1 53 ? 6.316   5.209   9.381   1.00 1.49 ? 53 ASP A N    1 
ATOM 764  C CA   . ASP A 1 53 ? 6.683   5.831   10.683  1.00 1.47 ? 53 ASP A CA   1 
ATOM 765  C C    . ASP A 1 53 ? 5.862   5.187   11.801  1.00 1.42 ? 53 ASP A C    1 
ATOM 766  O O    . ASP A 1 53 ? 6.307   5.074   12.926  1.00 1.60 ? 53 ASP A O    1 
ATOM 767  C CB   . ASP A 1 53 ? 6.387   7.331   10.632  1.00 1.41 ? 53 ASP A CB   1 
ATOM 768  C CG   . ASP A 1 53 ? 7.699   8.114   10.681  1.00 2.08 ? 53 ASP A CG   1 
ATOM 769  O OD1  . ASP A 1 53 ? 8.607   7.756   9.949   1.00 2.72 ? 53 ASP A OD1  1 
ATOM 770  O OD2  . ASP A 1 53 ? 7.774   9.060   11.448  1.00 2.42 ? 53 ASP A OD2  1 
ATOM 771  H H    . ASP A 1 53 ? 5.571   5.570   8.858   1.00 1.47 ? 53 ASP A H    1 
ATOM 772  H HA   . ASP A 1 53 ? 7.735   5.677   10.873  1.00 1.62 ? 53 ASP A HA   1 
ATOM 773  H HB2  . ASP A 1 53 ? 5.861   7.563   9.717   1.00 1.28 ? 53 ASP A HB2  1 
ATOM 774  H HB3  . ASP A 1 53 ? 5.775   7.605   11.479  1.00 1.41 ? 53 ASP A HB3  1 
ATOM 775  N N    . THR A 1 54 ? 4.665   4.762   11.500  1.00 1.32 ? 54 THR A N    1 
ATOM 776  C CA   . THR A 1 54 ? 3.813   4.123   12.546  1.00 1.42 ? 54 THR A CA   1 
ATOM 777  C C    . THR A 1 54 ? 3.659   2.632   12.228  1.00 1.56 ? 54 THR A C    1 
ATOM 778  O O    . THR A 1 54 ? 3.078   1.883   12.988  1.00 1.71 ? 54 THR A O    1 
ATOM 779  C CB   . THR A 1 54 ? 2.425   4.790   12.586  1.00 1.39 ? 54 THR A CB   1 
ATOM 780  O OG1  . THR A 1 54 ? 1.446   3.884   12.096  1.00 1.89 ? 54 THR A OG1  1 
ATOM 781  C CG2  . THR A 1 54 ? 2.416   6.060   11.729  1.00 1.76 ? 54 THR A CG2  1 
ATOM 782  H H    . THR A 1 54 ? 4.326   4.862   10.585  1.00 1.32 ? 54 THR A H    1 
ATOM 783  H HA   . THR A 1 54 ? 4.291   4.233   13.508  1.00 1.51 ? 54 THR A HA   1 
ATOM 784  H HB   . THR A 1 54 ? 2.187   5.052   13.605  1.00 1.78 ? 54 THR A HB   1 
ATOM 785  H HG1  . THR A 1 54 ? 1.127   3.363   12.837  1.00 2.32 ? 54 THR A HG1  1 
ATOM 786  H HG21 . THR A 1 54 ? 3.333   6.609   11.889  1.00 2.10 ? 54 THR A HG21 1 
ATOM 787  H HG22 . THR A 1 54 ? 2.334   5.790   10.686  1.00 2.21 ? 54 THR A HG22 1 
ATOM 788  H HG23 . THR A 1 54 ? 1.574   6.676   12.009  1.00 2.25 ? 54 THR A HG23 1 
ATOM 789  N N    . ARG A 1 55 ? 4.173   2.196   11.109  1.00 1.60 ? 55 ARG A N    1 
ATOM 790  C CA   . ARG A 1 55 ? 4.053   0.757   10.745  1.00 1.81 ? 55 ARG A CA   1 
ATOM 791  C C    . ARG A 1 55 ? 2.578   0.365   10.693  1.00 1.90 ? 55 ARG A C    1 
ATOM 792  O O    . ARG A 1 55 ? 2.129   -0.496  11.422  1.00 2.06 ? 55 ARG A O    1 
ATOM 793  C CB   . ARG A 1 55 ? 4.769   -0.098  11.788  1.00 1.90 ? 55 ARG A CB   1 
ATOM 794  C CG   . ARG A 1 55 ? 6.126   0.528   12.095  1.00 1.94 ? 55 ARG A CG   1 
ATOM 795  C CD   . ARG A 1 55 ? 6.956   -0.439  12.941  1.00 2.28 ? 55 ARG A CD   1 
ATOM 796  N NE   . ARG A 1 55 ? 8.404   -0.220  12.661  1.00 2.72 ? 55 ARG A NE   1 
ATOM 797  C CZ   . ARG A 1 55 ? 9.309   -0.748  13.439  1.00 3.22 ? 55 ARG A CZ   1 
ATOM 798  N NH1  . ARG A 1 55 ? 9.239   -0.581  14.729  1.00 3.99 ? 55 ARG A NH1  1 
ATOM 799  N NH2  . ARG A 1 55 ? 10.283  -1.442  12.921  1.00 3.37 ? 55 ARG A NH2  1 
ATOM 800  H H    . ARG A 1 55 ? 4.636   2.815   10.508  1.00 1.57 ? 55 ARG A H    1 
ATOM 801  H HA   . ARG A 1 55 ? 4.502   0.595   9.778   1.00 1.90 ? 55 ARG A HA   1 
ATOM 802  H HB2  . ARG A 1 55 ? 4.175   -0.141  12.689  1.00 1.92 ? 55 ARG A HB2  1 
ATOM 803  H HB3  . ARG A 1 55 ? 4.913   -1.095  11.400  1.00 1.96 ? 55 ARG A HB3  1 
ATOM 804  H HG2  . ARG A 1 55 ? 6.641   0.731   11.169  1.00 1.99 ? 55 ARG A HG2  1 
ATOM 805  H HG3  . ARG A 1 55 ? 5.982   1.448   12.636  1.00 1.88 ? 55 ARG A HG3  1 
ATOM 806  H HD2  . ARG A 1 55 ? 6.764   -0.261  13.988  1.00 2.55 ? 55 ARG A HD2  1 
ATOM 807  H HD3  . ARG A 1 55 ? 6.686   -1.455  12.695  1.00 2.36 ? 55 ARG A HD3  1 
ATOM 808  H HE   . ARG A 1 55 ? 8.676   0.323   11.893  1.00 2.92 ? 55 ARG A HE   1 
ATOM 809  H HH11 . ARG A 1 55 ? 8.492   -0.048  15.124  1.00 4.27 ? 55 ARG A HH11 1 
ATOM 810  H HH12 . ARG A 1 55 ? 9.935   -0.986  15.323  1.00 4.51 ? 55 ARG A HH12 1 
ATOM 811  H HH21 . ARG A 1 55 ? 10.335  -1.568  11.930  1.00 3.29 ? 55 ARG A HH21 1 
ATOM 812  H HH22 . ARG A 1 55 ? 10.978  -1.847  13.514  1.00 3.87 ? 55 ARG A HH22 1 
ATOM 813  N N    . THR A 1 56 ? 1.819   0.994   9.842   1.00 1.87 ? 56 THR A N    1 
ATOM 814  C CA   . THR A 1 56 ? 0.373   0.659   9.753   1.00 2.01 ? 56 THR A CA   1 
ATOM 815  C C    . THR A 1 56 ? -0.190  1.186   8.431   1.00 2.00 ? 56 THR A C    1 
ATOM 816  O O    . THR A 1 56 ? -0.155  2.370   8.158   1.00 2.06 ? 56 THR A O    1 
ATOM 817  C CB   . THR A 1 56 ? -0.361  1.302   10.935  1.00 1.93 ? 56 THR A CB   1 
ATOM 818  O OG1  . THR A 1 56 ? -1.619  0.665   11.114  1.00 2.29 ? 56 THR A OG1  1 
ATOM 819  C CG2  . THR A 1 56 ? -0.575  2.794   10.668  1.00 1.85 ? 56 THR A CG2  1 
ATOM 820  H H    . THR A 1 56 ? 2.198   1.690   9.265   1.00 1.83 ? 56 THR A H    1 
ATOM 821  H HA   . THR A 1 56 ? 0.250   -0.413  9.793   1.00 2.23 ? 56 THR A HA   1 
ATOM 822  H HB   . THR A 1 56 ? 0.235   1.185   11.829  1.00 1.92 ? 56 THR A HB   1 
ATOM 823  H HG1  . THR A 1 56 ? -2.041  1.055   11.884  1.00 2.68 ? 56 THR A HG1  1 
ATOM 824  H HG21 . THR A 1 56 ? 0.320   3.214   10.235  1.00 2.05 ? 56 THR A HG21 1 
ATOM 825  H HG22 . THR A 1 56 ? -1.401  2.921   9.982   1.00 2.25 ? 56 THR A HG22 1 
ATOM 826  H HG23 . THR A 1 56 ? -0.797  3.298   11.597  1.00 2.00 ? 56 THR A HG23 1 
ATOM 827  N N    . SER A 1 57 ? -0.704  0.317   7.605   1.00 2.05 ? 57 SER A N    1 
ATOM 828  C CA   . SER A 1 57 ? -1.264  0.773   6.302   1.00 2.07 ? 57 SER A CA   1 
ATOM 829  C C    . SER A 1 57 ? -2.650  1.376   6.525   1.00 2.03 ? 57 SER A C    1 
ATOM 830  O O    . SER A 1 57 ? -3.556  0.717   6.995   1.00 2.31 ? 57 SER A O    1 
ATOM 831  C CB   . SER A 1 57 ? -1.379  -0.416  5.349   1.00 2.43 ? 57 SER A CB   1 
ATOM 832  O OG   . SER A 1 57 ? -1.952  0.021   4.123   1.00 2.94 ? 57 SER A OG   1 
ATOM 833  H H    . SER A 1 57 ? -0.720  -0.634  7.841   1.00 2.16 ? 57 SER A H    1 
ATOM 834  H HA   . SER A 1 57 ? -0.611  1.518   5.872   1.00 1.93 ? 57 SER A HA   1 
ATOM 835  H HB2  . SER A 1 57 ? -0.401  -0.824  5.157   1.00 2.26 ? 57 SER A HB2  1 
ATOM 836  H HB3  . SER A 1 57 ? -2.002  -1.176  5.799   1.00 2.59 ? 57 SER A HB3  1 
ATOM 837  H HG   . SER A 1 57 ? -2.787  -0.435  4.006   1.00 3.33 ? 57 SER A HG   1 
ATOM 838  N N    . TYR A 1 58 ? -2.823  2.623   6.190   1.00 1.88 ? 58 TYR A N    1 
ATOM 839  C CA   . TYR A 1 58 ? -4.150  3.266   6.380   1.00 1.85 ? 58 TYR A CA   1 
ATOM 840  C C    . TYR A 1 58 ? -5.025  2.984   5.160   1.00 2.05 ? 58 TYR A C    1 
ATOM 841  O O    . TYR A 1 58 ? -4.664  2.215   4.292   1.00 2.19 ? 58 TYR A O    1 
ATOM 842  C CB   . TYR A 1 58 ? -3.962  4.774   6.546   1.00 1.55 ? 58 TYR A CB   1 
ATOM 843  C CG   . TYR A 1 58 ? -3.052  5.027   7.722   1.00 1.42 ? 58 TYR A CG   1 
ATOM 844  C CD1  . TYR A 1 58 ? -3.571  5.017   9.021   1.00 1.80 ? 58 TYR A CD1  1 
ATOM 845  C CD2  . TYR A 1 58 ? -1.687  5.262   7.514   1.00 1.64 ? 58 TYR A CD2  1 
ATOM 846  C CE1  . TYR A 1 58 ? -2.727  5.243   10.115  1.00 1.73 ? 58 TYR A CE1  1 
ATOM 847  C CE2  . TYR A 1 58 ? -0.842  5.486   8.608   1.00 1.63 ? 58 TYR A CE2  1 
ATOM 848  C CZ   . TYR A 1 58 ? -1.363  5.476   9.908   1.00 1.31 ? 58 TYR A CZ   1 
ATOM 849  O OH   . TYR A 1 58 ? -0.530  5.698   10.985  1.00 1.32 ? 58 TYR A OH   1 
ATOM 850  H H    . TYR A 1 58 ? -2.079  3.137   5.811   1.00 1.93 ? 58 TYR A H    1 
ATOM 851  H HA   . TYR A 1 58 ? -4.624  2.862   7.263   1.00 1.97 ? 58 TYR A HA   1 
ATOM 852  H HB2  . TYR A 1 58 ? -3.519  5.184   5.649   1.00 1.48 ? 58 TYR A HB2  1 
ATOM 853  H HB3  . TYR A 1 58 ? -4.919  5.242   6.725   1.00 1.56 ? 58 TYR A HB3  1 
ATOM 854  H HD1  . TYR A 1 58 ? -4.624  4.837   9.180   1.00 2.42 ? 58 TYR A HD1  1 
ATOM 855  H HD2  . TYR A 1 58 ? -1.285  5.269   6.512   1.00 2.18 ? 58 TYR A HD2  1 
ATOM 856  H HE1  . TYR A 1 58 ? -3.129  5.236   11.117  1.00 2.30 ? 58 TYR A HE1  1 
ATOM 857  H HE2  . TYR A 1 58 ? 0.210   5.667   8.449   1.00 2.20 ? 58 TYR A HE2  1 
ATOM 858  H HH   . TYR A 1 58 ? -0.970  5.368   11.773  1.00 1.41 ? 58 TYR A HH   1 
ATOM 859  N N    . ARG A 1 59 ? -6.175  3.592   5.087   1.00 2.15 ? 59 ARG A N    1 
ATOM 860  C CA   . ARG A 1 59 ? -7.064  3.346   3.921   1.00 2.36 ? 59 ARG A CA   1 
ATOM 861  C C    . ARG A 1 59 ? -7.418  4.675   3.255   1.00 2.11 ? 59 ARG A C    1 
ATOM 862  O O    . ARG A 1 59 ? -6.786  5.688   3.488   1.00 2.00 ? 59 ARG A O    1 
ATOM 863  C CB   . ARG A 1 59 ? -8.345  2.654   4.392   1.00 2.69 ? 59 ARG A CB   1 
ATOM 864  C CG   . ARG A 1 59 ? -8.589  1.402   3.548   1.00 2.78 ? 59 ARG A CG   1 
ATOM 865  C CD   . ARG A 1 59 ? -9.164  0.291   4.428   1.00 3.09 ? 59 ARG A CD   1 
ATOM 866  N NE   . ARG A 1 59 ? -10.534 0.667   4.876   1.00 3.32 ? 59 ARG A NE   1 
ATOM 867  C CZ   . ARG A 1 59 ? -11.344 -0.248  5.336   1.00 3.57 ? 59 ARG A CZ   1 
ATOM 868  N NH1  . ARG A 1 59 ? -12.103 -0.917  4.513   1.00 3.75 ? 59 ARG A NH1  1 
ATOM 869  N NH2  . ARG A 1 59 ? -11.402 -0.492  6.617   1.00 4.15 ? 59 ARG A NH2  1 
ATOM 870  H H    . ARG A 1 59 ? -6.452  4.206   5.797   1.00 2.14 ? 59 ARG A H    1 
ATOM 871  H HA   . ARG A 1 59 ? -6.556  2.712   3.209   1.00 2.51 ? 59 ARG A HA   1 
ATOM 872  H HB2  . ARG A 1 59 ? -8.242  2.377   5.430   1.00 3.00 ? 59 ARG A HB2  1 
ATOM 873  H HB3  . ARG A 1 59 ? -9.180  3.329   4.280   1.00 3.11 ? 59 ARG A HB3  1 
ATOM 874  H HG2  . ARG A 1 59 ? -9.290  1.634   2.757   1.00 3.16 ? 59 ARG A HG2  1 
ATOM 875  H HG3  . ARG A 1 59 ? -7.657  1.072   3.117   1.00 2.97 ? 59 ARG A HG3  1 
ATOM 876  H HD2  . ARG A 1 59 ? -9.208  -0.629  3.860   1.00 3.52 ? 59 ARG A HD2  1 
ATOM 877  H HD3  . ARG A 1 59 ? -8.534  0.153   5.292   1.00 3.22 ? 59 ARG A HD3  1 
ATOM 878  H HE   . ARG A 1 59 ? -10.825 1.601   4.826   1.00 3.61 ? 59 ARG A HE   1 
ATOM 879  H HH11 . ARG A 1 59 ? -12.063 -0.727  3.532   1.00 3.77 ? 59 ARG A HH11 1 
ATOM 880  H HH12 . ARG A 1 59 ? -12.725 -1.618  4.863   1.00 4.19 ? 59 ARG A HH12 1 
ATOM 881  H HH21 . ARG A 1 59 ? -10.823 0.023   7.251   1.00 4.43 ? 59 ARG A HH21 1 
ATOM 882  H HH22 . ARG A 1 59 ? -12.023 -1.194  6.964   1.00 4.56 ? 59 ARG A HH22 1 
ATOM 883  N N    . ILE A 1 60 ? -8.424  4.680   2.426   1.00 2.16 ? 60 ILE A N    1 
ATOM 884  C CA   . ILE A 1 60 ? -8.818  5.941   1.742   1.00 1.95 ? 60 ILE A CA   1 
ATOM 885  C C    . ILE A 1 60 ? -9.730  6.759   2.659   1.00 1.90 ? 60 ILE A C    1 
ATOM 886  O O    . ILE A 1 60 ? -10.672 6.250   3.232   1.00 2.09 ? 60 ILE A O    1 
ATOM 887  C CB   . ILE A 1 60 ? -9.562  5.601   0.450   1.00 2.10 ? 60 ILE A CB   1 
ATOM 888  C CG1  . ILE A 1 60 ? -8.565  5.072   -0.585  1.00 2.37 ? 60 ILE A CG1  1 
ATOM 889  C CG2  . ILE A 1 60 ? -10.250 6.856   -0.093  1.00 2.50 ? 60 ILE A CG2  1 
ATOM 890  C CD1  . ILE A 1 60 ? -7.735  6.232   -1.140  1.00 2.77 ? 60 ILE A CD1  1 
ATOM 891  H H    . ILE A 1 60 ? -8.919  3.853   2.251   1.00 2.43 ? 60 ILE A H    1 
ATOM 892  H HA   . ILE A 1 60 ? -7.935  6.515   1.508   1.00 1.80 ? 60 ILE A HA   1 
ATOM 893  H HB   . ILE A 1 60 ? -10.306 4.844   0.654   1.00 2.30 ? 60 ILE A HB   1 
ATOM 894  H HG12 . ILE A 1 60 ? -7.909  4.353   -0.117  1.00 2.62 ? 60 ILE A HG12 1 
ATOM 895  H HG13 . ILE A 1 60 ? -9.101  4.597   -1.393  1.00 2.84 ? 60 ILE A HG13 1 
ATOM 896  H HG21 . ILE A 1 60 ? -9.631  7.719   0.103   1.00 3.08 ? 60 ILE A HG21 1 
ATOM 897  H HG22 . ILE A 1 60 ? -10.399 6.754   -1.157  1.00 2.60 ? 60 ILE A HG22 1 
ATOM 898  H HG23 . ILE A 1 60 ? -11.206 6.981   0.394   1.00 2.81 ? 60 ILE A HG23 1 
ATOM 899  H HD11 . ILE A 1 60 ? -7.932  7.124   -0.562  1.00 3.11 ? 60 ILE A HD11 1 
ATOM 900  H HD12 . ILE A 1 60 ? -6.686  5.987   -1.078  1.00 3.07 ? 60 ILE A HD12 1 
ATOM 901  H HD13 . ILE A 1 60 ? -8.004  6.406   -2.172  1.00 3.14 ? 60 ILE A HD13 1 
ATOM 902  N N    . GLY A 1 61 ? -9.458  8.028   2.798   1.00 1.77 ? 61 GLY A N    1 
ATOM 903  C CA   . GLY A 1 61 ? -10.309 8.884   3.671   1.00 1.82 ? 61 GLY A CA   1 
ATOM 904  C C    . GLY A 1 61 ? -9.879  8.726   5.129   1.00 1.81 ? 61 GLY A C    1 
ATOM 905  O O    . GLY A 1 61 ? -10.536 9.200   6.034   1.00 2.02 ? 61 GLY A O    1 
ATOM 906  H H    . GLY A 1 61 ? -8.694  8.420   2.325   1.00 1.74 ? 61 GLY A H    1 
ATOM 907  H HA2  . GLY A 1 61 ? -10.203 9.918   3.373   1.00 1.72 ? 61 GLY A HA2  1 
ATOM 908  H HA3  . GLY A 1 61 ? -11.341 8.586   3.570   1.00 2.04 ? 61 GLY A HA3  1 
ATOM 909  N N    . ASP A 1 62 ? -8.780  8.065   5.367   1.00 1.70 ? 62 ASP A N    1 
ATOM 910  C CA   . ASP A 1 62 ? -8.315  7.880   6.768   1.00 1.71 ? 62 ASP A CA   1 
ATOM 911  C C    . ASP A 1 62 ? -7.408  9.045   7.162   1.00 1.39 ? 62 ASP A C    1 
ATOM 912  O O    . ASP A 1 62 ? -7.198  9.969   6.401   1.00 1.23 ? 62 ASP A O    1 
ATOM 913  C CB   . ASP A 1 62 ? -7.538  6.570   6.874   1.00 1.84 ? 62 ASP A CB   1 
ATOM 914  C CG   . ASP A 1 62 ? -8.507  5.426   7.174   1.00 2.53 ? 62 ASP A CG   1 
ATOM 915  O OD1  . ASP A 1 62 ? -9.319  5.585   8.071   1.00 3.10 ? 62 ASP A OD1  1 
ATOM 916  O OD2  . ASP A 1 62 ? -8.424  4.412   6.500   1.00 2.97 ? 62 ASP A OD2  1 
ATOM 917  H H    . ASP A 1 62 ? -8.263  7.688   4.626   1.00 1.73 ? 62 ASP A H    1 
ATOM 918  H HA   . ASP A 1 62 ? -9.168  7.848   7.430   1.00 1.91 ? 62 ASP A HA   1 
ATOM 919  H HB2  . ASP A 1 62 ? -7.027  6.379   5.944   1.00 1.74 ? 62 ASP A HB2  1 
ATOM 920  H HB3  . ASP A 1 62 ? -6.815  6.644   7.672   1.00 1.96 ? 62 ASP A HB3  1 
ATOM 921  N N    . THR A 1 63 ? -6.868  9.007   8.347   1.00 1.40 ? 63 THR A N    1 
ATOM 922  C CA   . THR A 1 63 ? -5.971  10.111  8.794   1.00 1.19 ? 63 THR A CA   1 
ATOM 923  C C    . THR A 1 63 ? -5.113  9.614   9.957   1.00 1.19 ? 63 THR A C    1 
ATOM 924  O O    . THR A 1 63 ? -5.569  8.865   10.799  1.00 1.37 ? 63 THR A O    1 
ATOM 925  C CB   . THR A 1 63 ? -6.802  11.327  9.247   1.00 1.39 ? 63 THR A CB   1 
ATOM 926  O OG1  . THR A 1 63 ? -6.681  11.491  10.654  1.00 1.70 ? 63 THR A OG1  1 
ATOM 927  C CG2  . THR A 1 63 ? -8.278  11.130  8.888   1.00 1.68 ? 63 THR A CG2  1 
ATOM 928  H H    . THR A 1 63 ? -7.050  8.250   8.942   1.00 1.60 ? 63 THR A H    1 
ATOM 929  H HA   . THR A 1 63 ? -5.329  10.401  7.976   1.00 1.00 ? 63 THR A HA   1 
ATOM 930  H HB   . THR A 1 63 ? -6.435  12.213  8.753   1.00 1.24 ? 63 THR A HB   1 
ATOM 931  H HG1  . THR A 1 63 ? -7.132  12.303  10.898  1.00 1.93 ? 63 THR A HG1  1 
ATOM 932  H HG21 . THR A 1 63 ? -8.617  10.178  9.270   1.00 2.12 ? 63 THR A HG21 1 
ATOM 933  H HG22 . THR A 1 63 ? -8.865  11.923  9.327   1.00 2.03 ? 63 THR A HG22 1 
ATOM 934  H HG23 . THR A 1 63 ? -8.393  11.149  7.815   1.00 1.93 ? 63 THR A HG23 1 
ATOM 935  N N    . TRP A 1 64 ? -3.876  10.020  10.015  1.00 1.04 ? 64 TRP A N    1 
ATOM 936  C CA   . TRP A 1 64 ? -3.003  9.563   11.129  1.00 1.07 ? 64 TRP A CA   1 
ATOM 937  C C    . TRP A 1 64 ? -1.849  10.547  11.320  1.00 0.98 ? 64 TRP A C    1 
ATOM 938  O O    . TRP A 1 64 ? -1.223  10.979  10.372  1.00 0.89 ? 64 TRP A O    1 
ATOM 939  C CB   . TRP A 1 64 ? -2.445  8.177   10.806  1.00 1.01 ? 64 TRP A CB   1 
ATOM 940  C CG   . TRP A 1 64 ? -1.612  8.243   9.565   1.00 0.75 ? 64 TRP A CG   1 
ATOM 941  C CD1  . TRP A 1 64 ? -0.266  8.369   9.540   1.00 0.62 ? 64 TRP A CD1  1 
ATOM 942  C CD2  . TRP A 1 64 ? -2.042  8.175   8.175   1.00 0.71 ? 64 TRP A CD2  1 
ATOM 943  N NE1  . TRP A 1 64 ? 0.158   8.385   8.223   1.00 0.52 ? 64 TRP A NE1  1 
ATOM 944  C CE2  . TRP A 1 64 ? -0.899  8.267   7.344   1.00 0.58 ? 64 TRP A CE2  1 
ATOM 945  C CE3  . TRP A 1 64 ? -3.300  8.043   7.558   1.00 0.86 ? 64 TRP A CE3  1 
ATOM 946  C CZ2  . TRP A 1 64 ? -1.002  8.231   5.953   1.00 0.68 ? 64 TRP A CZ2  1 
ATOM 947  C CZ3  . TRP A 1 64 ? -3.406  8.006   6.159   1.00 0.89 ? 64 TRP A CZ3  1 
ATOM 948  C CH2  . TRP A 1 64 ? -2.258  8.100   5.358   1.00 0.81 ? 64 TRP A CH2  1 
ATOM 949  H H    . TRP A 1 64 ? -3.524  10.624  9.328   1.00 0.96 ? 64 TRP A H    1 
ATOM 950  H HA   . TRP A 1 64 ? -3.583  9.512   12.039  1.00 1.27 ? 64 TRP A HA   1 
ATOM 951  H HB2  . TRP A 1 64 ? -1.835  7.836   11.630  1.00 1.07 ? 64 TRP A HB2  1 
ATOM 952  H HB3  . TRP A 1 64 ? -3.262  7.487   10.656  1.00 1.16 ? 64 TRP A HB3  1 
ATOM 953  H HD1  . TRP A 1 64 ? 0.374   8.445   10.408  1.00 0.68 ? 64 TRP A HD1  1 
ATOM 954  H HE1  . TRP A 1 64 ? 1.089   8.469   7.930   1.00 0.53 ? 64 TRP A HE1  1 
ATOM 955  H HE3  . TRP A 1 64 ? -4.190  7.971   8.166   1.00 1.02 ? 64 TRP A HE3  1 
ATOM 956  H HZ2  . TRP A 1 64 ? -0.114  8.302   5.340   1.00 0.74 ? 64 TRP A HZ2  1 
ATOM 957  H HZ3  . TRP A 1 64 ? -4.376  7.904   5.696   1.00 1.03 ? 64 TRP A HZ3  1 
ATOM 958  H HH2  . TRP A 1 64 ? -2.346  8.070   4.282   1.00 0.94 ? 64 TRP A HH2  1 
ATOM 959  N N    . SER A 1 65 ? -1.562  10.901  12.543  1.00 1.18 ? 65 SER A N    1 
ATOM 960  C CA   . SER A 1 65 ? -0.446  11.851  12.803  1.00 1.19 ? 65 SER A CA   1 
ATOM 961  C C    . SER A 1 65 ? 0.888   11.127  12.611  1.00 1.15 ? 65 SER A C    1 
ATOM 962  O O    . SER A 1 65 ? 1.035   9.974   12.967  1.00 1.31 ? 65 SER A O    1 
ATOM 963  C CB   . SER A 1 65 ? -0.545  12.373  14.238  1.00 1.51 ? 65 SER A CB   1 
ATOM 964  O OG   . SER A 1 65 ? -1.913  12.461  14.610  1.00 2.23 ? 65 SER A OG   1 
ATOM 965  H H    . SER A 1 65 ? -2.079  10.537  13.291  1.00 1.40 ? 65 SER A H    1 
ATOM 966  H HA   . SER A 1 65 ? -0.509  12.680  12.113  1.00 1.12 ? 65 SER A HA   1 
ATOM 967  H HB2  . SER A 1 65 ? -0.039  11.696  14.907  1.00 1.81 ? 65 SER A HB2  1 
ATOM 968  H HB3  . SER A 1 65 ? -0.081  13.349  14.299  1.00 1.70 ? 65 SER A HB3  1 
ATOM 969  H HG   . SER A 1 65 ? -2.131  13.389  14.727  1.00 2.64 ? 65 SER A HG   1 
ATOM 970  N N    . LYS A 1 66 ? 1.861   11.791  12.049  1.00 1.17 ? 66 LYS A N    1 
ATOM 971  C CA   . LYS A 1 66 ? 3.182   11.132  11.834  1.00 1.26 ? 66 LYS A CA   1 
ATOM 972  C C    . LYS A 1 66 ? 4.287   12.191  11.816  1.00 1.52 ? 66 LYS A C    1 
ATOM 973  O O    . LYS A 1 66 ? 4.395   12.975  10.894  1.00 1.56 ? 66 LYS A O    1 
ATOM 974  C CB   . LYS A 1 66 ? 3.171   10.391  10.496  1.00 1.20 ? 66 LYS A CB   1 
ATOM 975  C CG   . LYS A 1 66 ? 4.561   9.812   10.224  1.00 1.44 ? 66 LYS A CG   1 
ATOM 976  C CD   . LYS A 1 66 ? 4.945   10.064  8.764   1.00 2.01 ? 66 LYS A CD   1 
ATOM 977  C CE   . LYS A 1 66 ? 6.462   9.921   8.605   1.00 2.51 ? 66 LYS A CE   1 
ATOM 978  N NZ   . LYS A 1 66 ? 6.901   10.609  7.358   1.00 3.06 ? 66 LYS A NZ   1 
ATOM 979  H H    . LYS A 1 66 ? 1.723   12.718  11.768  1.00 1.27 ? 66 LYS A H    1 
ATOM 980  H HA   . LYS A 1 66 ? 3.370   10.431  12.632  1.00 1.43 ? 66 LYS A HA   1 
ATOM 981  H HB2  . LYS A 1 66 ? 2.448   9.589   10.535  1.00 1.56 ? 66 LYS A HB2  1 
ATOM 982  H HB3  . LYS A 1 66 ? 2.907   11.076  9.705   1.00 1.72 ? 66 LYS A HB3  1 
ATOM 983  H HG2  . LYS A 1 66 ? 5.281   10.290  10.873  1.00 1.96 ? 66 LYS A HG2  1 
ATOM 984  H HG3  . LYS A 1 66 ? 4.552   8.750   10.414  1.00 1.83 ? 66 LYS A HG3  1 
ATOM 985  H HD2  . LYS A 1 66 ? 4.445   9.345   8.132   1.00 2.42 ? 66 LYS A HD2  1 
ATOM 986  H HD3  . LYS A 1 66 ? 4.648   11.063  8.482   1.00 2.45 ? 66 LYS A HD3  1 
ATOM 987  H HE2  . LYS A 1 66 ? 6.955   10.370  9.453   1.00 2.90 ? 66 LYS A HE2  1 
ATOM 988  H HE3  . LYS A 1 66 ? 6.720   8.874   8.549   1.00 2.72 ? 66 LYS A HE3  1 
ATOM 989  H HZ1  . LYS A 1 66 ? 6.076   10.787  6.750   1.00 3.09 ? 66 LYS A HZ1  1 
ATOM 990  H HZ2  . LYS A 1 66 ? 7.356   11.513  7.602   1.00 3.27 ? 66 LYS A HZ2  1 
ATOM 991  H HZ3  . LYS A 1 66 ? 7.579   10.006  6.849   1.00 3.68 ? 66 LYS A HZ3  1 
ATOM 992  N N    . LYS A 1 67 ? 5.111   12.214  12.827  1.00 1.83 ? 67 LYS A N    1 
ATOM 993  C CA   . LYS A 1 67 ? 6.210   13.212  12.873  1.00 2.15 ? 67 LYS A CA   1 
ATOM 994  C C    . LYS A 1 67 ? 7.172   12.969  11.708  1.00 2.10 ? 67 LYS A C    1 
ATOM 995  O O    . LYS A 1 67 ? 6.969   12.086  10.898  1.00 2.02 ? 67 LYS A O    1 
ATOM 996  C CB   . LYS A 1 67 ? 6.960   13.058  14.193  1.00 2.47 ? 67 LYS A CB   1 
ATOM 997  C CG   . LYS A 1 67 ? 7.406   11.605  14.357  1.00 2.26 ? 67 LYS A CG   1 
ATOM 998  C CD   . LYS A 1 67 ? 6.774   11.016  15.620  1.00 2.35 ? 67 LYS A CD   1 
ATOM 999  C CE   . LYS A 1 67 ? 7.678   9.915   16.177  1.00 2.74 ? 67 LYS A CE   1 
ATOM 1000 N NZ   . LYS A 1 67 ? 7.702   9.996   17.666  1.00 3.06 ? 67 LYS A NZ   1 
ATOM 1001 H H    . LYS A 1 67 ? 5.009   11.572  13.558  1.00 1.92 ? 67 LYS A H    1 
ATOM 1002 H HA   . LYS A 1 67 ? 5.801   14.208  12.803  1.00 2.31 ? 67 LYS A HA   1 
ATOM 1003 H HB2  . LYS A 1 67 ? 7.823   13.702  14.193  1.00 2.89 ? 67 LYS A HB2  1 
ATOM 1004 H HB3  . LYS A 1 67 ? 6.309   13.325  15.012  1.00 2.81 ? 67 LYS A HB3  1 
ATOM 1005 H HG2  . LYS A 1 67 ? 7.091   11.033  13.495  1.00 2.36 ? 67 LYS A HG2  1 
ATOM 1006 H HG3  . LYS A 1 67 ? 8.481   11.565  14.442  1.00 2.45 ? 67 LYS A HG3  1 
ATOM 1007 H HD2  . LYS A 1 67 ? 6.654   11.796  16.359  1.00 2.60 ? 67 LYS A HD2  1 
ATOM 1008 H HD3  . LYS A 1 67 ? 5.808   10.598  15.378  1.00 2.26 ? 67 LYS A HD3  1 
ATOM 1009 H HE2  . LYS A 1 67 ? 7.301   8.951   15.875  1.00 3.35 ? 67 LYS A HE2  1 
ATOM 1010 H HE3  . LYS A 1 67 ? 8.680   10.046  15.794  1.00 2.67 ? 67 LYS A HE3  1 
ATOM 1011 H HZ1  . LYS A 1 67 ? 7.360   10.930  17.968  1.00 3.41 ? 67 LYS A HZ1  1 
ATOM 1012 H HZ2  . LYS A 1 67 ? 7.090   9.256   18.063  1.00 3.39 ? 67 LYS A HZ2  1 
ATOM 1013 H HZ3  . LYS A 1 67 ? 8.676   9.856   18.005  1.00 3.21 ? 67 LYS A HZ3  1 
ATOM 1014 N N    . ASP A 1 68 ? 8.218   13.742  11.617  1.00 2.31 ? 68 ASP A N    1 
ATOM 1015 C CA   . ASP A 1 68 ? 9.190   13.549  10.505  1.00 2.43 ? 68 ASP A CA   1 
ATOM 1016 C C    . ASP A 1 68 ? 10.501  12.992  11.065  1.00 2.54 ? 68 ASP A C    1 
ATOM 1017 O O    . ASP A 1 68 ? 10.650  11.801  11.246  1.00 2.42 ? 68 ASP A O    1 
ATOM 1018 C CB   . ASP A 1 68 ? 9.453   14.886  9.801   1.00 2.79 ? 68 ASP A CB   1 
ATOM 1019 C CG   . ASP A 1 68 ? 9.209   16.045  10.774  1.00 3.03 ? 68 ASP A CG   1 
ATOM 1020 O OD1  . ASP A 1 68 ? 9.738   15.995  11.872  1.00 3.20 ? 68 ASP A OD1  1 
ATOM 1021 O OD2  . ASP A 1 68 ? 8.496   16.962  10.402  1.00 3.45 ? 68 ASP A OD2  1 
ATOM 1022 H H    . ASP A 1 68 ? 8.367   14.448  12.281  1.00 2.48 ? 68 ASP A H    1 
ATOM 1023 H HA   . ASP A 1 68 ? 8.781   12.846  9.793   1.00 2.29 ? 68 ASP A HA   1 
ATOM 1024 H HB2  . ASP A 1 68 ? 10.478  14.915  9.458   1.00 2.98 ? 68 ASP A HB2  1 
ATOM 1025 H HB3  . ASP A 1 68 ? 8.790   14.984  8.956   1.00 2.85 ? 68 ASP A HB3  1 
ATOM 1026 N N    . ASN A 1 69 ? 11.451  13.841  11.344  1.00 2.89 ? 69 ASN A N    1 
ATOM 1027 C CA   . ASN A 1 69 ? 12.745  13.349  11.894  1.00 3.08 ? 69 ASN A CA   1 
ATOM 1028 C C    . ASN A 1 69 ? 13.273  14.346  12.926  1.00 3.40 ? 69 ASN A C    1 
ATOM 1029 O O    . ASN A 1 69 ? 14.396  14.248  13.380  1.00 3.66 ? 69 ASN A O    1 
ATOM 1030 C CB   . ASN A 1 69 ? 13.759  13.200  10.760  1.00 3.24 ? 69 ASN A CB   1 
ATOM 1031 C CG   . ASN A 1 69 ? 14.660  11.995  11.039  1.00 3.64 ? 69 ASN A CG   1 
ATOM 1032 O OD1  . ASN A 1 69 ? 14.244  10.863  10.885  1.00 3.84 ? 69 ASN A OD1  1 
ATOM 1033 N ND2  . ASN A 1 69 ? 15.885  12.189  11.443  1.00 4.31 ? 69 ASN A ND2  1 
ATOM 1034 H H    . ASN A 1 69 ? 11.316  14.799  11.194  1.00 3.09 ? 69 ASN A H    1 
ATOM 1035 H HA   . ASN A 1 69 ? 12.591  12.391  12.367  1.00 2.97 ? 69 ASN A HA   1 
ATOM 1036 H HB2  . ASN A 1 69 ? 13.235  13.051  9.826   1.00 3.32 ? 69 ASN A HB2  1 
ATOM 1037 H HB3  . ASN A 1 69 ? 14.363  14.092  10.696  1.00 3.46 ? 69 ASN A HB3  1 
ATOM 1038 H HD21 . ASN A 1 69 ? 16.222  13.100  11.567  1.00 4.55 ? 69 ASN A HD21 1 
ATOM 1039 H HD22 . ASN A 1 69 ? 16.468  11.422  11.624  1.00 4.82 ? 69 ASN A HD22 1 
ATOM 1040 N N    . ARG A 1 70 ? 12.471  15.301  13.308  1.00 3.49 ? 70 ARG A N    1 
ATOM 1041 C CA   . ARG A 1 70 ? 12.929  16.294  14.317  1.00 3.88 ? 70 ARG A CA   1 
ATOM 1042 C C    . ARG A 1 70 ? 12.109  16.116  15.595  1.00 4.00 ? 70 ARG A C    1 
ATOM 1043 O O    . ARG A 1 70 ? 12.577  16.371  16.686  1.00 4.34 ? 70 ARG A O    1 
ATOM 1044 C CB   . ARG A 1 70 ? 12.728  17.712  13.775  1.00 4.15 ? 70 ARG A CB   1 
ATOM 1045 C CG   . ARG A 1 70 ? 13.334  18.719  14.756  1.00 4.72 ? 70 ARG A CG   1 
ATOM 1046 C CD   . ARG A 1 70 ? 12.943  20.138  14.339  1.00 5.21 ? 70 ARG A CD   1 
ATOM 1047 N NE   . ARG A 1 70 ? 13.982  21.104  14.802  1.00 5.82 ? 70 ARG A NE   1 
ATOM 1048 C CZ   . ARG A 1 70 ? 14.579  20.927  15.950  1.00 5.97 ? 70 ARG A CZ   1 
ATOM 1049 N NH1  . ARG A 1 70 ? 13.876  20.836  17.046  1.00 5.91 ? 70 ARG A NH1  1 
ATOM 1050 N NH2  . ARG A 1 70 ? 15.882  20.845  16.003  1.00 6.52 ? 70 ARG A NH2  1 
ATOM 1051 H H    . ARG A 1 70 ? 11.567  15.361  12.937  1.00 3.35 ? 70 ARG A H    1 
ATOM 1052 H HA   . ARG A 1 70 ? 13.974  16.133  14.533  1.00 4.00 ? 70 ARG A HA   1 
ATOM 1053 H HB2  . ARG A 1 70 ? 13.216  17.804  12.816  1.00 4.13 ? 70 ARG A HB2  1 
ATOM 1054 H HB3  . ARG A 1 70 ? 11.673  17.910  13.665  1.00 4.08 ? 70 ARG A HB3  1 
ATOM 1055 H HG2  . ARG A 1 70 ? 12.959  18.521  15.750  1.00 4.89 ? 70 ARG A HG2  1 
ATOM 1056 H HG3  . ARG A 1 70 ? 14.409  18.627  14.752  1.00 4.96 ? 70 ARG A HG3  1 
ATOM 1057 H HD2  . ARG A 1 70 ? 12.862  20.186  13.263  1.00 5.45 ? 70 ARG A HD2  1 
ATOM 1058 H HD3  . ARG A 1 70 ? 11.991  20.392  14.782  1.00 5.26 ? 70 ARG A HD3  1 
ATOM 1059 H HE   . ARG A 1 70 ? 14.215  21.875  14.243  1.00 6.29 ? 70 ARG A HE   1 
ATOM 1060 H HH11 . ARG A 1 70 ? 12.880  20.901  17.008  1.00 5.77 ? 70 ARG A HH11 1 
ATOM 1061 H HH12 . ARG A 1 70 ? 14.335  20.702  17.925  1.00 6.22 ? 70 ARG A HH12 1 
ATOM 1062 H HH21 . ARG A 1 70 ? 16.422  20.917  15.164  1.00 6.82 ? 70 ARG A HH21 1 
ATOM 1063 H HH22 . ARG A 1 70 ? 16.339  20.712  16.882  1.00 6.82 ? 70 ARG A HH22 1 
ATOM 1064 N N    . GLY A 1 71 ? 10.889  15.673  15.465  1.00 3.83 ? 71 GLY A N    1 
ATOM 1065 C CA   . GLY A 1 71 ? 10.038  15.471  16.672  1.00 4.07 ? 71 GLY A CA   1 
ATOM 1066 C C    . GLY A 1 71 ? 8.684   16.158  16.474  1.00 3.80 ? 71 GLY A C    1 
ATOM 1067 O O    . GLY A 1 71 ? 7.816   16.091  17.322  1.00 4.10 ? 71 GLY A O    1 
ATOM 1068 H H    . GLY A 1 71 ? 10.534  15.469  14.573  1.00 3.61 ? 71 GLY A H    1 
ATOM 1069 H HA2  . GLY A 1 71 ? 9.885   14.413  16.828  1.00 4.12 ? 71 GLY A HA2  1 
ATOM 1070 H HA3  . GLY A 1 71 ? 10.529  15.894  17.533  1.00 4.51 ? 71 GLY A HA3  1 
ATOM 1071 N N    . ASN A 1 72 ? 8.496   16.818  15.364  1.00 3.39 ? 72 ASN A N    1 
ATOM 1072 C CA   . ASN A 1 72 ? 7.196   17.506  15.121  1.00 3.29 ? 72 ASN A CA   1 
ATOM 1073 C C    . ASN A 1 72 ? 6.087   16.462  14.974  1.00 2.98 ? 72 ASN A C    1 
ATOM 1074 O O    . ASN A 1 72 ? 6.194   15.357  15.464  1.00 3.11 ? 72 ASN A O    1 
ATOM 1075 C CB   . ASN A 1 72 ? 7.289   18.336  13.838  1.00 3.21 ? 72 ASN A CB   1 
ATOM 1076 C CG   . ASN A 1 72 ? 6.748   19.742  14.100  1.00 3.59 ? 72 ASN A CG   1 
ATOM 1077 O OD1  . ASN A 1 72 ? 5.559   19.973  14.022  1.00 3.65 ? 72 ASN A OD1  1 
ATOM 1078 N ND2  . ASN A 1 72 ? 7.579   20.700  14.408  1.00 4.16 ? 72 ASN A ND2  1 
ATOM 1079 H H    . ASN A 1 72 ? 9.206   16.861  14.692  1.00 3.27 ? 72 ASN A H    1 
ATOM 1080 H HA   . ASN A 1 72 ? 6.972   18.156  15.954  1.00 3.62 ? 72 ASN A HA   1 
ATOM 1081 H HB2  . ASN A 1 72 ? 8.322   18.397  13.525  1.00 3.25 ? 72 ASN A HB2  1 
ATOM 1082 H HB3  . ASN A 1 72 ? 6.705   17.866  13.062  1.00 2.95 ? 72 ASN A HB3  1 
ATOM 1083 H HD21 . ASN A 1 72 ? 8.539   20.516  14.470  1.00 4.47 ? 72 ASN A HD21 1 
ATOM 1084 H HD22 . ASN A 1 72 ? 7.242   21.604  14.578  1.00 4.45 ? 72 ASN A HD22 1 
ATOM 1085 N N    . LEU A 1 73 ? 5.023   16.803  14.302  1.00 2.73 ? 73 LEU A N    1 
ATOM 1086 C CA   . LEU A 1 73 ? 3.908   15.831  14.118  1.00 2.43 ? 73 LEU A CA   1 
ATOM 1087 C C    . LEU A 1 73 ? 3.109   16.220  12.873  1.00 2.25 ? 73 LEU A C    1 
ATOM 1088 O O    . LEU A 1 73 ? 2.227   17.055  12.926  1.00 2.40 ? 73 LEU A O    1 
ATOM 1089 C CB   . LEU A 1 73 ? 2.993   15.862  15.345  1.00 2.63 ? 73 LEU A CB   1 
ATOM 1090 C CG   . LEU A 1 73 ? 2.076   14.635  15.329  1.00 2.45 ? 73 LEU A CG   1 
ATOM 1091 C CD1  . LEU A 1 73 ? 2.717   13.507  16.138  1.00 2.76 ? 73 LEU A CD1  1 
ATOM 1092 C CD2  . LEU A 1 73 ? 0.727   15.001  15.950  1.00 2.70 ? 73 LEU A CD2  1 
ATOM 1093 H H    . LEU A 1 73 ? 4.957   17.701  13.914  1.00 2.84 ? 73 LEU A H    1 
ATOM 1094 H HA   . LEU A 1 73 ? 4.313   14.837  13.993  1.00 2.25 ? 73 LEU A HA   1 
ATOM 1095 H HB2  . LEU A 1 73 ? 3.594   15.851  16.243  1.00 2.88 ? 73 LEU A HB2  1 
ATOM 1096 H HB3  . LEU A 1 73 ? 2.391   16.758  15.323  1.00 2.81 ? 73 LEU A HB3  1 
ATOM 1097 H HG   . LEU A 1 73 ? 1.930   14.309  14.310  1.00 2.59 ? 73 LEU A HG   1 
ATOM 1098 H HD11 . LEU A 1 73 ? 3.668   13.836  16.527  1.00 3.04 ? 73 LEU A HD11 1 
ATOM 1099 H HD12 . LEU A 1 73 ? 2.067   13.237  16.957  1.00 2.87 ? 73 LEU A HD12 1 
ATOM 1100 H HD13 . LEU A 1 73 ? 2.867   12.646  15.502  1.00 3.26 ? 73 LEU A HD13 1 
ATOM 1101 H HD21 . LEU A 1 73 ? 0.881   15.697  16.761  1.00 3.00 ? 73 LEU A HD21 1 
ATOM 1102 H HD22 . LEU A 1 73 ? 0.097   15.457  15.201  1.00 2.89 ? 73 LEU A HD22 1 
ATOM 1103 H HD23 . LEU A 1 73 ? 0.251   14.108  16.328  1.00 3.13 ? 73 LEU A HD23 1 
ATOM 1104 N N    . LEU A 1 74 ? 3.416   15.630  11.751  1.00 1.98 ? 74 LEU A N    1 
ATOM 1105 C CA   . LEU A 1 74 ? 2.682   15.975  10.502  1.00 1.85 ? 74 LEU A CA   1 
ATOM 1106 C C    . LEU A 1 74 ? 1.359   15.209  10.438  1.00 1.61 ? 74 LEU A C    1 
ATOM 1107 O O    . LEU A 1 74 ? 1.329   14.029  10.153  1.00 1.39 ? 74 LEU A O    1 
ATOM 1108 C CB   . LEU A 1 74 ? 3.535   15.600  9.289   1.00 1.79 ? 74 LEU A CB   1 
ATOM 1109 C CG   . LEU A 1 74 ? 4.942   16.177  9.451   1.00 2.06 ? 74 LEU A CG   1 
ATOM 1110 C CD1  . LEU A 1 74 ? 5.932   15.043  9.724   1.00 1.99 ? 74 LEU A CD1  1 
ATOM 1111 C CD2  . LEU A 1 74 ? 5.342   16.902  8.163   1.00 2.33 ? 74 LEU A CD2  1 
ATOM 1112 H H    . LEU A 1 74 ? 4.135   14.966  11.728  1.00 1.93 ? 74 LEU A H    1 
ATOM 1113 H HA   . LEU A 1 74 ? 2.484   17.036  10.484  1.00 2.05 ? 74 LEU A HA   1 
ATOM 1114 H HB2  . LEU A 1 74 ? 3.594   14.524  9.209   1.00 1.63 ? 74 LEU A HB2  1 
ATOM 1115 H HB3  . LEU A 1 74 ? 3.085   16.003  8.395   1.00 1.84 ? 74 LEU A HB3  1 
ATOM 1116 H HG   . LEU A 1 74 ? 4.953   16.873  10.278  1.00 2.28 ? 74 LEU A HG   1 
ATOM 1117 H HD11 . LEU A 1 74 ? 5.707   14.206  9.080   1.00 2.01 ? 74 LEU A HD11 1 
ATOM 1118 H HD12 . LEU A 1 74 ? 6.937   15.387  9.529   1.00 2.17 ? 74 LEU A HD12 1 
ATOM 1119 H HD13 . LEU A 1 74 ? 5.851   14.735  10.756  1.00 2.53 ? 74 LEU A HD13 1 
ATOM 1120 H HD21 . LEU A 1 74 ? 5.209   16.239  7.321   1.00 2.26 ? 74 LEU A HD21 1 
ATOM 1121 H HD22 . LEU A 1 74 ? 4.720   17.776  8.036   1.00 2.68 ? 74 LEU A HD22 1 
ATOM 1122 H HD23 . LEU A 1 74 ? 6.378   17.203  8.226   1.00 2.78 ? 74 LEU A HD23 1 
ATOM 1123 N N    . GLN A 1 75 ? 0.262   15.874  10.683  1.00 1.70 ? 75 GLN A N    1 
ATOM 1124 C CA   . GLN A 1 75 ? -1.056  15.184  10.615  1.00 1.52 ? 75 GLN A CA   1 
ATOM 1125 C C    . GLN A 1 75 ? -1.319  14.782  9.162   1.00 1.26 ? 75 GLN A C    1 
ATOM 1126 O O    . GLN A 1 75 ? -1.910  15.520  8.400   1.00 1.37 ? 75 GLN A O    1 
ATOM 1127 C CB   . GLN A 1 75 ? -2.155  16.137  11.093  1.00 1.72 ? 75 GLN A CB   1 
ATOM 1128 C CG   . GLN A 1 75 ? -3.526  15.584  10.696  1.00 1.69 ? 75 GLN A CG   1 
ATOM 1129 C CD   . GLN A 1 75 ? -4.611  16.251  11.543  1.00 2.06 ? 75 GLN A CD   1 
ATOM 1130 O OE1  . GLN A 1 75 ? -5.207  17.226  11.132  1.00 2.44 ? 75 GLN A OE1  1 
ATOM 1131 N NE2  . GLN A 1 75 ? -4.894  15.762  12.720  1.00 2.64 ? 75 GLN A NE2  1 
ATOM 1132 H H    . GLN A 1 75 ? 0.306   16.829  10.898  1.00 1.92 ? 75 GLN A H    1 
ATOM 1133 H HA   . GLN A 1 75 ? -1.039  14.302  11.240  1.00 1.50 ? 75 GLN A HA   1 
ATOM 1134 H HB2  . GLN A 1 75 ? -2.104  16.234  12.168  1.00 1.92 ? 75 GLN A HB2  1 
ATOM 1135 H HB3  . GLN A 1 75 ? -2.015  17.105  10.637  1.00 1.77 ? 75 GLN A HB3  1 
ATOM 1136 H HG2  . GLN A 1 75 ? -3.707  15.791  9.650   1.00 1.69 ? 75 GLN A HG2  1 
ATOM 1137 H HG3  . GLN A 1 75 ? -3.547  14.517  10.860  1.00 1.89 ? 75 GLN A HG3  1 
ATOM 1138 H HE21 . GLN A 1 75 ? -4.414  14.976  13.053  1.00 3.00 ? 75 GLN A HE21 1 
ATOM 1139 H HE22 . GLN A 1 75 ? -5.587  16.183  13.272  1.00 3.03 ? 75 GLN A HE22 1 
ATOM 1140 N N    . CYS A 1 76 ? -0.861  13.626  8.764   1.00 0.98 ? 76 CYS A N    1 
ATOM 1141 C CA   . CYS A 1 76 ? -1.054  13.185  7.358   1.00 0.79 ? 76 CYS A CA   1 
ATOM 1142 C C    . CYS A 1 76 ? -2.468  12.640  7.150   1.00 0.67 ? 76 CYS A C    1 
ATOM 1143 O O    . CYS A 1 76 ? -3.205  12.405  8.088   1.00 0.77 ? 76 CYS A O    1 
ATOM 1144 C CB   . CYS A 1 76 ? -0.042  12.089  7.044   1.00 0.72 ? 76 CYS A CB   1 
ATOM 1145 S SG   . CYS A 1 76 ? 1.553   12.501  7.793   1.00 0.85 ? 76 CYS A SG   1 
ATOM 1146 H H    . CYS A 1 76 ? -0.369  13.052  9.386   1.00 0.96 ? 76 CYS A H    1 
ATOM 1147 H HA   . CYS A 1 76 ? -0.891  14.021  6.694   1.00 0.92 ? 76 CYS A HA   1 
ATOM 1148 H HB2  . CYS A 1 76 ? -0.394  11.148  7.440   1.00 0.75 ? 76 CYS A HB2  1 
ATOM 1149 H HB3  . CYS A 1 76 ? 0.075   12.006  5.980   1.00 0.72 ? 76 CYS A HB3  1 
ATOM 1150 N N    . ILE A 1 77 ? -2.843  12.431  5.915   1.00 0.62 ? 77 ILE A N    1 
ATOM 1151 C CA   . ILE A 1 77 ? -4.202  11.894  5.617   1.00 0.69 ? 77 ILE A CA   1 
ATOM 1152 C C    . ILE A 1 77 ? -4.183  11.208  4.248   1.00 0.79 ? 77 ILE A C    1 
ATOM 1153 O O    . ILE A 1 77 ? -3.570  11.685  3.316   1.00 0.95 ? 77 ILE A O    1 
ATOM 1154 C CB   . ILE A 1 77 ? -5.212  13.041  5.594   1.00 0.79 ? 77 ILE A CB   1 
ATOM 1155 C CG1  . ILE A 1 77 ? -6.552  12.529  5.062   1.00 0.98 ? 77 ILE A CG1  1 
ATOM 1156 C CG2  . ILE A 1 77 ? -4.700  14.155  4.679   1.00 0.83 ? 77 ILE A CG2  1 
ATOM 1157 C CD1  . ILE A 1 77 ? -7.658  12.852  6.067   1.00 1.23 ? 77 ILE A CD1  1 
ATOM 1158 H H    . ILE A 1 77 ? -2.223  12.627  5.179   1.00 0.68 ? 77 ILE A H    1 
ATOM 1159 H HA   . ILE A 1 77 ? -4.482  11.179  6.376   1.00 0.72 ? 77 ILE A HA   1 
ATOM 1160 H HB   . ILE A 1 77 ? -5.341  13.427  6.593   1.00 0.83 ? 77 ILE A HB   1 
ATOM 1161 H HG12 . ILE A 1 77 ? -6.771  13.007  4.118   1.00 1.10 ? 77 ILE A HG12 1 
ATOM 1162 H HG13 . ILE A 1 77 ? -6.498  11.459  4.920   1.00 1.09 ? 77 ILE A HG13 1 
ATOM 1163 H HG21 . ILE A 1 77 ? -4.291  13.722  3.778   1.00 1.43 ? 77 ILE A HG21 1 
ATOM 1164 H HG22 . ILE A 1 77 ? -5.518  14.812  4.422   1.00 1.32 ? 77 ILE A HG22 1 
ATOM 1165 H HG23 . ILE A 1 77 ? -3.933  14.718  5.189   1.00 1.19 ? 77 ILE A HG23 1 
ATOM 1166 H HD11 . ILE A 1 77 ? -7.219  13.078  7.026   1.00 1.50 ? 77 ILE A HD11 1 
ATOM 1167 H HD12 . ILE A 1 77 ? -8.223  13.704  5.718   1.00 1.78 ? 77 ILE A HD12 1 
ATOM 1168 H HD13 . ILE A 1 77 ? -8.316  12.001  6.163   1.00 1.69 ? 77 ILE A HD13 1 
ATOM 1169 N N    . CYS A 1 78 ? -4.851  10.093  4.117   1.00 0.89 ? 78 CYS A N    1 
ATOM 1170 C CA   . CYS A 1 78 ? -4.866  9.387   2.804   1.00 1.12 ? 78 CYS A CA   1 
ATOM 1171 C C    . CYS A 1 78 ? -5.908  10.036  1.890   1.00 1.28 ? 78 CYS A C    1 
ATOM 1172 O O    . CYS A 1 78 ? -6.972  9.497   1.664   1.00 1.43 ? 78 CYS A O    1 
ATOM 1173 C CB   . CYS A 1 78 ? -5.222  7.914   3.014   1.00 1.30 ? 78 CYS A CB   1 
ATOM 1174 S SG   . CYS A 1 78 ? -4.950  7.005   1.474   1.00 1.55 ? 78 CYS A SG   1 
ATOM 1175 H H    . CYS A 1 78 ? -5.342  9.723   4.879   1.00 0.92 ? 78 CYS A H    1 
ATOM 1176 H HA   . CYS A 1 78 ? -3.892  9.460   2.344   1.00 1.12 ? 78 CYS A HA   1 
ATOM 1177 H HB2  . CYS A 1 78 ? -4.597  7.501   3.793   1.00 1.26 ? 78 CYS A HB2  1 
ATOM 1178 H HB3  . CYS A 1 78 ? -6.259  7.831   3.303   1.00 1.38 ? 78 CYS A HB3  1 
ATOM 1179 N N    . THR A 1 79 ? -5.609  11.194  1.368   1.00 1.30 ? 79 THR A N    1 
ATOM 1180 C CA   . THR A 1 79 ? -6.580  11.885  0.474   1.00 1.47 ? 79 THR A CA   1 
ATOM 1181 C C    . THR A 1 79 ? -6.963  10.966  -0.689  1.00 1.73 ? 79 THR A C    1 
ATOM 1182 O O    . THR A 1 79 ? -8.072  11.010  -1.186  1.00 2.09 ? 79 THR A O    1 
ATOM 1183 C CB   . THR A 1 79 ? -5.942  13.163  -0.075  1.00 1.50 ? 79 THR A CB   1 
ATOM 1184 O OG1  . THR A 1 79 ? -6.659  13.591  -1.225  1.00 1.78 ? 79 THR A OG1  1 
ATOM 1185 C CG2  . THR A 1 79 ? -4.486  12.887  -0.450  1.00 1.95 ? 79 THR A CG2  1 
ATOM 1186 H H    . THR A 1 79 ? -4.744  11.611  1.568   1.00 1.25 ? 79 THR A H    1 
ATOM 1187 H HA   . THR A 1 79 ? -7.465  12.141  1.038   1.00 1.50 ? 79 THR A HA   1 
ATOM 1188 H HB   . THR A 1 79 ? -5.976  13.935  0.678   1.00 1.59 ? 79 THR A HB   1 
ATOM 1189 H HG1  . THR A 1 79 ? -6.155  14.293  -1.644  1.00 1.89 ? 79 THR A HG1  1 
ATOM 1190 H HG21 . THR A 1 79 ? -4.383  11.857  -0.759  1.00 2.39 ? 79 THR A HG21 1 
ATOM 1191 H HG22 . THR A 1 79 ? -4.194  13.537  -1.262  1.00 2.38 ? 79 THR A HG22 1 
ATOM 1192 H HG23 . THR A 1 79 ? -3.853  13.072  0.405   1.00 2.25 ? 79 THR A HG23 1 
ATOM 1193 N N    . GLY A 1 80 ? -6.059  10.137  -1.133  1.00 1.77 ? 80 GLY A N    1 
ATOM 1194 C CA   . GLY A 1 80 ? -6.379  9.224   -2.266  1.00 2.07 ? 80 GLY A CA   1 
ATOM 1195 C C    . GLY A 1 80 ? -6.896  10.043  -3.450  1.00 2.28 ? 80 GLY A C    1 
ATOM 1196 O O    . GLY A 1 80 ? -8.062  10.377  -3.524  1.00 2.55 ? 80 GLY A O    1 
ATOM 1197 H H    . GLY A 1 80 ? -5.169  10.117  -0.723  1.00 1.74 ? 80 GLY A H    1 
ATOM 1198 H HA2  . GLY A 1 80 ? -5.490  8.688   -2.560  1.00 2.09 ? 80 GLY A HA2  1 
ATOM 1199 H HA3  . GLY A 1 80 ? -7.139  8.522   -1.960  1.00 2.28 ? 80 GLY A HA3  1 
ATOM 1200 N N    . ASN A 1 81 ? -6.038  10.373  -4.378  1.00 2.34 ? 81 ASN A N    1 
ATOM 1201 C CA   . ASN A 1 81 ? -6.487  11.174  -5.550  1.00 2.64 ? 81 ASN A CA   1 
ATOM 1202 C C    . ASN A 1 81 ? -5.788  10.680  -6.819  1.00 2.91 ? 81 ASN A C    1 
ATOM 1203 O O    . ASN A 1 81 ? -5.183  11.448  -7.542  1.00 3.08 ? 81 ASN A O    1 
ATOM 1204 C CB   . ASN A 1 81 ? -6.146  12.647  -5.320  1.00 2.62 ? 81 ASN A CB   1 
ATOM 1205 C CG   . ASN A 1 81 ? -6.720  13.488  -6.462  1.00 2.79 ? 81 ASN A CG   1 
ATOM 1206 O OD1  . ASN A 1 81 ? -6.107  13.619  -7.503  1.00 3.31 ? 81 ASN A OD1  1 
ATOM 1207 N ND2  . ASN A 1 81 ? -7.879  14.066  -6.311  1.00 2.99 ? 81 ASN A ND2  1 
ATOM 1208 H H    . ASN A 1 81 ? -5.100  10.098  -4.301  1.00 2.30 ? 81 ASN A H    1 
ATOM 1209 H HA   . ASN A 1 81 ? -7.555  11.069  -5.667  1.00 2.79 ? 81 ASN A HA   1 
ATOM 1210 H HB2  . ASN A 1 81 ? -6.571  12.972  -4.382  1.00 2.73 ? 81 ASN A HB2  1 
ATOM 1211 H HB3  . ASN A 1 81 ? -5.073  12.767  -5.291  1.00 2.95 ? 81 ASN A HB3  1 
ATOM 1212 H HD21 . ASN A 1 81 ? -8.374  13.960  -5.472  1.00 3.04 ? 81 ASN A HD21 1 
ATOM 1213 H HD22 . ASN A 1 81 ? -8.255  14.608  -7.036  1.00 3.43 ? 81 ASN A HD22 1 
ATOM 1214 N N    . GLY A 1 82 ? -5.870  9.409   -7.104  1.00 3.03 ? 82 GLY A N    1 
ATOM 1215 C CA   . GLY A 1 82 ? -5.215  8.883   -8.336  1.00 3.33 ? 82 GLY A CA   1 
ATOM 1216 C C    . GLY A 1 82 ? -4.120  7.880   -7.964  1.00 3.13 ? 82 GLY A C    1 
ATOM 1217 O O    . GLY A 1 82 ? -3.931  6.881   -8.632  1.00 3.25 ? 82 GLY A O    1 
ATOM 1218 H H    . GLY A 1 82 ? -6.367  8.804   -6.515  1.00 2.96 ? 82 GLY A H    1 
ATOM 1219 H HA2  . GLY A 1 82 ? -5.955  8.394   -8.953  1.00 3.66 ? 82 GLY A HA2  1 
ATOM 1220 H HA3  . GLY A 1 82 ? -4.775  9.701   -8.884  1.00 3.45 ? 82 GLY A HA3  1 
ATOM 1221 N N    . ARG A 1 83 ? -3.390  8.132   -6.913  1.00 2.93 ? 83 ARG A N    1 
ATOM 1222 C CA   . ARG A 1 83 ? -2.308  7.184   -6.522  1.00 2.82 ? 83 ARG A CA   1 
ATOM 1223 C C    . ARG A 1 83 ? -2.076  7.253   -5.011  1.00 2.59 ? 83 ARG A C    1 
ATOM 1224 O O    . ARG A 1 83 ? -1.003  6.954   -4.526  1.00 2.46 ? 83 ARG A O    1 
ATOM 1225 C CB   . ARG A 1 83 ? -1.008  7.555   -7.244  1.00 2.98 ? 83 ARG A CB   1 
ATOM 1226 C CG   . ARG A 1 83 ? -1.327  8.251   -8.570  1.00 3.28 ? 83 ARG A CG   1 
ATOM 1227 C CD   . ARG A 1 83 ? -0.027  8.512   -9.330  1.00 3.43 ? 83 ARG A CD   1 
ATOM 1228 N NE   . ARG A 1 83 ? -0.023  7.712   -10.587 1.00 4.01 ? 83 ARG A NE   1 
ATOM 1229 C CZ   . ARG A 1 83 ? 0.853   7.964   -11.521 1.00 4.51 ? 83 ARG A CZ   1 
ATOM 1230 N NH1  . ARG A 1 83 ? 1.978   8.552   -11.220 1.00 4.91 ? 83 ARG A NH1  1 
ATOM 1231 N NH2  . ARG A 1 83 ? 0.601   7.629   -12.758 1.00 5.05 ? 83 ARG A NH2  1 
ATOM 1232 H H    . ARG A 1 83 ? -3.549  8.943   -6.385  1.00 2.91 ? 83 ARG A H    1 
ATOM 1233 H HA   . ARG A 1 83 ? -2.594  6.180   -6.795  1.00 2.92 ? 83 ARG A HA   1 
ATOM 1234 H HB2  . ARG A 1 83 ? -0.430  8.220   -6.619  1.00 3.04 ? 83 ARG A HB2  1 
ATOM 1235 H HB3  . ARG A 1 83 ? -0.438  6.659   -7.439  1.00 3.30 ? 83 ARG A HB3  1 
ATOM 1236 H HG2  . ARG A 1 83 ? -1.972  7.617   -9.162  1.00 3.64 ? 83 ARG A HG2  1 
ATOM 1237 H HG3  . ARG A 1 83 ? -1.823  9.189   -8.374  1.00 3.61 ? 83 ARG A HG3  1 
ATOM 1238 H HD2  . ARG A 1 83 ? 0.045   9.561   -9.573  1.00 3.61 ? 83 ARG A HD2  1 
ATOM 1239 H HD3  . ARG A 1 83 ? 0.815   8.227   -8.714  1.00 3.53 ? 83 ARG A HD3  1 
ATOM 1240 H HE   . ARG A 1 83 ? -0.680  6.996   -10.712 1.00 4.34 ? 83 ARG A HE   1 
ATOM 1241 H HH11 . ARG A 1 83 ? 2.170   8.809   -10.273 1.00 4.87 ? 83 ARG A HH11 1 
ATOM 1242 H HH12 . ARG A 1 83 ? 2.648   8.745   -11.935 1.00 5.51 ? 83 ARG A HH12 1 
ATOM 1243 H HH21 . ARG A 1 83 ? -0.262  7.181   -12.988 1.00 5.11 ? 83 ARG A HH21 1 
ATOM 1244 H HH22 . ARG A 1 83 ? 1.270   7.821   -13.475 1.00 5.64 ? 83 ARG A HH22 1 
ATOM 1245 N N    . GLY A 1 84 ? -3.066  7.645   -4.261  1.00 2.68 ? 84 GLY A N    1 
ATOM 1246 C CA   . GLY A 1 84 ? -2.881  7.730   -2.786  1.00 2.65 ? 84 GLY A CA   1 
ATOM 1247 C C    . GLY A 1 84 ? -1.877  8.834   -2.465  1.00 2.44 ? 84 GLY A C    1 
ATOM 1248 O O    . GLY A 1 84 ? -0.750  8.574   -2.093  1.00 2.70 ? 84 GLY A O    1 
ATOM 1249 H H    . GLY A 1 84 ? -3.925  7.886   -4.665  1.00 2.84 ? 84 GLY A H    1 
ATOM 1250 H HA2  . GLY A 1 84 ? -3.827  7.953   -2.315  1.00 2.78 ? 84 GLY A HA2  1 
ATOM 1251 H HA3  . GLY A 1 84 ? -2.508  6.791   -2.415  1.00 2.82 ? 84 GLY A HA3  1 
ATOM 1252 N N    . GLU A 1 85 ? -2.276  10.064  -2.608  1.00 2.13 ? 85 GLU A N    1 
ATOM 1253 C CA   . GLU A 1 85 ? -1.346  11.189  -2.315  1.00 2.11 ? 85 GLU A CA   1 
ATOM 1254 C C    . GLU A 1 85 ? -1.414  11.527  -0.825  1.00 1.61 ? 85 GLU A C    1 
ATOM 1255 O O    . GLU A 1 85 ? -1.580  12.669  -0.443  1.00 1.52 ? 85 GLU A O    1 
ATOM 1256 C CB   . GLU A 1 85 ? -1.746  12.414  -3.142  1.00 2.61 ? 85 GLU A CB   1 
ATOM 1257 C CG   . GLU A 1 85 ? -1.411  12.165  -4.615  1.00 3.27 ? 85 GLU A CG   1 
ATOM 1258 C CD   . GLU A 1 85 ? -1.630  13.451  -5.415  1.00 3.77 ? 85 GLU A CD   1 
ATOM 1259 O OE1  . GLU A 1 85 ? -0.869  14.384  -5.219  1.00 4.15 ? 85 GLU A OE1  1 
ATOM 1260 O OE2  . GLU A 1 85 ? -2.554  13.480  -6.212  1.00 4.21 ? 85 GLU A OE2  1 
ATOM 1261 H H    . GLU A 1 85 ? -3.189  10.247  -2.910  1.00 2.03 ? 85 GLU A H    1 
ATOM 1262 H HA   . GLU A 1 85 ? -0.338  10.896  -2.570  1.00 2.32 ? 85 GLU A HA   1 
ATOM 1263 H HB2  . GLU A 1 85 ? -2.807  12.588  -3.037  1.00 2.82 ? 85 GLU A HB2  1 
ATOM 1264 H HB3  . GLU A 1 85 ? -1.202  13.278  -2.792  1.00 2.67 ? 85 GLU A HB3  1 
ATOM 1265 H HG2  . GLU A 1 85 ? -0.379  11.857  -4.702  1.00 3.50 ? 85 GLU A HG2  1 
ATOM 1266 H HG3  . GLU A 1 85 ? -2.053  11.389  -5.004  1.00 3.64 ? 85 GLU A HG3  1 
ATOM 1267 N N    . TRP A 1 86 ? -1.284  10.541  0.018   1.00 1.63 ? 86 TRP A N    1 
ATOM 1268 C CA   . TRP A 1 86 ? -1.336  10.796  1.484   1.00 1.22 ? 86 TRP A CA   1 
ATOM 1269 C C    . TRP A 1 86 ? -0.260  11.834  1.843   1.00 1.27 ? 86 TRP A C    1 
ATOM 1270 O O    . TRP A 1 86 ? 0.912   11.528  1.925   1.00 1.54 ? 86 TRP A O    1 
ATOM 1271 C CB   . TRP A 1 86 ? -1.131  9.455   2.224   1.00 1.19 ? 86 TRP A CB   1 
ATOM 1272 C CG   . TRP A 1 86 ? -0.048  9.541   3.256   1.00 1.07 ? 86 TRP A CG   1 
ATOM 1273 C CD1  . TRP A 1 86 ? -0.032  10.398  4.302   1.00 0.98 ? 86 TRP A CD1  1 
ATOM 1274 C CD2  . TRP A 1 86 ? 1.169   8.746   3.361   1.00 1.14 ? 86 TRP A CD2  1 
ATOM 1275 N NE1  . TRP A 1 86 ? 1.117   10.179  5.041   1.00 0.98 ? 86 TRP A NE1  1 
ATOM 1276 C CE2  . TRP A 1 86 ? 1.891   9.173   4.499   1.00 1.06 ? 86 TRP A CE2  1 
ATOM 1277 C CE3  . TRP A 1 86 ? 1.711   7.707   2.584   1.00 1.35 ? 86 TRP A CE3  1 
ATOM 1278 C CZ2  . TRP A 1 86 ? 3.107   8.589   4.856   1.00 1.17 ? 86 TRP A CZ2  1 
ATOM 1279 C CZ3  . TRP A 1 86 ? 2.935   7.117   2.939   1.00 1.46 ? 86 TRP A CZ3  1 
ATOM 1280 C CH2  . TRP A 1 86 ? 3.632   7.558   4.073   1.00 1.36 ? 86 TRP A CH2  1 
ATOM 1281 H H    . TRP A 1 86 ? -1.149  9.630   -0.315  1.00 2.07 ? 86 TRP A H    1 
ATOM 1282 H HA   . TRP A 1 86 ? -2.307  11.196  1.734   1.00 1.16 ? 86 TRP A HA   1 
ATOM 1283 H HB2  . TRP A 1 86 ? -2.053  9.177   2.710   1.00 1.36 ? 86 TRP A HB2  1 
ATOM 1284 H HB3  . TRP A 1 86 ? -0.873  8.693   1.503   1.00 1.33 ? 86 TRP A HB3  1 
ATOM 1285 H HD1  . TRP A 1 86 ? -0.793  11.132  4.525   1.00 1.00 ? 86 TRP A HD1  1 
ATOM 1286 H HE1  . TRP A 1 86 ? 1.370   10.667  5.850   1.00 1.00 ? 86 TRP A HE1  1 
ATOM 1287 H HE3  . TRP A 1 86 ? 1.181   7.359   1.709   1.00 1.48 ? 86 TRP A HE3  1 
ATOM 1288 H HZ2  . TRP A 1 86 ? 3.639   8.933   5.730   1.00 1.17 ? 86 TRP A HZ2  1 
ATOM 1289 H HZ3  . TRP A 1 86 ? 3.341   6.319   2.336   1.00 1.66 ? 86 TRP A HZ3  1 
ATOM 1290 H HH2  . TRP A 1 86 ? 4.573   7.101   4.341   1.00 1.49 ? 86 TRP A HH2  1 
ATOM 1291 N N    . LYS A 1 87 ? -0.661  13.064  2.034   1.00 1.17 ? 87 LYS A N    1 
ATOM 1292 C CA   . LYS A 1 87 ? 0.321   14.141  2.362   1.00 1.40 ? 87 LYS A CA   1 
ATOM 1293 C C    . LYS A 1 87 ? 0.548   14.221  3.874   1.00 1.21 ? 87 LYS A C    1 
ATOM 1294 O O    . LYS A 1 87 ? -0.137  13.587  4.653   1.00 0.98 ? 87 LYS A O    1 
ATOM 1295 C CB   . LYS A 1 87 ? -0.228  15.482  1.874   1.00 1.67 ? 87 LYS A CB   1 
ATOM 1296 C CG   . LYS A 1 87 ? 0.528   15.931  0.624   1.00 2.18 ? 87 LYS A CG   1 
ATOM 1297 C CD   . LYS A 1 87 ? 0.219   17.403  0.349   1.00 2.55 ? 87 LYS A CD   1 
ATOM 1298 C CE   . LYS A 1 87 ? -1.137  17.516  -0.349  1.00 3.01 ? 87 LYS A CE   1 
ATOM 1299 N NZ   . LYS A 1 87 ? -1.373  18.932  -0.745  1.00 3.72 ? 87 LYS A NZ   1 
ATOM 1300 H H    . LYS A 1 87 ? -1.611  13.285  1.945   1.00 1.05 ? 87 LYS A H    1 
ATOM 1301 H HA   . LYS A 1 87 ? 1.259   13.938  1.867   1.00 1.63 ? 87 LYS A HA   1 
ATOM 1302 H HB2  . LYS A 1 87 ? -1.277  15.376  1.642   1.00 1.98 ? 87 LYS A HB2  1 
ATOM 1303 H HB3  . LYS A 1 87 ? -0.106  16.223  2.651   1.00 1.91 ? 87 LYS A HB3  1 
ATOM 1304 H HG2  . LYS A 1 87 ? 1.589   15.807  0.782   1.00 2.61 ? 87 LYS A HG2  1 
ATOM 1305 H HG3  . LYS A 1 87 ? 0.215   15.335  -0.220  1.00 2.58 ? 87 LYS A HG3  1 
ATOM 1306 H HD2  . LYS A 1 87 ? 0.189   17.944  1.284   1.00 2.82 ? 87 LYS A HD2  1 
ATOM 1307 H HD3  . LYS A 1 87 ? 0.985   17.820  -0.285  1.00 2.94 ? 87 LYS A HD3  1 
ATOM 1308 H HE2  . LYS A 1 87 ? -1.142  16.891  -1.229  1.00 3.10 ? 87 LYS A HE2  1 
ATOM 1309 H HE3  . LYS A 1 87 ? -1.918  17.195  0.324   1.00 3.37 ? 87 LYS A HE3  1 
ATOM 1310 H HZ1  . LYS A 1 87 ? -1.051  19.564  0.016   1.00 3.97 ? 87 LYS A HZ1  1 
ATOM 1311 H HZ2  . LYS A 1 87 ? -0.842  19.142  -1.614  1.00 4.29 ? 87 LYS A HZ2  1 
ATOM 1312 H HZ3  . LYS A 1 87 ? -2.389  19.080  -0.913  1.00 3.88 ? 87 LYS A HZ3  1 
ATOM 1313 N N    . CYS A 1 88 ? 1.503   15.016  4.285   1.00 1.44 ? 88 CYS A N    1 
ATOM 1314 C CA   . CYS A 1 88 ? 1.794   15.170  5.739   1.00 1.35 ? 88 CYS A CA   1 
ATOM 1315 C C    . CYS A 1 88 ? 1.944   16.659  6.062   1.00 1.65 ? 88 CYS A C    1 
ATOM 1316 O O    . CYS A 1 88 ? 2.687   17.369  5.414   1.00 1.97 ? 88 CYS A O    1 
ATOM 1317 C CB   . CYS A 1 88 ? 3.103   14.451  6.078   1.00 1.32 ? 88 CYS A CB   1 
ATOM 1318 S SG   . CYS A 1 88 ? 2.805   12.674  6.218   1.00 1.02 ? 88 CYS A SG   1 
ATOM 1319 H H    . CYS A 1 88 ? 2.029   15.521  3.630   1.00 1.73 ? 88 CYS A H    1 
ATOM 1320 H HA   . CYS A 1 88 ? 0.985   14.751  6.320   1.00 1.19 ? 88 CYS A HA   1 
ATOM 1321 H HB2  . CYS A 1 88 ? 3.824   14.633  5.297   1.00 1.64 ? 88 CYS A HB2  1 
ATOM 1322 H HB3  . CYS A 1 88 ? 3.486   14.826  7.015   1.00 1.50 ? 88 CYS A HB3  1 
ATOM 1323 N N    . GLU A 1 89 ? 1.250   17.141  7.057   1.00 1.70 ? 89 GLU A N    1 
ATOM 1324 C CA   . GLU A 1 89 ? 1.365   18.587  7.407   1.00 2.04 ? 89 GLU A CA   1 
ATOM 1325 C C    . GLU A 1 89 ? 1.848   18.731  8.851   1.00 2.24 ? 89 GLU A C    1 
ATOM 1326 O O    . GLU A 1 89 ? 1.122   18.463  9.789   1.00 2.24 ? 89 GLU A O    1 
ATOM 1327 C CB   . GLU A 1 89 ? -0.002  19.259  7.255   1.00 1.98 ? 89 GLU A CB   1 
ATOM 1328 C CG   . GLU A 1 89 ? 0.187   20.769  7.092   1.00 2.35 ? 89 GLU A CG   1 
ATOM 1329 C CD   . GLU A 1 89 ? -1.168  21.426  6.820   1.00 2.59 ? 89 GLU A CD   1 
ATOM 1330 O OE1  . GLU A 1 89 ? -1.850  20.979  5.911   1.00 2.83 ? 89 GLU A OE1  1 
ATOM 1331 O OE2  . GLU A 1 89 ? -1.500  22.366  7.522   1.00 3.06 ? 89 GLU A OE2  1 
ATOM 1332 H H    . GLU A 1 89 ? 0.655   16.556  7.571   1.00 1.63 ? 89 GLU A H    1 
ATOM 1333 H HA   . GLU A 1 89 ? 2.073   19.060  6.743   1.00 2.25 ? 89 GLU A HA   1 
ATOM 1334 H HB2  . GLU A 1 89 ? -0.503  18.861  6.384   1.00 1.87 ? 89 GLU A HB2  1 
ATOM 1335 H HB3  . GLU A 1 89 ? -0.598  19.064  8.133   1.00 1.98 ? 89 GLU A HB3  1 
ATOM 1336 H HG2  . GLU A 1 89 ? 0.611   21.178  7.998   1.00 2.63 ? 89 GLU A HG2  1 
ATOM 1337 H HG3  . GLU A 1 89 ? 0.851   20.962  6.263   1.00 2.51 ? 89 GLU A HG3  1 
ATOM 1338 N N    . ARG A 1 90 ? 3.069   19.157  9.036   1.00 2.54 ? 90 ARG A N    1 
ATOM 1339 C CA   . ARG A 1 90 ? 3.604   19.323  10.414  1.00 2.81 ? 90 ARG A CA   1 
ATOM 1340 C C    . ARG A 1 90 ? 2.617   20.136  11.252  1.00 2.87 ? 90 ARG A C    1 
ATOM 1341 O O    . ARG A 1 90 ? 1.629   20.638  10.753  1.00 2.74 ? 90 ARG A O    1 
ATOM 1342 C CB   . ARG A 1 90 ? 4.940   20.065  10.347  1.00 3.15 ? 90 ARG A CB   1 
ATOM 1343 C CG   . ARG A 1 90 ? 4.868   21.158  9.280   1.00 3.22 ? 90 ARG A CG   1 
ATOM 1344 C CD   . ARG A 1 90 ? 5.953   22.205  9.546   1.00 3.47 ? 90 ARG A CD   1 
ATOM 1345 N NE   . ARG A 1 90 ? 6.987   22.133  8.474   1.00 4.13 ? 90 ARG A NE   1 
ATOM 1346 C CZ   . ARG A 1 90 ? 7.833   23.115  8.314   1.00 4.63 ? 90 ARG A CZ   1 
ATOM 1347 N NH1  . ARG A 1 90 ? 7.487   24.168  7.625   1.00 5.14 ? 90 ARG A NH1  1 
ATOM 1348 N NH2  . ARG A 1 90 ? 9.026   23.044  8.840   1.00 5.00 ? 90 ARG A NH2  1 
ATOM 1349 H H    . ARG A 1 90 ? 3.636   19.372  8.268   1.00 2.65 ? 90 ARG A H    1 
ATOM 1350 H HA   . ARG A 1 90 ? 3.752   18.354  10.867  1.00 2.79 ? 90 ARG A HA   1 
ATOM 1351 H HB2  . ARG A 1 90 ? 5.147   20.511  11.305  1.00 3.58 ? 90 ARG A HB2  1 
ATOM 1352 H HB3  . ARG A 1 90 ? 5.727   19.369  10.097  1.00 3.40 ? 90 ARG A HB3  1 
ATOM 1353 H HG2  . ARG A 1 90 ? 5.021   20.720  8.305   1.00 3.34 ? 90 ARG A HG2  1 
ATOM 1354 H HG3  . ARG A 1 90 ? 3.899   21.633  9.315   1.00 3.50 ? 90 ARG A HG3  1 
ATOM 1355 H HD2  . ARG A 1 90 ? 5.510   23.190  9.554   1.00 3.79 ? 90 ARG A HD2  1 
ATOM 1356 H HD3  . ARG A 1 90 ? 6.416   22.010  10.503  1.00 3.30 ? 90 ARG A HD3  1 
ATOM 1357 H HE   . ARG A 1 90 ? 7.032   21.349  7.887   1.00 4.51 ? 90 ARG A HE   1 
ATOM 1358 H HH11 . ARG A 1 90 ? 6.574   24.222  7.220   1.00 5.19 ? 90 ARG A HH11 1 
ATOM 1359 H HH12 . ARG A 1 90 ? 8.133   24.919  7.502   1.00 5.69 ? 90 ARG A HH12 1 
ATOM 1360 H HH21 . ARG A 1 90 ? 9.295   22.237  9.366   1.00 4.93 ? 90 ARG A HH21 1 
ATOM 1361 H HH22 . ARG A 1 90 ? 9.673   23.797  8.715   1.00 5.59 ? 90 ARG A HH22 1 
ATOM 1362 N N    . HIS A 1 91 ? 2.881   20.279  12.520  1.00 3.14 ? 91 HIS A N    1 
ATOM 1363 C CA   . HIS A 1 91 ? 1.962   21.070  13.381  1.00 3.30 ? 91 HIS A CA   1 
ATOM 1364 C C    . HIS A 1 91 ? 2.147   22.554  13.064  1.00 3.56 ? 91 HIS A C    1 
ATOM 1365 O O    . HIS A 1 91 ? 3.177   23.135  13.343  1.00 3.84 ? 91 HIS A O    1 
ATOM 1366 C CB   . HIS A 1 91 ? 2.292   20.805  14.852  1.00 3.63 ? 91 HIS A CB   1 
ATOM 1367 C CG   . HIS A 1 91 ? 1.548   19.583  15.320  1.00 3.13 ? 91 HIS A CG   1 
ATOM 1368 N ND1  . HIS A 1 91 ? 1.510   19.208  16.653  1.00 3.13 ? 91 HIS A ND1  1 
ATOM 1369 C CD2  . HIS A 1 91 ? 0.808   18.644  14.644  1.00 2.86 ? 91 HIS A CD2  1 
ATOM 1370 C CE1  . HIS A 1 91 ? 0.768   18.088  16.738  1.00 2.98 ? 91 HIS A CE1  1 
ATOM 1371 N NE2  . HIS A 1 91 ? 0.317   17.701  15.542  1.00 2.83 ? 91 HIS A NE2  1 
ATOM 1372 H H    . HIS A 1 91 ? 3.685   19.873  12.904  1.00 3.28 ? 91 HIS A H    1 
ATOM 1373 H HA   . HIS A 1 91 ? 0.941   20.780  13.180  1.00 3.15 ? 91 HIS A HA   1 
ATOM 1374 H HB2  . HIS A 1 91 ? 3.354   20.642  14.960  1.00 4.11 ? 91 HIS A HB2  1 
ATOM 1375 H HB3  . HIS A 1 91 ? 1.996   21.655  15.445  1.00 4.05 ? 91 HIS A HB3  1 
ATOM 1376 H HD1  . HIS A 1 91 ? 1.945   19.672  17.398  1.00 3.37 ? 91 HIS A HD1  1 
ATOM 1377 H HD2  . HIS A 1 91 ? 0.635   18.638  13.578  1.00 2.89 ? 91 HIS A HD2  1 
ATOM 1378 H HE1  . HIS A 1 91 ? 0.563   17.566  17.661  1.00 3.15 ? 91 HIS A HE1  1 
ATOM 1379 N N    . THR A 1 92 ? 1.162   23.171  12.468  1.00 3.68 ? 92 THR A N    1 
ATOM 1380 C CA   . THR A 1 92 ? 1.287   24.613  12.120  1.00 4.05 ? 92 THR A CA   1 
ATOM 1381 C C    . THR A 1 92 ? 0.681   25.469  13.233  1.00 4.56 ? 92 THR A C    1 
ATOM 1382 O O    . THR A 1 92 ? -0.316  26.136  13.043  1.00 4.47 ? 92 THR A O    1 
ATOM 1383 C CB   . THR A 1 92 ? 0.547   24.883  10.808  1.00 4.17 ? 92 THR A CB   1 
ATOM 1384 O OG1  . THR A 1 92 ? -0.223  23.742  10.457  1.00 4.42 ? 92 THR A OG1  1 
ATOM 1385 C CG2  . THR A 1 92 ? 1.557   25.176  9.698   1.00 4.23 ? 92 THR A CG2  1 
ATOM 1386 H H    . THR A 1 92 ? 0.344   22.683  12.243  1.00 3.67 ? 92 THR A H    1 
ATOM 1387 H HA   . THR A 1 92 ? 2.330   24.865  12.002  1.00 4.13 ? 92 THR A HA   1 
ATOM 1388 H HB   . THR A 1 92 ? -0.105  25.733  10.927  1.00 4.40 ? 92 THR A HB   1 
ATOM 1389 H HG1  . THR A 1 92 ? -0.838  24.001  9.767   1.00 4.67 ? 92 THR A HG1  1 
ATOM 1390 H HG21 . THR A 1 92 ? 2.259   25.924  10.037  1.00 4.22 ? 92 THR A HG21 1 
ATOM 1391 H HG22 . THR A 1 92 ? 2.088   24.269  9.449   1.00 4.34 ? 92 THR A HG22 1 
ATOM 1392 H HG23 . THR A 1 92 ? 1.037   25.540  8.825   1.00 4.64 ? 92 THR A HG23 1 
ATOM 1393 N N    . SER A 1 93 ? 1.280   25.462  14.390  1.00 5.39 ? 93 SER A N    1 
ATOM 1394 C CA   . SER A 1 93 ? 0.735   26.283  15.505  1.00 6.09 ? 93 SER A CA   1 
ATOM 1395 C C    . SER A 1 93 ? 0.882   27.764  15.155  1.00 6.92 ? 93 SER A C    1 
ATOM 1396 O O    . SER A 1 93 ? 1.562   28.058  14.184  1.00 7.50 ? 93 SER A O    1 
ATOM 1397 C CB   . SER A 1 93 ? 1.510   25.984  16.789  1.00 6.80 ? 93 SER A CB   1 
ATOM 1398 O OG   . SER A 1 93 ? 0.717   26.354  17.909  1.00 6.94 ? 93 SER A OG   1 
ATOM 1399 O OXT  . SER A 1 93 ? 0.317   28.579  15.864  1.00 7.21 ? 93 SER A OXT  1 
ATOM 1400 H H    . SER A 1 93 ? 2.087   24.922  14.525  1.00 5.70 ? 93 SER A H    1 
ATOM 1401 H HA   . SER A 1 93 ? -0.308  26.048  15.651  1.00 5.80 ? 93 SER A HA   1 
ATOM 1402 H HB2  . SER A 1 93 ? 1.730   24.931  16.844  1.00 7.01 ? 93 SER A HB2  1 
ATOM 1403 H HB3  . SER A 1 93 ? 2.436   26.545  16.789  1.00 7.31 ? 93 SER A HB3  1 
ATOM 1404 H HG   . SER A 1 93 ? 0.420   25.550  18.341  1.00 7.36 ? 93 SER A HG   1 
# 
